data_6X3W
#
_entry.id   6X3W
#
_cell.length_a   1.00
_cell.length_b   1.00
_cell.length_c   1.00
_cell.angle_alpha   90.00
_cell.angle_beta   90.00
_cell.angle_gamma   90.00
#
_symmetry.space_group_name_H-M   'P 1'
#
loop_
_entity.id
_entity.type
_entity.pdbx_description
1 polymer 'Gamma-aminobutyric acid receptor subunit beta-2'
2 polymer 'Gamma-aminobutyric acid receptor subunit alpha-1'
3 polymer 'Gamma-aminobutyric acid receptor subunit gamma-2'
4 polymer 'Kappa Fab Light Chain'
5 polymer 'IgG2b Fab Heavy Chain'
6 branched beta-D-mannopyranose-(1-4)-2-acetamido-2-deoxy-beta-D-glucopyranose-(1-4)-2-acetamido-2-deoxy-beta-D-glucopyranose
7 branched alpha-D-mannopyranose-(1-2)-alpha-D-mannopyranose-(1-2)-alpha-D-mannopyranose-(1-3)-[alpha-D-mannopyranose-(1-2)-alpha-D-mannopyranose-(1-6)-[alpha-D-mannopyranose-(1-3)]alpha-D-mannopyranose-(1-6)]beta-D-mannopyranose-(1-4)-2-acetamido-2-deoxy-beta-D-glucopyranose-(1-4)-2-acetamido-2-deoxy-beta-D-glucopyranose
8 branched 2-acetamido-2-deoxy-beta-D-glucopyranose-(1-4)-2-acetamido-2-deoxy-beta-D-glucopyranose
9 non-polymer 2-acetamido-2-deoxy-beta-D-glucopyranose
10 non-polymer 'GAMMA-AMINO-BUTANOIC ACID'
11 non-polymer 5-ethyl-5-phenylpyrimidine-2,4,6(1H,3H,5H)-trione
#
loop_
_entity_poly.entity_id
_entity_poly.type
_entity_poly.pdbx_seq_one_letter_code
_entity_poly.pdbx_strand_id
1 'polypeptide(L)'
;QSVNDPSNMSLVKETVDRLLKGYDIRLRPDFGGPPVAVGMNIDIASIDMVSEVNMDYTLTMYFQQAWRDKRLSYNVIPLN
LTLDNRVADQLWVPDTYFLNDKKSFVHGVTVKNRMIRLHPDGTVLYGLRITTTAACMMDLRRYPLDEQNCTLEIESYGYT
TDDIEFYWRGDDNAVTGVTKIELPQFSIVDYKLITKKVVFSTGSYPRLSLSFKLKRNIGYFILQTYMPSILITILSWVSF
WINYDASAARVALGITTVLTMTTINTHLRETLPKIPYVKAIDMYLMGCFVFVFMALLEYALVNYIFFSQPARAAAIDRWS
RIFFPVVFSFFNIVYWLYYVNVDGSGATNFSLLKQAGDVEENPG
;
A,C
2 'polypeptide(L)'
;QPSLQDELKDNTTVFTRILDRLLDGYDNRLRPGLGERVTEVKTDIFVTSFGPVSDHDMEYTIDVFFRQSWKDERLKFKGP
MTVLRLNNLMASKIWTPDTFFHNGKKSVAHNMTMPNKLLRITEDGTLLYTMRLTVRAECPMHLEDFPMDAHACPLKFGSY
AYTRAEVVYEWTREPARSVVVAEDGSRLNQYDLLGQTVDSGIVQSSTGEYVVMTTHFHLKRKIGYFVIQTYLPCIMTVIL
SQVSFWLNRESVPARTVFGVTTVLTMTTLSISARNSLPKVAYATAMDWFIAVCYAFVFSALIEFATVNYFTKSQPARAAK
IDRLSRIAFPLLFGIFNLVYWATYLNREPQLKAPTPHQ
;
B,D
3 'polypeptide(L)'
;WSHPQFEKGGGSGGGSGGSSAWSHPQFEKLEVLFQGPQKSDDDYEDYASNKTWVLTPKVPEGDVTVILNNLLEGYDNKLR
PDIGVKPTLIHTDMYVNSIGPVNAINMEYTIDIFFAQTWYDRRLKFNSTIKVLRLNSNMVGKIWIPDTFFRNSKKADAHW
ITTPNRMLRIWNDGRVLYTLRLTIDAECQLQLHNFPMDEHSCPLEFSSYGYPREEIVYQWKRSSVEVGDTRSWRLYQFSF
VGLRNTTEVVKTTSGDYVVMSVYFDLSRRMGYFTIQTYIPCTLIVVLSWVSFWINKDAVPARTSLGITTVLTMTTLSTIA
RKSLPKVSYVTAMDLFVSVCFIFVFSALVEYGTLHYFVSSQPARAAKMDSYARIFFPTAFCLFNLVYWVSYLYLSRGSGA
TNFSLLKQAGDVEENPG
;
E
4 'polypeptide(L)'
;NIVMTQSPKSMSMSVGERVTLSCKASEYVGTYVSWYQQKPEQSPKLLIYGASNRYTGVPDRFTGSGSATDFTLTIGSVQA
EDLADYHCGQSYSYPTFGAGTKLELKRADAAPTVSIFPPSSEQLTSGGASVVCFLNNFYPKDINVKWKIDGSERQNGVLN
SWTDQDSKDSTYSMSSTLTLTKDEYERHNSYTCEATHKTSTSPIVKSFNRNEC
;
I,L
5 'polypeptide(L)'
;EVQLQQSGAELVKPGASVKLSCTASGFNIKDTYMYWVKQRPEQGLEWIGRIDPANGDTKYDPKFQGKATITTDTFSNTAY
LQLSSLTSEDTAVYYCARKGLRWAMDYWGQGTSVTVSTAKTTPPSVYPLAPGCGDTTGSSVTLGCLVKGYFPESVTVTWN
SGSLSSSVHTFPALLQSGLYTMSSSVTVPSSTWPSQTVTCSVAHPASSTTVDKKLEPSGPISTINPCPPCKECHKCPAPN
LEGGPSVFIFPPNIKDVLMISLTPKVTCVVVDVSEDDPDVQISWFVNNVEVHTAQTQTHREDYNSTIRVVSTLPIQHQDW
MSGKEFKCKVNNKDLPSPIERTISKIKGLVRAPQVYILPPPAEQLSRKDVSLTCLVVGFNPGDISVEWTSNGHTEENYKD
TAPVLDSDGSYFIYSKLNMKTSKWEKTDSFSCNVRHEGLKNYYLKKTISRSPGK
;
J,K
#
loop_
_chem_comp.id
_chem_comp.type
_chem_comp.name
_chem_comp.formula
ABU non-polymer 'GAMMA-AMINO-BUTANOIC ACID' 'C4 H9 N O2'
BMA D-saccharide, beta linking beta-D-mannopyranose 'C6 H12 O6'
MAN D-saccharide, alpha linking alpha-D-mannopyranose 'C6 H12 O6'
NAG D-saccharide, beta linking 2-acetamido-2-deoxy-beta-D-glucopyranose 'C8 H15 N O6'
UQA non-polymer 5-ethyl-5-phenylpyrimidine-2,4,6(1H,3H,5H)-trione 'C12 H12 N2 O3'
#
# COMPACT_ATOMS: atom_id res chain seq x y z
N SER A 7 53.14 15.93 3.42
CA SER A 7 52.04 16.27 2.51
C SER A 7 50.85 16.80 3.29
N ASN A 8 49.72 16.96 2.60
CA ASN A 8 48.51 17.47 3.25
C ASN A 8 47.56 16.33 3.58
N MET A 9 47.56 15.27 2.77
CA MET A 9 46.66 14.14 2.99
C MET A 9 47.03 13.40 4.27
N SER A 10 48.33 13.28 4.55
CA SER A 10 48.80 12.63 5.77
C SER A 10 48.43 13.45 6.99
N LEU A 11 48.58 14.77 6.91
CA LEU A 11 48.25 15.67 8.01
C LEU A 11 46.77 15.62 8.34
N VAL A 12 45.92 15.73 7.31
CA VAL A 12 44.46 15.65 7.51
C VAL A 12 44.06 14.27 8.05
N LYS A 13 44.72 13.21 7.54
CA LYS A 13 44.42 11.84 7.97
C LYS A 13 44.74 11.64 9.44
N GLU A 14 45.93 12.07 9.87
CA GLU A 14 46.30 11.91 11.27
C GLU A 14 45.48 12.83 12.18
N THR A 15 45.09 14.01 11.69
CA THR A 15 44.22 14.89 12.46
C THR A 15 42.86 14.24 12.72
N VAL A 16 42.24 13.70 11.67
CA VAL A 16 40.92 13.05 11.82
C VAL A 16 41.04 11.79 12.68
N ASP A 17 42.15 11.06 12.54
CA ASP A 17 42.34 9.86 13.33
C ASP A 17 42.58 10.19 14.80
N ARG A 18 43.17 11.35 15.08
CA ARG A 18 43.34 11.75 16.47
C ARG A 18 42.03 12.27 17.05
N LEU A 19 41.24 12.96 16.22
CA LEU A 19 39.94 13.49 16.66
C LEU A 19 38.99 12.36 17.05
N LEU A 20 38.98 11.28 16.26
CA LEU A 20 38.04 10.22 16.52
C LEU A 20 38.56 9.15 17.48
N LYS A 21 39.80 9.28 17.95
CA LYS A 21 40.37 8.31 18.87
C LYS A 21 40.02 8.69 20.31
N GLY A 22 39.29 7.82 20.98
CA GLY A 22 38.84 8.10 22.34
C GLY A 22 37.70 9.09 22.37
N TYR A 23 36.77 8.95 21.45
CA TYR A 23 35.63 9.85 21.35
C TYR A 23 34.40 9.10 21.83
N ASP A 24 33.74 9.64 22.86
CA ASP A 24 32.58 8.99 23.44
C ASP A 24 31.32 9.57 22.81
N ILE A 25 30.66 8.76 21.98
CA ILE A 25 29.44 9.21 21.31
C ILE A 25 28.24 9.25 22.24
N ARG A 26 28.34 8.68 23.44
CA ARG A 26 27.24 8.68 24.39
C ARG A 26 27.10 10.01 25.09
N LEU A 27 28.17 10.79 25.21
CA LEU A 27 28.17 12.02 25.98
C LEU A 27 28.15 13.19 25.03
N ARG A 28 27.30 14.17 25.33
CA ARG A 28 27.23 15.40 24.57
C ARG A 28 28.40 16.32 24.94
N PRO A 29 28.69 17.35 24.13
CA PRO A 29 29.68 18.35 24.56
C PRO A 29 29.25 19.04 25.85
N ASP A 30 30.19 19.13 26.78
CA ASP A 30 30.01 19.66 28.14
C ASP A 30 28.91 18.88 28.85
N PHE A 31 29.20 17.59 29.05
CA PHE A 31 28.20 16.67 29.62
C PHE A 31 27.86 17.01 31.07
N GLY A 32 28.75 17.70 31.78
CA GLY A 32 28.48 18.06 33.15
C GLY A 32 28.39 19.57 33.32
N GLY A 33 28.81 20.30 32.30
CA GLY A 33 28.88 21.74 32.35
C GLY A 33 27.64 22.40 31.82
N PRO A 34 27.82 23.54 31.16
CA PRO A 34 26.67 24.31 30.64
C PRO A 34 26.04 23.60 29.46
N PRO A 35 24.81 23.96 29.07
CA PRO A 35 24.19 23.30 27.92
C PRO A 35 24.89 23.66 26.62
N VAL A 36 24.69 22.82 25.63
CA VAL A 36 25.25 23.05 24.31
C VAL A 36 24.20 23.78 23.49
N ALA A 37 24.64 24.74 22.69
CA ALA A 37 23.75 25.56 21.88
C ALA A 37 23.81 25.05 20.45
N VAL A 38 22.63 24.78 19.89
CA VAL A 38 22.51 24.24 18.54
C VAL A 38 21.74 25.26 17.71
N GLY A 39 22.30 25.65 16.59
CA GLY A 39 21.68 26.62 15.70
C GLY A 39 21.15 25.94 14.46
N MET A 40 19.96 26.35 14.03
CA MET A 40 19.23 25.66 12.99
C MET A 40 19.15 26.53 11.74
N ASN A 41 19.34 25.91 10.59
CA ASN A 41 19.05 26.50 9.31
C ASN A 41 18.14 25.53 8.57
N ILE A 42 17.20 26.07 7.81
CA ILE A 42 16.33 25.25 6.98
C ILE A 42 16.30 25.91 5.60
N ASP A 43 16.60 25.14 4.57
CA ASP A 43 16.50 25.60 3.20
C ASP A 43 15.43 24.75 2.57
N ILE A 44 14.28 25.35 2.34
CA ILE A 44 13.11 24.61 1.90
C ILE A 44 13.19 24.42 0.40
N ALA A 45 13.28 23.17 -0.03
CA ALA A 45 13.41 22.87 -1.45
C ALA A 45 12.04 22.88 -2.12
N SER A 46 11.03 22.38 -1.43
CA SER A 46 9.68 22.29 -1.98
C SER A 46 8.69 22.00 -0.87
N ILE A 47 7.44 22.31 -1.16
CA ILE A 47 6.30 21.89 -0.36
C ILE A 47 5.39 21.13 -1.31
N ASP A 48 5.26 19.82 -1.09
CA ASP A 48 4.77 18.94 -2.14
C ASP A 48 3.24 18.99 -2.22
N MET A 49 2.57 18.55 -1.17
CA MET A 49 1.13 18.36 -1.26
C MET A 49 0.48 18.71 0.06
N VAL A 50 -0.34 19.76 0.04
CA VAL A 50 -1.04 20.19 1.23
C VAL A 50 -2.41 19.53 1.13
N SER A 51 -2.58 18.44 1.85
CA SER A 51 -3.77 17.60 1.72
C SER A 51 -4.79 18.00 2.78
N GLU A 52 -6.01 18.28 2.33
CA GLU A 52 -7.09 18.57 3.26
C GLU A 52 -7.77 17.32 3.76
N VAL A 53 -7.68 16.22 3.02
CA VAL A 53 -8.32 14.97 3.40
C VAL A 53 -7.49 14.20 4.42
N ASN A 54 -6.16 14.26 4.31
CA ASN A 54 -5.29 13.62 5.26
C ASN A 54 -4.90 14.54 6.41
N MET A 55 -5.16 15.84 6.28
CA MET A 55 -4.85 16.88 7.27
C MET A 55 -3.35 16.88 7.54
N ASP A 56 -2.60 17.02 6.46
CA ASP A 56 -1.16 17.06 6.53
C ASP A 56 -0.59 17.79 5.32
N TYR A 57 0.72 18.04 5.38
CA TYR A 57 1.45 18.70 4.27
C TYR A 57 2.83 18.05 4.19
N THR A 58 3.42 18.06 2.99
CA THR A 58 4.72 17.44 2.78
C THR A 58 5.70 18.53 2.39
N LEU A 59 6.90 18.49 2.95
CA LEU A 59 7.90 19.47 2.58
C LEU A 59 9.27 18.79 2.57
N THR A 60 10.06 19.16 1.57
CA THR A 60 11.45 18.76 1.48
C THR A 60 12.28 19.94 1.95
N MET A 61 13.30 19.66 2.74
CA MET A 61 14.09 20.72 3.34
C MET A 61 15.54 20.29 3.38
N TYR A 62 16.42 21.27 3.34
CA TYR A 62 17.81 21.08 3.72
C TYR A 62 17.89 21.59 5.14
N PHE A 63 18.03 20.66 6.08
CA PHE A 63 17.98 20.96 7.50
C PHE A 63 19.39 20.87 8.04
N GLN A 64 19.89 21.99 8.56
CA GLN A 64 21.27 22.08 8.99
C GLN A 64 21.31 22.46 10.46
N GLN A 65 22.21 21.83 11.20
CA GLN A 65 22.39 22.12 12.60
C GLN A 65 23.85 22.45 12.85
N ALA A 66 24.08 23.48 13.66
CA ALA A 66 25.43 23.91 13.99
C ALA A 66 25.59 24.01 15.50
N TRP A 67 26.60 23.37 16.03
CA TRP A 67 26.93 23.44 17.44
C TRP A 67 28.45 23.46 17.55
N ARG A 68 28.95 23.41 18.76
CA ARG A 68 30.39 23.50 18.99
C ARG A 68 30.79 22.39 19.92
N ASP A 69 31.63 21.48 19.44
CA ASP A 69 32.15 20.37 20.23
C ASP A 69 33.65 20.56 20.38
N LYS A 70 34.10 20.70 21.62
CA LYS A 70 35.49 20.97 21.90
C LYS A 70 36.39 19.77 21.64
N ARG A 71 35.82 18.57 21.57
CA ARG A 71 36.63 17.39 21.32
C ARG A 71 37.07 17.33 19.87
N LEU A 72 36.28 17.91 18.98
CA LEU A 72 36.59 17.95 17.55
C LEU A 72 37.27 19.28 17.20
N SER A 73 38.36 19.57 17.90
CA SER A 73 39.10 20.80 17.71
C SER A 73 40.51 20.46 17.23
N TYR A 74 40.98 21.23 16.25
CA TYR A 74 42.29 21.00 15.66
C TYR A 74 42.88 22.33 15.21
N ASN A 75 44.22 22.36 15.14
CA ASN A 75 44.90 23.61 14.80
C ASN A 75 46.05 23.45 13.81
N VAL A 76 46.34 22.24 13.33
CA VAL A 76 47.51 22.06 12.48
C VAL A 76 47.21 22.35 11.01
N ILE A 77 45.94 22.35 10.62
CA ILE A 77 45.56 22.63 9.23
C ILE A 77 44.63 23.84 9.22
N PRO A 78 44.75 24.73 8.23
CA PRO A 78 43.98 25.98 8.23
C PRO A 78 42.64 25.92 7.50
N LEU A 79 42.15 24.74 7.15
CA LEU A 79 40.95 24.62 6.34
C LEU A 79 39.85 23.89 7.10
N ASN A 80 38.62 24.07 6.63
CA ASN A 80 37.47 23.38 7.19
C ASN A 80 37.40 21.99 6.59
N LEU A 81 36.97 21.02 7.37
CA LEU A 81 37.02 19.63 6.94
C LEU A 81 35.62 19.10 6.69
N THR A 82 35.29 18.91 5.43
CA THR A 82 34.08 18.18 5.05
C THR A 82 34.41 16.71 4.96
N LEU A 83 33.77 15.91 5.79
CA LEU A 83 34.05 14.49 5.88
C LEU A 83 32.94 13.70 5.20
N ASP A 84 33.28 12.49 4.77
CA ASP A 84 32.31 11.55 4.24
C ASP A 84 31.25 11.30 5.29
N ASN A 85 29.99 11.27 4.84
CA ASN A 85 28.83 11.25 5.72
C ASN A 85 28.76 10.05 6.67
N ARG A 86 29.47 8.94 6.40
CA ARG A 86 29.48 7.81 7.31
C ARG A 86 30.07 8.13 8.69
N VAL A 87 30.84 9.22 8.82
CA VAL A 87 31.37 9.59 10.13
C VAL A 87 30.33 10.24 11.02
N ALA A 88 29.14 10.57 10.49
CA ALA A 88 28.11 11.12 11.35
C ALA A 88 27.55 10.08 12.33
N ASP A 89 27.83 8.80 12.10
CA ASP A 89 27.45 7.75 13.02
C ASP A 89 28.51 7.51 14.09
N GLN A 90 29.64 8.21 14.00
CA GLN A 90 30.71 8.09 14.99
C GLN A 90 30.89 9.37 15.79
N LEU A 91 30.03 10.36 15.59
CA LEU A 91 30.06 11.63 16.30
C LEU A 91 28.75 11.82 17.03
N TRP A 92 28.76 12.73 17.99
CA TRP A 92 27.52 13.07 18.68
C TRP A 92 26.80 14.11 17.84
N VAL A 93 25.54 13.84 17.53
CA VAL A 93 24.68 14.78 16.81
C VAL A 93 23.43 14.88 17.66
N PRO A 94 22.78 16.04 17.72
CA PRO A 94 21.60 16.16 18.59
C PRO A 94 20.43 15.34 18.08
N ASP A 95 19.58 14.94 19.01
CA ASP A 95 18.46 14.06 18.72
C ASP A 95 17.20 14.89 18.49
N THR A 96 17.30 15.73 17.47
CA THR A 96 16.22 16.60 17.05
C THR A 96 15.13 15.75 16.41
N TYR A 97 13.88 16.08 16.71
CA TYR A 97 12.74 15.42 16.09
C TYR A 97 11.68 16.45 15.80
N PHE A 98 10.72 16.05 14.99
CA PHE A 98 9.60 16.90 14.63
C PHE A 98 8.35 16.35 15.31
N LEU A 99 7.68 17.20 16.07
CA LEU A 99 6.60 16.73 16.92
C LEU A 99 5.35 16.40 16.11
N ASN A 100 5.11 17.19 15.07
CA ASN A 100 3.86 17.03 14.26
C ASN A 100 4.12 16.35 12.91
N ASP A 101 5.06 15.41 12.85
CA ASP A 101 5.27 14.67 11.61
C ASP A 101 4.61 13.29 11.68
N LYS A 102 4.30 12.75 10.50
CA LYS A 102 3.63 11.47 10.40
C LYS A 102 4.49 10.42 9.72
N LYS A 103 5.32 10.83 8.76
CA LYS A 103 6.31 9.97 8.15
C LYS A 103 7.42 10.83 7.54
N SER A 104 8.63 10.63 8.01
CA SER A 104 9.78 11.39 7.55
C SER A 104 10.84 10.40 7.08
N PHE A 105 11.78 10.90 6.27
CA PHE A 105 12.91 10.09 5.83
C PHE A 105 14.01 11.00 5.30
N VAL A 106 15.22 10.48 5.36
CA VAL A 106 16.38 11.13 4.76
C VAL A 106 16.59 10.47 3.42
N HIS A 107 16.85 11.28 2.39
CA HIS A 107 17.04 10.74 1.06
C HIS A 107 18.33 9.93 1.02
N GLY A 108 18.37 8.94 0.15
CA GLY A 108 19.44 7.98 0.15
C GLY A 108 19.98 7.66 -1.22
N VAL A 109 19.99 8.67 -2.09
CA VAL A 109 20.54 8.56 -3.43
C VAL A 109 21.44 9.77 -3.66
N THR A 110 22.70 9.52 -4.06
CA THR A 110 23.26 8.19 -4.34
C THR A 110 23.79 7.54 -3.05
N VAL A 111 24.05 8.38 -2.06
CA VAL A 111 24.40 7.97 -0.70
C VAL A 111 23.38 8.61 0.22
N LYS A 112 23.54 8.38 1.53
CA LYS A 112 22.67 9.02 2.51
C LYS A 112 22.87 10.52 2.46
N ASN A 113 21.81 11.25 2.13
CA ASN A 113 21.89 12.70 1.92
C ASN A 113 22.04 13.39 3.26
N ARG A 114 23.28 13.48 3.70
CA ARG A 114 23.60 14.23 4.89
C ARG A 114 25.03 14.72 4.78
N MET A 115 25.34 15.73 5.60
CA MET A 115 26.59 16.45 5.53
C MET A 115 27.13 16.61 6.93
N ILE A 116 28.43 16.46 7.07
CA ILE A 116 29.13 16.64 8.34
C ILE A 116 30.39 17.43 8.07
N ARG A 117 30.53 18.57 8.73
CA ARG A 117 31.65 19.47 8.46
C ARG A 117 32.26 19.91 9.78
N LEU A 118 33.57 19.80 9.90
CA LEU A 118 34.27 20.23 11.10
C LEU A 118 35.07 21.49 10.82
N HIS A 119 35.04 22.41 11.77
CA HIS A 119 35.78 23.65 11.69
C HIS A 119 36.90 23.65 12.73
N PRO A 120 38.00 24.40 12.50
CA PRO A 120 39.16 24.29 13.40
C PRO A 120 38.91 24.74 14.84
N ASP A 121 37.88 25.52 15.09
CA ASP A 121 37.58 25.98 16.44
C ASP A 121 36.64 25.05 17.18
N GLY A 122 36.27 23.93 16.57
CA GLY A 122 35.38 22.97 17.19
C GLY A 122 33.98 23.01 16.67
N THR A 123 33.65 23.95 15.79
CA THR A 123 32.28 24.08 15.30
C THR A 123 31.96 22.96 14.34
N VAL A 124 30.92 22.20 14.65
CA VAL A 124 30.46 21.10 13.82
C VAL A 124 29.23 21.58 13.07
N LEU A 125 29.20 21.31 11.77
CA LEU A 125 28.08 21.68 10.92
C LEU A 125 27.51 20.40 10.36
N TYR A 126 26.22 20.18 10.59
CA TYR A 126 25.61 18.89 10.31
C TYR A 126 24.31 19.17 9.57
N GLY A 127 24.25 18.71 8.34
CA GLY A 127 23.12 19.00 7.47
C GLY A 127 22.47 17.71 7.03
N LEU A 128 21.16 17.74 6.90
CA LEU A 128 20.40 16.60 6.42
C LEU A 128 19.44 17.10 5.35
N ARG A 129 19.02 16.18 4.49
CA ARG A 129 18.00 16.50 3.49
C ARG A 129 16.81 15.62 3.81
N ILE A 130 15.74 16.24 4.29
CA ILE A 130 14.62 15.54 4.89
C ILE A 130 13.39 15.81 4.04
N THR A 131 12.50 14.84 3.98
CA THR A 131 11.19 14.99 3.37
C THR A 131 10.21 14.62 4.46
N THR A 132 9.57 15.62 5.03
CA THR A 132 8.74 15.46 6.20
C THR A 132 7.29 15.56 5.76
N THR A 133 6.47 14.65 6.27
CA THR A 133 5.03 14.76 6.12
C THR A 133 4.55 15.23 7.48
N ALA A 134 4.44 16.53 7.63
CA ALA A 134 4.02 17.04 8.92
C ALA A 134 2.51 17.12 8.93
N ALA A 135 1.93 17.15 10.12
CA ALA A 135 0.50 17.15 10.27
C ALA A 135 0.05 18.49 10.81
N CYS A 136 -0.95 19.08 10.18
CA CYS A 136 -1.57 20.28 10.72
C CYS A 136 -3.07 20.23 10.51
N MET A 137 -3.82 20.45 11.58
CA MET A 137 -5.26 20.44 11.52
C MET A 137 -5.71 21.78 11.00
N MET A 138 -6.62 21.75 10.03
CA MET A 138 -7.08 22.95 9.36
C MET A 138 -8.50 23.28 9.79
N ASP A 139 -8.77 24.57 9.86
CA ASP A 139 -10.10 25.05 10.21
C ASP A 139 -10.73 25.45 8.89
N LEU A 140 -11.60 24.58 8.39
CA LEU A 140 -12.18 24.71 7.06
C LEU A 140 -13.54 25.37 7.08
N ARG A 141 -13.86 26.13 8.12
CA ARG A 141 -15.17 26.78 8.20
C ARG A 141 -15.35 27.86 7.15
N ARG A 142 -14.27 28.40 6.59
CA ARG A 142 -14.35 29.40 5.53
C ARG A 142 -13.82 28.86 4.21
N TYR A 143 -13.77 27.53 4.06
CA TYR A 143 -13.32 26.89 2.82
C TYR A 143 -14.20 27.26 1.64
N PRO A 144 -13.62 27.61 0.47
CA PRO A 144 -12.20 27.70 0.14
C PRO A 144 -11.65 29.11 0.27
N LEU A 145 -12.40 30.01 0.90
CA LEU A 145 -11.95 31.39 1.09
C LEU A 145 -11.32 31.53 2.45
N ASP A 146 -10.34 30.66 2.69
CA ASP A 146 -9.71 30.51 3.98
C ASP A 146 -8.21 30.67 3.85
N GLU A 147 -7.59 31.00 4.96
CA GLU A 147 -6.14 31.02 5.05
C GLU A 147 -5.76 30.10 6.21
N GLN A 148 -4.85 29.18 5.94
CA GLN A 148 -4.49 28.13 6.94
C GLN A 148 -3.11 28.39 7.54
N ASN A 149 -3.02 28.39 8.87
CA ASN A 149 -1.73 28.62 9.56
C ASN A 149 -1.26 27.33 10.24
N CYS A 150 -0.36 26.57 9.62
CA CYS A 150 0.15 25.36 10.29
C CYS A 150 1.69 25.38 10.34
N THR A 151 2.26 24.84 11.41
CA THR A 151 3.72 24.97 11.69
C THR A 151 4.40 23.60 11.85
N LEU A 152 5.73 23.60 11.72
CA LEU A 152 6.56 22.38 11.94
C LEU A 152 7.32 22.58 13.25
N GLU A 153 7.18 21.65 14.19
CA GLU A 153 7.83 21.77 15.54
C GLU A 153 9.21 21.11 15.51
N ILE A 154 10.22 21.80 16.03
CA ILE A 154 11.57 21.26 16.10
C ILE A 154 11.92 21.22 17.57
N GLU A 155 12.12 20.02 18.10
CA GLU A 155 12.36 19.82 19.51
C GLU A 155 13.53 18.86 19.67
N SER A 156 14.10 18.81 20.88
CA SER A 156 15.11 17.83 21.21
C SER A 156 14.41 16.77 22.04
N TYR A 157 14.65 15.50 21.71
CA TYR A 157 13.91 14.45 22.38
C TYR A 157 14.54 14.12 23.74
N GLY A 158 15.80 13.73 23.75
CA GLY A 158 16.38 13.22 24.97
C GLY A 158 16.87 14.31 25.89
N TYR A 159 17.50 15.35 25.35
CA TYR A 159 18.16 16.35 26.16
C TYR A 159 17.16 17.43 26.54
N THR A 160 17.12 17.72 27.83
CA THR A 160 16.24 18.74 28.36
C THR A 160 16.83 20.12 28.13
N THR A 161 16.14 21.15 28.63
CA THR A 161 16.56 22.51 28.37
C THR A 161 17.81 22.90 29.16
N ASP A 162 18.22 22.09 30.12
CA ASP A 162 19.47 22.30 30.84
C ASP A 162 20.60 21.42 30.31
N ASP A 163 20.37 20.75 29.19
CA ASP A 163 21.40 19.97 28.50
C ASP A 163 21.64 20.44 27.09
N ILE A 164 20.66 21.06 26.45
CA ILE A 164 20.76 21.51 25.07
C ILE A 164 19.99 22.82 24.98
N GLU A 165 20.20 23.55 23.90
CA GLU A 165 19.58 24.84 23.70
C GLU A 165 19.45 25.07 22.21
N PHE A 166 18.26 25.45 21.77
CA PHE A 166 17.99 25.67 20.36
C PHE A 166 17.85 27.16 20.09
N TYR A 167 18.23 27.55 18.87
CA TYR A 167 18.04 28.90 18.37
C TYR A 167 18.19 28.83 16.86
N TRP A 168 17.76 29.90 16.20
CA TRP A 168 17.87 30.00 14.75
C TRP A 168 19.18 30.68 14.40
N ARG A 169 19.91 30.11 13.44
CA ARG A 169 21.21 30.61 13.06
C ARG A 169 20.99 31.78 12.11
N GLY A 170 21.01 33.00 12.66
CA GLY A 170 20.69 34.20 11.93
C GLY A 170 19.48 34.92 12.50
N ASP A 171 18.51 34.14 12.99
CA ASP A 171 17.30 34.52 13.74
C ASP A 171 16.24 35.21 12.89
N ASP A 172 16.59 35.60 11.67
CA ASP A 172 15.64 36.08 10.69
C ASP A 172 15.83 35.47 9.30
N ASN A 173 17.05 35.06 8.95
CA ASN A 173 17.36 34.49 7.66
C ASN A 173 17.70 33.01 7.78
N ALA A 174 17.32 32.38 8.90
CA ALA A 174 17.63 30.98 9.11
C ALA A 174 16.80 30.07 8.22
N VAL A 175 15.64 30.52 7.78
CA VAL A 175 14.79 29.75 6.88
C VAL A 175 14.75 30.51 5.56
N THR A 176 15.26 29.87 4.52
CA THR A 176 15.34 30.43 3.18
C THR A 176 14.48 29.62 2.22
N GLY A 177 14.37 30.12 0.99
CA GLY A 177 13.67 29.43 -0.06
C GLY A 177 12.18 29.37 0.09
N VAL A 178 11.58 30.24 0.92
CA VAL A 178 10.14 30.21 1.10
C VAL A 178 9.47 31.12 0.08
N THR A 179 10.18 32.15 -0.39
CA THR A 179 9.61 33.04 -1.38
C THR A 179 9.63 32.45 -2.78
N LYS A 180 10.32 31.33 -2.98
CA LYS A 180 10.41 30.70 -4.28
C LYS A 180 9.50 29.49 -4.41
N ILE A 181 8.76 29.15 -3.36
CA ILE A 181 7.87 27.99 -3.38
C ILE A 181 6.68 28.28 -4.27
N GLU A 182 6.37 27.37 -5.18
CA GLU A 182 5.26 27.51 -6.10
C GLU A 182 4.25 26.43 -5.76
N LEU A 183 3.27 26.77 -4.94
CA LEU A 183 2.22 25.82 -4.68
C LEU A 183 1.10 25.96 -5.71
N PRO A 184 0.56 24.85 -6.20
CA PRO A 184 -0.48 24.95 -7.24
C PRO A 184 -1.82 25.43 -6.70
N GLN A 185 -2.06 25.29 -5.40
CA GLN A 185 -3.36 25.62 -4.84
C GLN A 185 -3.28 26.69 -3.76
N PHE A 186 -2.12 26.91 -3.16
CA PHE A 186 -1.97 27.89 -2.11
C PHE A 186 -0.98 28.95 -2.56
N SER A 187 -0.70 29.90 -1.66
CA SER A 187 0.34 30.89 -1.88
C SER A 187 0.83 31.35 -0.52
N ILE A 188 2.14 31.24 -0.29
CA ILE A 188 2.70 31.63 1.00
C ILE A 188 2.64 33.15 1.13
N VAL A 189 1.98 33.63 2.19
CA VAL A 189 1.87 35.05 2.46
C VAL A 189 2.92 35.51 3.46
N ASP A 190 3.14 34.73 4.52
CA ASP A 190 4.06 35.10 5.59
C ASP A 190 4.53 33.83 6.28
N TYR A 191 5.65 33.95 6.98
CA TYR A 191 6.20 32.86 7.78
C TYR A 191 6.89 33.45 9.01
N LYS A 192 6.95 32.65 10.07
CA LYS A 192 7.48 33.12 11.35
C LYS A 192 8.33 32.04 11.98
N LEU A 193 9.33 32.48 12.74
CA LEU A 193 10.21 31.61 13.50
C LEU A 193 10.03 31.93 14.98
N ILE A 194 9.81 30.91 15.79
CA ILE A 194 9.51 31.08 17.20
C ILE A 194 10.42 30.16 18.00
N THR A 195 10.90 30.65 19.14
CA THR A 195 11.71 29.90 20.08
C THR A 195 11.02 29.91 21.43
N LYS A 196 10.88 28.74 22.04
CA LYS A 196 10.23 28.64 23.33
C LYS A 196 10.71 27.35 24.00
N LYS A 197 10.07 27.04 25.13
CA LYS A 197 10.36 25.85 25.90
C LYS A 197 9.03 25.20 26.27
N VAL A 198 8.96 23.89 26.13
CA VAL A 198 7.76 23.16 26.48
C VAL A 198 8.06 22.31 27.71
N VAL A 199 7.02 21.97 28.45
CA VAL A 199 7.15 21.23 29.70
C VAL A 199 6.36 19.95 29.58
N PHE A 200 7.04 18.82 29.67
CA PHE A 200 6.45 17.50 29.74
C PHE A 200 6.75 16.90 31.11
N SER A 201 6.09 15.79 31.42
CA SER A 201 6.26 15.08 32.70
C SER A 201 7.68 14.60 32.97
N THR A 202 8.58 14.65 31.99
CA THR A 202 9.97 14.23 32.16
C THR A 202 10.93 15.41 32.29
N GLY A 203 10.48 16.62 31.99
CA GLY A 203 11.32 17.78 32.12
C GLY A 203 10.89 18.86 31.14
N SER A 204 11.75 19.86 31.01
CA SER A 204 11.51 21.00 30.14
C SER A 204 12.41 20.90 28.94
N TYR A 205 11.86 21.10 27.75
CA TYR A 205 12.60 20.88 26.52
C TYR A 205 12.52 22.11 25.62
N PRO A 206 13.59 22.42 24.89
CA PRO A 206 13.52 23.56 23.99
C PRO A 206 12.78 23.20 22.72
N ARG A 207 12.13 24.18 22.13
CA ARG A 207 11.35 23.91 20.93
C ARG A 207 11.46 25.10 20.01
N LEU A 208 11.64 24.82 18.73
CA LEU A 208 11.54 25.80 17.67
C LEU A 208 10.32 25.50 16.84
N SER A 209 9.76 26.54 16.25
CA SER A 209 8.55 26.39 15.47
C SER A 209 8.72 27.24 14.22
N LEU A 210 8.52 26.58 13.07
CA LEU A 210 8.56 27.23 11.73
C LEU A 210 7.12 27.19 11.20
N SER A 211 6.47 28.35 11.08
CA SER A 211 5.04 28.40 10.67
C SER A 211 4.89 29.12 9.33
N PHE A 212 4.14 28.52 8.40
CA PHE A 212 3.87 29.14 7.08
C PHE A 212 2.37 29.44 6.96
N LYS A 213 2.00 30.71 6.93
CA LYS A 213 0.60 31.06 6.77
C LYS A 213 0.35 30.96 5.27
N LEU A 214 -0.53 30.07 4.90
CA LEU A 214 -0.87 29.83 3.50
C LEU A 214 -2.23 30.42 3.22
N LYS A 215 -2.40 30.93 2.03
CA LYS A 215 -3.68 31.49 1.62
C LYS A 215 -4.06 30.78 0.33
N ARG A 216 -5.31 30.32 0.27
CA ARG A 216 -5.76 29.49 -0.81
C ARG A 216 -6.21 30.35 -1.98
N ASN A 217 -5.84 29.92 -3.19
CA ASN A 217 -6.29 30.65 -4.36
C ASN A 217 -7.77 30.37 -4.57
N ILE A 218 -8.40 31.13 -5.47
CA ILE A 218 -9.85 31.03 -5.57
C ILE A 218 -10.19 30.75 -7.02
N GLY A 219 -9.18 30.89 -7.91
CA GLY A 219 -9.42 30.74 -9.35
C GLY A 219 -9.90 29.36 -9.72
N TYR A 220 -9.41 28.35 -8.99
CA TYR A 220 -9.80 26.99 -9.29
C TYR A 220 -11.17 26.72 -8.73
N PHE A 221 -11.41 27.14 -7.49
CA PHE A 221 -12.69 26.84 -6.85
C PHE A 221 -13.81 27.56 -7.57
N ILE A 222 -13.56 28.81 -8.00
CA ILE A 222 -14.52 29.55 -8.81
C ILE A 222 -14.85 28.75 -10.06
N LEU A 223 -13.83 28.49 -10.90
CA LEU A 223 -14.09 27.83 -12.18
C LEU A 223 -14.64 26.41 -12.03
N GLN A 224 -14.29 25.67 -10.98
CA GLN A 224 -14.79 24.29 -10.95
C GLN A 224 -16.09 24.15 -10.17
N THR A 225 -16.41 25.08 -9.24
CA THR A 225 -17.58 24.91 -8.39
C THR A 225 -18.50 26.12 -8.38
N TYR A 226 -17.95 27.35 -8.34
CA TYR A 226 -18.86 28.46 -8.10
C TYR A 226 -19.51 28.88 -9.40
N MET A 227 -18.72 28.89 -10.49
CA MET A 227 -19.30 29.18 -11.80
C MET A 227 -20.36 28.15 -12.20
N PRO A 228 -20.16 26.81 -12.05
CA PRO A 228 -21.25 25.87 -12.38
C PRO A 228 -22.52 26.12 -11.59
N SER A 229 -22.43 26.36 -10.27
CA SER A 229 -23.62 26.55 -9.44
C SER A 229 -24.39 27.80 -9.86
N ILE A 230 -23.66 28.90 -10.14
CA ILE A 230 -24.32 30.14 -10.55
C ILE A 230 -24.99 29.94 -11.92
N LEU A 231 -24.31 29.25 -12.85
CA LEU A 231 -24.91 29.03 -14.17
C LEU A 231 -26.11 28.07 -14.10
N ILE A 232 -26.07 27.11 -13.18
CA ILE A 232 -27.22 26.23 -12.96
C ILE A 232 -28.38 27.02 -12.36
N THR A 233 -28.08 27.97 -11.48
CA THR A 233 -29.11 28.86 -10.93
C THR A 233 -29.74 29.73 -12.01
N ILE A 234 -28.91 30.22 -12.95
CA ILE A 234 -29.43 31.02 -14.07
C ILE A 234 -30.31 30.15 -14.95
N LEU A 235 -29.89 28.93 -15.24
CA LEU A 235 -30.70 28.00 -16.02
C LEU A 235 -31.95 27.53 -15.26
N SER A 236 -31.99 27.76 -13.95
CA SER A 236 -33.23 27.54 -13.22
C SER A 236 -34.14 28.74 -13.36
N TRP A 237 -33.56 29.93 -13.48
CA TRP A 237 -34.38 31.11 -13.74
C TRP A 237 -35.06 31.05 -15.11
N VAL A 238 -34.43 30.41 -16.10
CA VAL A 238 -34.92 30.41 -17.49
C VAL A 238 -36.32 29.81 -17.61
N SER A 239 -36.74 28.99 -16.64
CA SER A 239 -38.07 28.37 -16.72
C SER A 239 -39.19 29.38 -16.50
N PHE A 240 -38.88 30.59 -16.04
CA PHE A 240 -39.93 31.58 -15.85
C PHE A 240 -40.40 32.13 -17.19
N TRP A 241 -39.52 32.15 -18.20
CA TRP A 241 -39.92 32.58 -19.53
C TRP A 241 -40.71 31.52 -20.28
N ILE A 242 -40.88 30.34 -19.68
CA ILE A 242 -41.73 29.32 -20.29
C ILE A 242 -43.13 29.53 -19.73
N ASN A 243 -44.14 29.49 -20.60
CA ASN A 243 -45.50 29.70 -20.14
C ASN A 243 -45.98 28.57 -19.24
N TYR A 244 -47.01 28.88 -18.44
CA TYR A 244 -47.56 27.90 -17.51
C TYR A 244 -48.31 26.75 -18.18
N ASP A 245 -48.50 26.79 -19.49
CA ASP A 245 -49.18 25.70 -20.20
C ASP A 245 -48.29 24.47 -20.26
N ALA A 246 -47.08 24.65 -20.79
CA ALA A 246 -46.13 23.56 -20.95
C ALA A 246 -45.60 23.15 -19.58
N SER A 247 -46.25 22.16 -18.98
CA SER A 247 -45.88 21.63 -17.68
C SER A 247 -44.67 20.71 -17.69
N ALA A 248 -44.54 19.83 -18.69
CA ALA A 248 -43.42 18.89 -18.74
C ALA A 248 -42.07 19.60 -18.83
N ALA A 249 -41.99 20.67 -19.63
CA ALA A 249 -40.73 21.39 -19.83
C ALA A 249 -40.22 22.03 -18.54
N ARG A 250 -41.07 22.80 -17.85
CA ARG A 250 -40.62 23.48 -16.64
C ARG A 250 -40.32 22.50 -15.52
N VAL A 251 -41.14 21.45 -15.38
CA VAL A 251 -40.90 20.42 -14.38
C VAL A 251 -39.56 19.73 -14.64
N ALA A 252 -39.30 19.33 -15.89
CA ALA A 252 -38.06 18.65 -16.22
C ALA A 252 -36.85 19.55 -15.99
N LEU A 253 -36.94 20.82 -16.41
CA LEU A 253 -35.85 21.78 -16.23
C LEU A 253 -35.55 21.99 -14.75
N GLY A 254 -36.60 22.24 -13.95
CA GLY A 254 -36.45 22.44 -12.53
C GLY A 254 -35.91 21.23 -11.80
N ILE A 255 -36.48 20.05 -12.09
CA ILE A 255 -36.11 18.82 -11.38
C ILE A 255 -34.67 18.43 -11.69
N THR A 256 -34.24 18.58 -12.94
CA THR A 256 -32.87 18.21 -13.26
C THR A 256 -31.88 19.28 -12.80
N THR A 257 -32.36 20.53 -12.70
CA THR A 257 -31.56 21.57 -12.07
C THR A 257 -31.34 21.31 -10.57
N VAL A 258 -32.40 20.85 -9.88
CA VAL A 258 -32.30 20.44 -8.48
C VAL A 258 -31.34 19.27 -8.32
N LEU A 259 -31.45 18.30 -9.24
CA LEU A 259 -30.58 17.13 -9.23
C LEU A 259 -29.13 17.49 -9.47
N THR A 260 -28.87 18.43 -10.38
CA THR A 260 -27.51 18.88 -10.61
C THR A 260 -26.92 19.57 -9.38
N MET A 261 -27.72 20.41 -8.72
CA MET A 261 -27.25 21.08 -7.50
C MET A 261 -26.95 20.07 -6.40
N THR A 262 -27.81 19.06 -6.27
CA THR A 262 -27.61 18.01 -5.27
C THR A 262 -26.36 17.19 -5.57
N THR A 263 -26.18 16.80 -6.84
CA THR A 263 -25.01 16.03 -7.25
C THR A 263 -23.71 16.80 -7.02
N ILE A 264 -23.70 18.10 -7.35
CA ILE A 264 -22.50 18.92 -7.12
C ILE A 264 -22.19 19.05 -5.64
N ASN A 265 -23.22 19.31 -4.82
CA ASN A 265 -23.05 19.45 -3.37
C ASN A 265 -22.53 18.16 -2.74
N THR A 266 -23.09 17.02 -3.15
CA THR A 266 -22.65 15.73 -2.64
C THR A 266 -21.23 15.40 -3.09
N HIS A 267 -20.91 15.54 -4.39
CA HIS A 267 -19.58 15.20 -4.89
C HIS A 267 -18.50 16.13 -4.35
N LEU A 268 -18.91 17.29 -3.82
CA LEU A 268 -17.94 18.15 -3.18
C LEU A 268 -17.77 17.74 -1.73
N ARG A 269 -18.85 17.39 -1.03
CA ARG A 269 -18.64 17.01 0.35
C ARG A 269 -18.02 15.60 0.41
N GLU A 270 -18.06 14.86 -0.72
CA GLU A 270 -17.46 13.54 -0.81
C GLU A 270 -15.95 13.66 -0.99
N THR A 271 -15.52 14.58 -1.87
CA THR A 271 -14.10 14.66 -2.25
C THR A 271 -13.21 15.05 -1.07
N LEU A 272 -13.76 15.72 -0.05
CA LEU A 272 -13.15 16.41 1.07
C LEU A 272 -13.37 15.56 2.33
N PRO A 273 -12.70 15.80 3.46
CA PRO A 273 -12.98 15.01 4.66
C PRO A 273 -14.33 15.31 5.30
N LYS A 274 -14.64 14.47 6.29
CA LYS A 274 -15.93 14.49 6.96
C LYS A 274 -15.83 15.42 8.15
N ILE A 275 -16.04 16.72 7.91
CA ILE A 275 -16.03 17.71 8.97
C ILE A 275 -17.46 18.07 9.34
N PRO A 276 -17.77 18.24 10.62
CA PRO A 276 -19.17 18.43 11.04
C PRO A 276 -19.71 19.83 10.78
N TYR A 277 -18.86 20.83 10.73
CA TYR A 277 -19.29 22.20 10.50
C TYR A 277 -19.58 22.44 9.03
N VAL A 278 -20.25 23.55 8.77
CA VAL A 278 -20.63 23.96 7.43
C VAL A 278 -19.55 24.89 6.91
N LYS A 279 -19.06 24.63 5.71
CA LYS A 279 -18.05 25.46 5.09
C LYS A 279 -18.69 26.62 4.33
N ALA A 280 -17.85 27.50 3.78
CA ALA A 280 -18.37 28.62 3.02
C ALA A 280 -18.91 28.14 1.69
N ILE A 281 -18.20 27.21 1.05
CA ILE A 281 -18.65 26.64 -0.21
C ILE A 281 -19.92 25.84 0.02
N ASP A 282 -20.05 25.22 1.19
CA ASP A 282 -21.27 24.52 1.57
C ASP A 282 -22.42 25.51 1.72
N MET A 283 -22.14 26.68 2.30
CA MET A 283 -23.16 27.72 2.45
C MET A 283 -23.61 28.22 1.09
N TYR A 284 -22.67 28.42 0.16
CA TYR A 284 -23.06 28.86 -1.18
C TYR A 284 -23.87 27.82 -1.93
N LEU A 285 -23.46 26.54 -1.87
CA LEU A 285 -24.23 25.50 -2.52
C LEU A 285 -25.61 25.34 -1.90
N MET A 286 -25.71 25.47 -0.57
CA MET A 286 -27.00 25.36 0.08
C MET A 286 -27.89 26.55 -0.27
N GLY A 287 -27.31 27.75 -0.35
CA GLY A 287 -28.08 28.92 -0.79
C GLY A 287 -28.58 28.79 -2.22
N CYS A 288 -27.71 28.34 -3.12
CA CYS A 288 -28.09 28.11 -4.52
C CYS A 288 -29.18 27.05 -4.61
N PHE A 289 -29.04 25.97 -3.84
CA PHE A 289 -30.04 24.92 -3.79
C PHE A 289 -31.38 25.44 -3.30
N VAL A 290 -31.36 26.31 -2.29
CA VAL A 290 -32.60 26.87 -1.76
C VAL A 290 -33.25 27.76 -2.82
N PHE A 291 -32.44 28.47 -3.60
CA PHE A 291 -32.98 29.30 -4.68
C PHE A 291 -33.64 28.44 -5.76
N VAL A 292 -32.98 27.35 -6.17
CA VAL A 292 -33.55 26.43 -7.16
C VAL A 292 -34.82 25.76 -6.63
N PHE A 293 -34.79 25.35 -5.35
CA PHE A 293 -35.93 24.74 -4.70
C PHE A 293 -37.11 25.71 -4.65
N MET A 294 -36.83 26.98 -4.37
CA MET A 294 -37.87 27.99 -4.32
C MET A 294 -38.43 28.25 -5.70
N ALA A 295 -37.59 28.19 -6.74
CA ALA A 295 -38.08 28.32 -8.12
C ALA A 295 -39.03 27.19 -8.47
N LEU A 296 -38.67 25.96 -8.12
CA LEU A 296 -39.53 24.80 -8.41
C LEU A 296 -40.83 24.88 -7.62
N LEU A 297 -40.76 25.29 -6.35
CA LEU A 297 -41.96 25.47 -5.53
C LEU A 297 -42.83 26.59 -6.05
N GLU A 298 -42.21 27.66 -6.57
CA GLU A 298 -42.97 28.76 -7.15
C GLU A 298 -43.72 28.28 -8.39
N TYR A 299 -43.06 27.46 -9.22
CA TYR A 299 -43.76 26.89 -10.37
C TYR A 299 -44.91 26.00 -9.91
N ALA A 300 -44.71 25.22 -8.84
CA ALA A 300 -45.78 24.38 -8.29
C ALA A 300 -46.97 25.23 -7.85
N LEU A 301 -46.69 26.35 -7.18
CA LEU A 301 -47.76 27.22 -6.71
C LEU A 301 -48.46 27.92 -7.88
N VAL A 302 -47.72 28.23 -8.95
CA VAL A 302 -48.34 28.84 -10.12
C VAL A 302 -49.08 27.80 -10.96
N ASN A 303 -48.72 26.53 -10.81
CA ASN A 303 -49.51 25.46 -11.43
C ASN A 303 -50.74 25.13 -10.61
N TYR A 304 -50.72 25.44 -9.32
CA TYR A 304 -51.87 25.18 -8.46
C TYR A 304 -52.95 26.22 -8.68
N ILE A 305 -52.60 27.50 -8.65
CA ILE A 305 -53.56 28.59 -8.76
C ILE A 305 -53.95 28.85 -10.22
N PHE A 306 -53.36 28.11 -11.18
CA PHE A 306 -53.60 28.33 -12.61
C PHE A 306 -55.06 28.11 -12.98
N PHE A 307 -55.73 27.15 -12.33
CA PHE A 307 -57.09 26.84 -12.73
C PHE A 307 -58.10 27.78 -12.09
N SER A 308 -57.87 28.16 -10.82
CA SER A 308 -58.80 29.03 -10.10
C SER A 308 -58.87 30.42 -10.74
N GLN A 309 -57.71 31.02 -11.03
CA GLN A 309 -57.65 32.31 -11.72
C GLN A 309 -56.32 32.42 -12.45
N PRO A 310 -56.33 32.55 -13.78
CA PRO A 310 -55.05 32.57 -14.51
C PRO A 310 -54.33 33.91 -14.47
N ALA A 311 -54.95 34.95 -13.90
CA ALA A 311 -54.28 36.23 -13.83
C ALA A 311 -53.14 36.24 -12.81
N ARG A 312 -53.39 35.71 -11.62
CA ARG A 312 -52.37 35.58 -10.59
C ARG A 312 -51.21 34.70 -11.01
N ALA A 313 -51.43 33.73 -11.90
CA ALA A 313 -50.39 32.86 -12.44
C ALA A 313 -49.33 33.70 -13.15
N ALA A 314 -49.75 34.45 -14.16
CA ALA A 314 -48.84 35.32 -14.90
C ALA A 314 -48.29 36.42 -14.01
N ALA A 315 -49.09 36.89 -13.03
CA ALA A 315 -48.62 37.88 -12.07
C ALA A 315 -47.38 37.39 -11.31
N ILE A 316 -47.49 36.21 -10.67
CA ILE A 316 -46.37 35.63 -9.92
C ILE A 316 -45.23 35.28 -10.88
N ASP A 317 -45.56 34.86 -12.10
CA ASP A 317 -44.52 34.55 -13.10
C ASP A 317 -43.66 35.77 -13.40
N ARG A 318 -44.30 36.89 -13.77
CA ARG A 318 -43.58 38.13 -14.05
C ARG A 318 -42.83 38.62 -12.81
N TRP A 319 -43.46 38.46 -11.64
CA TRP A 319 -42.89 38.86 -10.36
C TRP A 319 -41.60 38.09 -10.09
N SER A 320 -41.63 36.79 -10.35
CA SER A 320 -40.48 35.91 -10.22
C SER A 320 -39.36 36.28 -11.18
N ARG A 321 -39.71 36.55 -12.45
CA ARG A 321 -38.74 36.97 -13.47
C ARG A 321 -37.90 38.16 -12.99
N ILE A 322 -38.54 39.08 -12.26
CA ILE A 322 -37.89 40.27 -11.75
C ILE A 322 -37.19 40.00 -10.43
N PHE A 323 -37.77 39.17 -9.57
CA PHE A 323 -37.33 39.10 -8.17
C PHE A 323 -36.39 37.95 -7.86
N PHE A 324 -36.19 36.97 -8.76
CA PHE A 324 -35.22 35.93 -8.42
C PHE A 324 -33.77 36.39 -8.63
N PRO A 325 -33.39 37.01 -9.78
CA PRO A 325 -32.01 37.56 -9.85
C PRO A 325 -31.70 38.62 -8.82
N VAL A 326 -32.69 39.42 -8.38
CA VAL A 326 -32.44 40.45 -7.38
C VAL A 326 -32.03 39.83 -6.04
N VAL A 327 -32.82 38.88 -5.54
CA VAL A 327 -32.49 38.23 -4.26
C VAL A 327 -31.22 37.40 -4.40
N PHE A 328 -31.01 36.77 -5.55
CA PHE A 328 -29.78 36.00 -5.75
C PHE A 328 -28.56 36.90 -5.74
N SER A 329 -28.65 38.08 -6.38
CA SER A 329 -27.56 39.02 -6.38
C SER A 329 -27.32 39.58 -4.99
N PHE A 330 -28.41 39.80 -4.22
CA PHE A 330 -28.28 40.25 -2.84
C PHE A 330 -27.54 39.22 -1.99
N PHE A 331 -27.97 37.95 -2.09
CA PHE A 331 -27.31 36.86 -1.37
C PHE A 331 -25.85 36.72 -1.80
N ASN A 332 -25.60 36.85 -3.10
CA ASN A 332 -24.25 36.73 -3.65
C ASN A 332 -23.34 37.84 -3.13
N ILE A 333 -23.86 39.07 -3.09
CA ILE A 333 -23.10 40.21 -2.60
C ILE A 333 -22.83 40.06 -1.10
N VAL A 334 -23.84 39.67 -0.32
CA VAL A 334 -23.67 39.48 1.12
C VAL A 334 -22.66 38.37 1.41
N TYR A 335 -22.71 37.28 0.64
CA TYR A 335 -21.80 36.15 0.85
C TYR A 335 -20.37 36.53 0.49
N TRP A 336 -20.18 37.16 -0.68
CA TRP A 336 -18.85 37.55 -1.12
C TRP A 336 -18.29 38.73 -0.35
N LEU A 337 -19.12 39.45 0.41
CA LEU A 337 -18.62 40.52 1.26
C LEU A 337 -18.39 40.05 2.70
N TYR A 338 -19.06 38.97 3.12
CA TYR A 338 -18.85 38.45 4.46
C TYR A 338 -17.59 37.59 4.55
N TYR A 339 -17.29 36.85 3.49
CA TYR A 339 -16.16 35.92 3.53
C TYR A 339 -14.88 36.52 2.94
N VAL A 340 -15.00 37.48 2.03
CA VAL A 340 -13.82 38.11 1.44
C VAL A 340 -13.71 39.55 1.92
N ASP B 10 39.40 17.12 30.71
CA ASP B 10 39.13 15.98 31.59
C ASP B 10 37.81 16.15 32.32
N ASN B 11 36.84 16.78 31.65
CA ASN B 11 35.51 16.91 32.26
C ASN B 11 34.61 15.73 31.90
N THR B 12 34.82 15.12 30.74
CA THR B 12 34.01 13.97 30.35
C THR B 12 34.72 12.63 30.53
N THR B 13 35.97 12.65 31.01
CA THR B 13 36.67 11.37 31.23
C THR B 13 36.08 10.62 32.42
N VAL B 14 35.59 11.34 33.44
CA VAL B 14 34.98 10.68 34.58
C VAL B 14 33.69 10.00 34.15
N PHE B 15 32.93 10.64 33.27
CA PHE B 15 31.70 10.03 32.77
C PHE B 15 31.98 8.88 31.82
N THR B 16 33.02 8.97 30.99
CA THR B 16 33.38 7.82 30.14
C THR B 16 33.80 6.64 31.00
N ARG B 17 34.52 6.88 32.11
CA ARG B 17 34.89 5.82 33.02
C ARG B 17 33.66 5.22 33.70
N ILE B 18 32.69 6.08 34.09
CA ILE B 18 31.46 5.60 34.72
C ILE B 18 30.68 4.68 33.76
N LEU B 19 30.50 5.12 32.51
CA LEU B 19 29.79 4.28 31.54
C LEU B 19 30.57 3.01 31.19
N ASP B 20 31.90 3.07 31.18
CA ASP B 20 32.67 1.87 30.87
C ASP B 20 32.60 0.86 32.01
N ARG B 21 32.74 1.33 33.25
CA ARG B 21 32.61 0.44 34.41
C ARG B 21 31.17 -0.07 34.55
N LEU B 22 30.21 0.72 34.10
CA LEU B 22 28.80 0.40 34.21
C LEU B 22 28.43 -0.79 33.34
N LEU B 23 29.01 -0.87 32.15
CA LEU B 23 28.72 -1.92 31.18
C LEU B 23 29.75 -3.03 31.22
N ASP B 24 30.63 -3.03 32.21
CA ASP B 24 31.68 -4.04 32.33
C ASP B 24 31.13 -5.17 33.21
N GLY B 25 30.79 -6.29 32.58
CA GLY B 25 30.12 -7.38 33.24
C GLY B 25 28.62 -7.35 33.07
N TYR B 26 28.12 -6.83 31.96
CA TYR B 26 26.70 -6.65 31.79
C TYR B 26 26.19 -7.48 30.61
N ASP B 27 25.14 -8.24 30.84
CA ASP B 27 24.50 -9.06 29.82
C ASP B 27 23.13 -8.46 29.52
N ASN B 28 22.98 -7.87 28.34
CA ASN B 28 21.73 -7.24 27.94
C ASN B 28 20.72 -8.23 27.39
N ARG B 29 20.94 -9.52 27.61
CA ARG B 29 20.00 -10.57 27.26
C ARG B 29 19.24 -11.09 28.46
N LEU B 30 19.58 -10.61 29.66
CA LEU B 30 19.02 -11.08 30.91
C LEU B 30 18.30 -9.93 31.59
N ARG B 31 17.02 -10.13 31.91
CA ARG B 31 16.25 -9.10 32.58
C ARG B 31 16.74 -8.96 34.03
N PRO B 32 16.56 -7.79 34.65
CA PRO B 32 16.98 -7.64 36.06
C PRO B 32 16.18 -8.53 36.99
N GLY B 33 16.88 -9.44 37.66
CA GLY B 33 16.28 -10.41 38.52
C GLY B 33 15.71 -11.58 37.76
N LEU B 34 16.54 -12.31 37.01
CA LEU B 34 16.01 -13.30 36.07
C LEU B 34 15.52 -14.53 36.82
N GLY B 35 16.18 -14.89 37.91
CA GLY B 35 15.78 -16.03 38.71
C GLY B 35 15.73 -15.64 40.16
N GLU B 36 15.63 -14.33 40.41
CA GLU B 36 15.73 -13.77 41.73
C GLU B 36 14.51 -12.95 42.13
N ARG B 37 13.86 -12.30 41.18
CA ARG B 37 12.82 -11.32 41.44
C ARG B 37 11.91 -11.30 40.22
N VAL B 38 10.91 -10.44 40.26
CA VAL B 38 9.99 -10.23 39.16
C VAL B 38 10.25 -8.81 38.70
N THR B 39 10.34 -8.61 37.38
CA THR B 39 10.64 -7.29 36.88
C THR B 39 9.37 -6.45 36.88
N GLU B 40 9.47 -5.28 37.50
CA GLU B 40 8.35 -4.37 37.66
C GLU B 40 8.58 -3.21 36.70
N VAL B 41 7.69 -3.05 35.73
CA VAL B 41 7.80 -2.00 34.74
C VAL B 41 6.68 -1.01 35.01
N LYS B 42 7.02 0.27 35.11
CA LYS B 42 6.04 1.30 35.36
C LYS B 42 5.84 2.06 34.08
N THR B 43 4.62 2.04 33.57
CA THR B 43 4.32 2.56 32.26
C THR B 43 3.60 3.90 32.38
N ASP B 44 3.69 4.70 31.33
CA ASP B 44 3.05 5.99 31.25
C ASP B 44 2.90 6.27 29.76
N ILE B 45 1.83 6.95 29.41
CA ILE B 45 1.51 7.26 28.03
C ILE B 45 1.16 8.73 28.00
N PHE B 46 1.80 9.48 27.13
CA PHE B 46 1.43 10.87 26.88
C PHE B 46 1.01 10.93 25.42
N VAL B 47 -0.28 11.10 25.17
CA VAL B 47 -0.77 11.12 23.80
C VAL B 47 -0.52 12.53 23.29
N THR B 48 0.29 12.63 22.24
CA THR B 48 0.60 13.94 21.67
C THR B 48 -0.39 14.33 20.60
N SER B 49 -1.07 13.35 20.02
CA SER B 49 -2.13 13.58 19.05
C SER B 49 -2.91 12.30 18.85
N PHE B 50 -4.23 12.39 18.96
CA PHE B 50 -5.09 11.26 18.71
C PHE B 50 -5.46 11.34 17.23
N GLY B 51 -4.84 10.49 16.42
CA GLY B 51 -4.94 10.59 14.99
C GLY B 51 -6.33 10.27 14.47
N PRO B 52 -6.43 10.21 13.14
CA PRO B 52 -7.75 9.97 12.55
C PRO B 52 -8.19 8.54 12.74
N VAL B 53 -9.50 8.37 12.90
CA VAL B 53 -10.10 7.06 13.08
C VAL B 53 -10.67 6.65 11.74
N SER B 54 -10.10 5.61 11.14
CA SER B 54 -10.57 5.14 9.85
C SER B 54 -11.73 4.18 10.10
N ASP B 55 -12.87 4.48 9.48
CA ASP B 55 -14.08 3.70 9.73
C ASP B 55 -14.22 2.55 8.75
N HIS B 56 -13.59 2.67 7.58
CA HIS B 56 -13.66 1.62 6.56
C HIS B 56 -12.64 0.52 6.82
N ASP B 57 -11.60 0.82 7.57
CA ASP B 57 -10.61 -0.17 7.94
C ASP B 57 -10.81 -0.70 9.35
N MET B 58 -11.68 -0.05 10.13
CA MET B 58 -11.96 -0.37 11.53
C MET B 58 -10.67 -0.30 12.33
N GLU B 59 -10.03 0.86 12.24
CA GLU B 59 -8.75 1.12 12.85
C GLU B 59 -8.70 2.57 13.27
N TYR B 60 -7.65 2.93 13.99
CA TYR B 60 -7.42 4.31 14.35
C TYR B 60 -5.92 4.49 14.53
N THR B 61 -5.50 5.74 14.56
CA THR B 61 -4.11 6.11 14.68
C THR B 61 -3.93 6.90 15.96
N ILE B 62 -2.77 6.76 16.59
CA ILE B 62 -2.47 7.51 17.79
C ILE B 62 -0.96 7.75 17.82
N ASP B 63 -0.57 8.87 18.39
CA ASP B 63 0.83 9.28 18.47
C ASP B 63 1.10 9.52 19.95
N VAL B 64 2.09 8.82 20.50
CA VAL B 64 2.27 8.77 21.95
C VAL B 64 3.74 8.96 22.27
N PHE B 65 3.98 9.56 23.43
CA PHE B 65 5.23 9.40 24.16
C PHE B 65 4.97 8.23 25.11
N PHE B 66 5.68 7.14 24.91
CA PHE B 66 5.47 5.92 25.67
C PHE B 66 6.63 5.80 26.63
N ARG B 67 6.35 5.89 27.92
CA ARG B 67 7.39 5.90 28.93
C ARG B 67 7.30 4.63 29.74
N GLN B 68 8.45 4.04 30.00
CA GLN B 68 8.52 2.84 30.82
C GLN B 68 9.65 3.02 31.81
N SER B 69 9.39 2.72 33.06
CA SER B 69 10.40 2.81 34.08
C SER B 69 10.51 1.47 34.78
N TRP B 70 11.72 1.10 35.14
CA TRP B 70 11.98 -0.12 35.89
C TRP B 70 13.29 0.07 36.63
N LYS B 71 13.72 -0.98 37.30
CA LYS B 71 14.87 -0.92 38.19
C LYS B 71 15.84 -2.04 37.84
N ASP B 72 17.06 -1.66 37.49
CA ASP B 72 18.11 -2.62 37.16
C ASP B 72 19.25 -2.37 38.13
N GLU B 73 19.50 -3.33 39.01
CA GLU B 73 20.55 -3.21 40.01
C GLU B 73 21.94 -3.30 39.42
N ARG B 74 22.07 -3.66 38.13
CA ARG B 74 23.37 -3.76 37.51
C ARG B 74 23.84 -2.41 37.00
N LEU B 75 22.96 -1.41 36.96
CA LEU B 75 23.27 -0.10 36.42
C LEU B 75 23.35 0.95 37.51
N LYS B 76 23.79 0.56 38.71
CA LYS B 76 24.05 1.52 39.76
C LYS B 76 25.41 2.17 39.55
N PHE B 77 25.45 3.49 39.74
CA PHE B 77 26.69 4.23 39.62
C PHE B 77 26.74 5.24 40.75
N LYS B 78 27.83 5.99 40.79
CA LYS B 78 28.09 7.04 41.78
C LYS B 78 29.03 8.02 41.11
N GLY B 79 28.54 9.23 40.84
CA GLY B 79 29.33 10.24 40.18
C GLY B 79 28.87 11.65 40.49
N PRO B 80 29.46 12.64 39.81
CA PRO B 80 29.07 14.04 40.06
C PRO B 80 27.64 14.38 39.64
N MET B 81 26.97 13.52 38.89
CA MET B 81 25.59 13.70 38.51
C MET B 81 24.74 12.61 39.15
N THR B 82 23.49 12.95 39.45
CA THR B 82 22.58 11.98 40.07
C THR B 82 21.70 11.29 39.05
N VAL B 83 21.59 11.86 37.85
CA VAL B 83 20.84 11.27 36.75
C VAL B 83 21.69 11.42 35.50
N LEU B 84 21.91 10.34 34.78
CA LEU B 84 22.60 10.39 33.49
C LEU B 84 21.53 10.42 32.42
N ARG B 85 21.45 11.52 31.68
CA ARG B 85 20.54 11.62 30.55
C ARG B 85 21.34 11.27 29.30
N LEU B 86 21.29 10.00 28.97
CA LEU B 86 22.15 9.42 27.94
C LEU B 86 21.44 9.45 26.60
N ASN B 87 22.11 8.95 25.57
CA ASN B 87 21.61 9.02 24.21
C ASN B 87 20.57 7.93 23.97
N ASN B 88 20.20 7.74 22.71
CA ASN B 88 19.31 6.66 22.34
C ASN B 88 20.05 5.44 21.80
N LEU B 89 21.38 5.45 21.87
CA LEU B 89 22.18 4.30 21.49
C LEU B 89 22.71 3.54 22.71
N MET B 90 22.65 4.14 23.90
CA MET B 90 22.96 3.38 25.11
C MET B 90 21.81 2.44 25.46
N ALA B 91 20.59 2.76 25.01
CA ALA B 91 19.44 1.91 25.30
C ALA B 91 19.53 0.57 24.57
N SER B 92 20.25 0.51 23.46
CA SER B 92 20.41 -0.75 22.73
C SER B 92 21.52 -1.63 23.29
N LYS B 93 22.23 -1.17 24.32
CA LYS B 93 23.28 -1.98 24.93
C LYS B 93 22.90 -2.47 26.32
N ILE B 94 21.67 -2.20 26.75
CA ILE B 94 21.16 -2.64 28.03
C ILE B 94 19.86 -3.38 27.81
N TRP B 95 19.34 -3.99 28.86
CA TRP B 95 18.08 -4.69 28.74
C TRP B 95 16.97 -3.67 28.87
N THR B 96 16.07 -3.67 27.89
CA THR B 96 14.88 -2.86 27.87
C THR B 96 13.72 -3.83 27.63
N PRO B 97 12.54 -3.55 28.16
CA PRO B 97 11.44 -4.51 28.01
C PRO B 97 10.94 -4.53 26.59
N ASP B 98 10.42 -5.70 26.21
CA ASP B 98 9.92 -5.90 24.87
C ASP B 98 8.40 -5.79 24.88
N THR B 99 7.97 -4.53 24.97
CA THR B 99 6.57 -4.20 24.95
C THR B 99 6.08 -4.13 23.52
N PHE B 100 4.95 -4.76 23.26
CA PHE B 100 4.32 -4.68 21.96
C PHE B 100 2.86 -4.35 22.18
N PHE B 101 2.18 -3.97 21.13
CA PHE B 101 0.78 -3.59 21.20
C PHE B 101 -0.05 -4.72 20.63
N HIS B 102 -0.92 -5.29 21.48
CA HIS B 102 -1.68 -6.49 21.13
C HIS B 102 -2.59 -6.26 19.93
N ASN B 103 -3.11 -5.05 19.76
CA ASN B 103 -4.05 -4.77 18.70
C ASN B 103 -3.46 -3.77 17.71
N GLY B 104 -2.14 -3.72 17.58
CA GLY B 104 -1.54 -2.84 16.59
C GLY B 104 -1.52 -3.48 15.21
N LYS B 105 -1.68 -2.65 14.18
CA LYS B 105 -1.72 -3.10 12.80
C LYS B 105 -0.38 -2.86 12.11
N LYS B 106 0.06 -1.62 12.07
CA LYS B 106 1.35 -1.22 11.49
C LYS B 106 1.75 0.04 12.25
N SER B 107 2.57 -0.16 13.26
CA SER B 107 3.03 0.94 14.08
C SER B 107 4.41 1.32 13.60
N VAL B 108 4.83 2.52 13.94
CA VAL B 108 6.16 3.00 13.56
C VAL B 108 6.76 3.63 14.80
N ALA B 109 8.04 3.35 15.00
CA ALA B 109 8.83 4.01 16.02
C ALA B 109 9.72 4.97 15.27
N HIS B 110 9.50 6.27 15.49
CA HIS B 110 10.15 7.29 14.70
C HIS B 110 11.62 7.39 15.04
N ASN B 111 12.42 7.61 14.00
CA ASN B 111 13.85 7.78 14.15
C ASN B 111 14.32 8.93 13.27
N MET B 112 13.59 10.02 13.33
CA MET B 112 13.91 11.26 12.65
C MET B 112 14.08 12.34 13.70
N THR B 113 15.26 12.98 13.77
CA THR B 113 16.40 12.78 12.87
C THR B 113 17.34 11.71 13.38
N MET B 114 17.18 11.42 14.65
CA MET B 114 17.82 10.36 15.39
C MET B 114 16.72 9.52 16.01
N PRO B 115 17.01 8.28 16.45
CA PRO B 115 15.98 7.47 17.13
C PRO B 115 15.34 8.20 18.30
N ASN B 116 14.04 8.44 18.18
CA ASN B 116 13.30 9.20 19.20
C ASN B 116 13.11 8.26 20.38
N LYS B 117 14.19 8.17 21.16
CA LYS B 117 14.25 7.34 22.34
C LYS B 117 15.02 8.11 23.39
N LEU B 118 14.72 7.78 24.63
CA LEU B 118 15.20 8.49 25.79
C LEU B 118 15.65 7.50 26.83
N LEU B 119 16.83 7.72 27.38
CA LEU B 119 17.31 6.85 28.43
C LEU B 119 17.84 7.73 29.54
N ARG B 120 17.34 7.53 30.74
CA ARG B 120 17.81 8.24 31.93
C ARG B 120 18.09 7.19 32.98
N ILE B 121 19.30 7.20 33.52
CA ILE B 121 19.67 6.26 34.56
C ILE B 121 19.84 7.06 35.83
N THR B 122 19.19 6.63 36.91
CA THR B 122 19.33 7.28 38.20
C THR B 122 20.37 6.49 39.01
N GLU B 123 21.06 7.18 39.91
CA GLU B 123 22.23 6.63 40.61
C GLU B 123 21.91 5.43 41.49
N ASP B 124 20.63 5.18 41.81
CA ASP B 124 20.26 4.01 42.59
C ASP B 124 19.90 2.82 41.71
N GLY B 125 19.90 2.99 40.39
CA GLY B 125 19.66 1.91 39.46
C GLY B 125 18.35 2.00 38.71
N THR B 126 17.59 3.08 38.86
CA THR B 126 16.30 3.19 38.21
C THR B 126 16.47 3.79 36.82
N LEU B 127 15.83 3.18 35.84
CA LEU B 127 15.89 3.62 34.46
C LEU B 127 14.54 4.13 34.01
N LEU B 128 14.55 5.24 33.28
CA LEU B 128 13.39 5.75 32.59
C LEU B 128 13.66 5.69 31.10
N TYR B 129 12.78 5.03 30.37
CA TYR B 129 12.99 4.77 28.95
C TYR B 129 11.73 5.21 28.23
N THR B 130 11.88 6.19 27.34
CA THR B 130 10.77 6.81 26.67
C THR B 130 10.97 6.69 25.18
N MET B 131 9.88 6.49 24.45
CA MET B 131 9.91 6.37 23.00
C MET B 131 8.84 7.28 22.45
N ARG B 132 9.02 7.71 21.21
CA ARG B 132 7.98 8.44 20.50
C ARG B 132 7.62 7.59 19.31
N LEU B 133 6.35 7.24 19.22
CA LEU B 133 5.93 6.26 18.24
C LEU B 133 4.49 6.51 17.87
N THR B 134 4.16 6.11 16.65
CA THR B 134 2.83 6.24 16.11
C THR B 134 2.26 4.83 16.01
N VAL B 135 1.13 4.61 16.65
CA VAL B 135 0.52 3.29 16.70
C VAL B 135 -0.73 3.35 15.84
N ARG B 136 -0.91 2.33 15.02
CA ARG B 136 -2.12 2.17 14.21
C ARG B 136 -2.76 0.92 14.76
N ALA B 137 -3.85 1.12 15.49
CA ALA B 137 -4.43 0.03 16.26
C ALA B 137 -5.80 -0.32 15.72
N GLU B 138 -6.29 -1.48 16.14
CA GLU B 138 -7.61 -1.95 15.70
C GLU B 138 -8.66 -1.50 16.69
N CYS B 139 -9.80 -1.07 16.16
CA CYS B 139 -10.93 -0.65 16.97
C CYS B 139 -12.14 -1.35 16.40
N PRO B 140 -12.52 -2.51 16.94
CA PRO B 140 -13.72 -3.19 16.45
C PRO B 140 -14.96 -2.41 16.82
N MET B 141 -15.70 -1.99 15.80
CA MET B 141 -16.85 -1.13 16.03
C MET B 141 -18.11 -1.91 15.71
N HIS B 142 -19.19 -1.59 16.42
CA HIS B 142 -20.49 -2.17 16.13
C HIS B 142 -21.32 -0.97 15.69
N LEU B 143 -21.75 -0.99 14.42
CA LEU B 143 -22.31 0.22 13.83
C LEU B 143 -23.82 0.20 13.70
N GLU B 144 -24.54 -0.31 14.70
CA GLU B 144 -26.00 -0.28 14.65
C GLU B 144 -26.56 1.13 14.63
N ASP B 145 -26.03 2.03 15.45
CA ASP B 145 -26.62 3.35 15.59
C ASP B 145 -25.90 4.41 14.75
N PHE B 146 -25.16 3.99 13.72
CA PHE B 146 -24.47 4.90 12.81
C PHE B 146 -25.44 5.87 12.15
N PRO B 147 -25.18 7.18 12.13
CA PRO B 147 -24.00 7.91 12.62
C PRO B 147 -24.19 8.61 13.94
N MET B 148 -24.78 7.90 14.89
CA MET B 148 -25.02 8.38 16.25
C MET B 148 -24.50 7.37 17.24
N ASP B 149 -23.29 6.89 17.01
CA ASP B 149 -22.70 5.80 17.74
C ASP B 149 -21.56 6.29 18.60
N ALA B 150 -21.34 5.60 19.70
CA ALA B 150 -20.26 5.91 20.60
C ALA B 150 -19.43 4.65 20.74
N HIS B 151 -18.12 4.82 20.69
CA HIS B 151 -17.20 3.70 20.67
C HIS B 151 -16.22 3.86 21.81
N ALA B 152 -15.50 2.77 22.06
CA ALA B 152 -14.43 2.75 23.05
C ALA B 152 -13.30 2.06 22.31
N CYS B 153 -12.43 2.86 21.72
CA CYS B 153 -11.36 2.25 20.95
C CYS B 153 -10.27 1.79 21.89
N PRO B 154 -9.84 0.54 21.80
CA PRO B 154 -8.87 0.05 22.77
C PRO B 154 -7.45 0.22 22.29
N LEU B 155 -6.54 0.05 23.22
CA LEU B 155 -5.11 0.08 22.96
C LEU B 155 -4.54 -0.80 24.05
N LYS B 156 -4.21 -2.02 23.69
CA LYS B 156 -3.74 -2.99 24.66
C LYS B 156 -2.27 -3.24 24.39
N PHE B 157 -1.48 -3.21 25.45
CA PHE B 157 -0.09 -3.54 25.31
C PHE B 157 0.31 -4.43 26.47
N GLY B 158 1.45 -5.06 26.31
CA GLY B 158 1.96 -5.96 27.31
C GLY B 158 3.33 -6.38 26.86
N SER B 159 3.87 -7.42 27.45
CA SER B 159 5.21 -7.87 27.12
C SER B 159 5.14 -9.07 26.20
N TYR B 160 5.97 -9.07 25.18
CA TYR B 160 6.11 -10.22 24.32
C TYR B 160 7.19 -11.06 24.96
N ALA B 161 6.87 -12.33 25.23
CA ALA B 161 7.72 -13.42 25.71
C ALA B 161 8.01 -13.41 27.20
N TYR B 162 7.61 -12.39 27.93
CA TYR B 162 7.84 -12.38 29.37
C TYR B 162 6.51 -12.51 30.07
N THR B 163 6.31 -13.64 30.73
CA THR B 163 5.06 -14.00 31.37
C THR B 163 4.89 -13.24 32.69
N ARG B 164 3.86 -13.60 33.46
CA ARG B 164 3.55 -12.85 34.67
C ARG B 164 4.58 -13.10 35.76
N ALA B 165 5.23 -14.26 35.75
CA ALA B 165 6.24 -14.57 36.74
C ALA B 165 7.59 -13.95 36.40
N GLU B 166 7.70 -13.21 35.32
CA GLU B 166 8.97 -12.60 34.92
C GLU B 166 8.89 -11.09 34.81
N VAL B 167 7.88 -10.55 34.14
CA VAL B 167 7.75 -9.12 33.91
C VAL B 167 6.29 -8.76 34.13
N VAL B 168 6.05 -7.79 35.00
CA VAL B 168 4.71 -7.28 35.25
C VAL B 168 4.75 -5.79 34.98
N TYR B 169 3.64 -5.28 34.45
CA TYR B 169 3.52 -3.88 34.12
C TYR B 169 2.70 -3.17 35.18
N GLU B 170 2.78 -1.85 35.16
CA GLU B 170 2.07 -1.04 36.12
C GLU B 170 2.05 0.39 35.60
N TRP B 171 1.07 1.13 36.04
CA TRP B 171 1.01 2.54 35.71
C TRP B 171 1.89 3.28 36.72
N THR B 172 2.57 4.33 36.26
CA THR B 172 3.54 4.95 37.16
C THR B 172 2.86 5.92 38.13
N ARG B 173 1.75 6.52 37.72
CA ARG B 173 0.93 7.33 38.60
C ARG B 173 -0.40 6.63 38.75
N GLU B 174 -1.35 7.27 39.43
CA GLU B 174 -2.71 6.77 39.54
C GLU B 174 -3.29 6.46 38.17
N PRO B 175 -3.95 5.30 38.01
CA PRO B 175 -4.48 4.87 36.71
C PRO B 175 -5.36 5.89 36.00
N ALA B 176 -6.09 6.74 36.72
CA ALA B 176 -6.88 7.76 36.06
C ALA B 176 -6.03 8.90 35.54
N ARG B 177 -4.74 8.96 35.92
CA ARG B 177 -3.86 10.05 35.52
C ARG B 177 -2.62 9.56 34.80
N SER B 178 -2.65 8.36 34.24
CA SER B 178 -1.47 7.83 33.56
C SER B 178 -1.49 8.14 32.08
N VAL B 179 -2.53 7.70 31.37
CA VAL B 179 -2.65 8.02 29.95
C VAL B 179 -3.17 9.46 29.88
N VAL B 180 -2.31 10.36 29.43
CA VAL B 180 -2.61 11.79 29.39
C VAL B 180 -2.63 12.24 27.94
N VAL B 181 -3.72 12.85 27.53
CA VAL B 181 -3.87 13.34 26.17
C VAL B 181 -3.63 14.84 26.19
N ALA B 182 -2.84 15.33 25.24
CA ALA B 182 -2.59 16.76 25.12
C ALA B 182 -3.85 17.50 24.70
N GLU B 183 -3.84 18.82 24.88
CA GLU B 183 -5.03 19.60 24.57
C GLU B 183 -5.14 19.86 23.07
N ASP B 184 -4.06 20.33 22.46
CA ASP B 184 -4.06 20.57 21.03
C ASP B 184 -3.87 19.29 20.23
N GLY B 185 -3.67 18.16 20.91
CA GLY B 185 -3.47 16.87 20.29
C GLY B 185 -4.75 16.16 19.95
N SER B 186 -5.40 16.58 18.89
CA SER B 186 -6.62 15.92 18.41
C SER B 186 -6.68 16.09 16.90
N ARG B 187 -6.39 15.02 16.18
CA ARG B 187 -6.50 15.01 14.73
C ARG B 187 -7.79 14.33 14.29
N LEU B 188 -8.83 14.44 15.11
CA LEU B 188 -10.11 13.80 14.84
C LEU B 188 -10.97 14.79 14.06
N ASN B 189 -11.42 14.36 12.88
CA ASN B 189 -12.33 15.18 12.09
C ASN B 189 -13.78 14.80 12.38
N GLN B 190 -14.03 13.51 12.60
CA GLN B 190 -15.35 12.94 12.63
C GLN B 190 -15.83 12.57 14.02
N TYR B 191 -14.92 12.44 14.97
CA TYR B 191 -15.25 11.98 16.30
C TYR B 191 -14.99 13.08 17.32
N ASP B 192 -15.21 12.73 18.59
CA ASP B 192 -14.99 13.63 19.70
C ASP B 192 -14.43 12.80 20.83
N LEU B 193 -13.24 13.14 21.31
CA LEU B 193 -12.61 12.39 22.37
C LEU B 193 -13.21 12.89 23.67
N LEU B 194 -13.86 11.99 24.40
CA LEU B 194 -14.57 12.30 25.64
C LEU B 194 -13.68 12.10 26.85
N GLY B 195 -12.98 10.98 26.90
CA GLY B 195 -12.12 10.68 28.03
C GLY B 195 -11.33 9.44 27.73
N GLN B 196 -10.57 9.02 28.71
CA GLN B 196 -9.76 7.83 28.57
C GLN B 196 -10.17 6.88 29.68
N THR B 197 -9.71 5.64 29.57
CA THR B 197 -10.09 4.61 30.53
C THR B 197 -9.06 3.50 30.44
N VAL B 198 -8.35 3.29 31.53
CA VAL B 198 -7.29 2.32 31.56
C VAL B 198 -7.83 1.08 32.26
N ASP B 199 -7.12 -0.03 32.11
CA ASP B 199 -7.49 -1.28 32.74
C ASP B 199 -6.30 -2.22 32.69
N SER B 200 -6.35 -3.23 33.54
CA SER B 200 -5.30 -4.24 33.61
C SER B 200 -5.95 -5.60 33.78
N GLY B 201 -5.40 -6.60 33.12
CA GLY B 201 -5.94 -7.94 33.19
C GLY B 201 -4.84 -8.90 32.84
N ILE B 202 -5.21 -10.17 32.74
CA ILE B 202 -4.26 -11.25 32.47
C ILE B 202 -4.83 -12.05 31.31
N VAL B 203 -4.16 -12.01 30.16
CA VAL B 203 -4.56 -12.85 29.05
C VAL B 203 -3.71 -14.10 29.11
N GLN B 204 -4.20 -15.15 28.47
CA GLN B 204 -3.52 -16.44 28.48
C GLN B 204 -3.47 -16.94 27.04
N SER B 205 -2.27 -17.20 26.57
CA SER B 205 -2.02 -17.67 25.22
C SER B 205 -1.17 -18.94 25.29
N SER B 206 -0.84 -19.48 24.12
CA SER B 206 -0.14 -20.77 24.01
C SER B 206 1.27 -20.76 24.62
N THR B 207 1.76 -19.63 25.12
CA THR B 207 3.07 -19.58 25.75
C THR B 207 3.01 -19.19 27.23
N GLY B 208 1.83 -18.89 27.76
CA GLY B 208 1.69 -18.61 29.17
C GLY B 208 0.74 -17.46 29.42
N GLU B 209 0.78 -16.97 30.64
CA GLU B 209 -0.07 -15.87 31.08
C GLU B 209 0.75 -14.58 31.08
N TYR B 210 0.22 -13.55 30.44
CA TYR B 210 0.92 -12.29 30.33
C TYR B 210 0.08 -11.18 30.95
N VAL B 211 0.75 -10.15 31.43
CA VAL B 211 0.08 -8.97 31.95
C VAL B 211 -0.20 -8.08 30.76
N VAL B 212 -1.40 -7.52 30.71
CA VAL B 212 -1.85 -6.67 29.61
C VAL B 212 -2.38 -5.39 30.20
N MET B 213 -1.87 -4.28 29.73
CA MET B 213 -2.34 -2.96 30.12
C MET B 213 -3.22 -2.47 29.00
N THR B 214 -4.45 -2.14 29.33
CA THR B 214 -5.45 -1.78 28.36
C THR B 214 -5.77 -0.32 28.56
N THR B 215 -6.01 0.38 27.48
CA THR B 215 -6.49 1.75 27.52
C THR B 215 -7.68 1.81 26.59
N HIS B 216 -8.71 2.54 26.99
CA HIS B 216 -9.88 2.74 26.16
C HIS B 216 -10.05 4.22 25.97
N PHE B 217 -10.18 4.65 24.73
CA PHE B 217 -10.49 6.04 24.44
C PHE B 217 -11.94 6.07 23.97
N HIS B 218 -12.75 6.89 24.63
CA HIS B 218 -14.17 6.91 24.36
C HIS B 218 -14.46 8.02 23.37
N LEU B 219 -15.00 7.63 22.23
CA LEU B 219 -15.27 8.52 21.13
C LEU B 219 -16.77 8.58 20.91
N LYS B 220 -17.22 9.77 20.52
CA LYS B 220 -18.63 10.01 20.24
C LYS B 220 -18.61 10.72 18.90
N ARG B 221 -19.27 10.10 17.92
CA ARG B 221 -19.21 10.60 16.56
C ARG B 221 -19.98 11.92 16.49
N LYS B 222 -19.52 12.79 15.61
CA LYS B 222 -20.17 14.06 15.38
C LYS B 222 -21.07 13.87 14.17
N ILE B 223 -22.32 14.32 14.30
CA ILE B 223 -23.33 14.02 13.30
C ILE B 223 -23.43 15.13 12.27
N GLY B 224 -22.88 16.32 12.57
CA GLY B 224 -23.04 17.49 11.72
C GLY B 224 -22.63 17.32 10.27
N TYR B 225 -21.88 16.28 9.95
CA TYR B 225 -21.47 16.04 8.58
C TYR B 225 -22.49 15.15 7.88
N PHE B 226 -22.87 14.05 8.53
CA PHE B 226 -23.83 13.12 7.93
C PHE B 226 -25.21 13.73 7.82
N VAL B 227 -25.55 14.67 8.71
CA VAL B 227 -26.79 15.43 8.60
C VAL B 227 -26.86 16.12 7.24
N ILE B 228 -25.94 17.05 6.97
CA ILE B 228 -25.90 17.79 5.71
C ILE B 228 -25.66 16.86 4.52
N GLN B 229 -24.90 15.77 4.71
CA GLN B 229 -24.55 14.86 3.63
C GLN B 229 -25.74 14.02 3.17
N THR B 230 -26.46 13.41 4.10
CA THR B 230 -27.47 12.42 3.75
C THR B 230 -28.84 12.81 4.25
N TYR B 231 -28.94 13.37 5.47
CA TYR B 231 -30.25 13.55 6.07
C TYR B 231 -31.00 14.68 5.40
N LEU B 232 -30.29 15.73 4.97
CA LEU B 232 -31.00 16.81 4.28
C LEU B 232 -31.31 16.43 2.82
N PRO B 233 -30.41 15.80 2.03
CA PRO B 233 -30.88 15.32 0.72
C PRO B 233 -32.02 14.31 0.80
N CYS B 234 -32.04 13.41 1.79
CA CYS B 234 -33.15 12.44 1.88
C CYS B 234 -34.47 13.11 2.22
N ILE B 235 -34.46 14.00 3.23
CA ILE B 235 -35.68 14.72 3.60
C ILE B 235 -36.10 15.68 2.50
N MET B 236 -35.11 16.31 1.84
CA MET B 236 -35.39 17.20 0.71
C MET B 236 -36.00 16.44 -0.45
N THR B 237 -35.50 15.24 -0.74
CA THR B 237 -36.06 14.43 -1.81
C THR B 237 -37.47 13.96 -1.46
N VAL B 238 -37.71 13.64 -0.19
CA VAL B 238 -39.05 13.24 0.24
C VAL B 238 -40.03 14.40 0.10
N ILE B 239 -39.62 15.60 0.53
CA ILE B 239 -40.47 16.78 0.41
C ILE B 239 -40.69 17.14 -1.07
N LEU B 240 -39.65 17.00 -1.88
CA LEU B 240 -39.72 17.30 -3.31
C LEU B 240 -40.59 16.28 -4.03
N SER B 241 -40.68 15.06 -3.51
CA SER B 241 -41.59 14.08 -4.07
C SER B 241 -43.01 14.41 -3.66
N GLN B 242 -43.18 14.92 -2.45
CA GLN B 242 -44.49 15.30 -1.95
C GLN B 242 -44.96 16.63 -2.54
N VAL B 243 -44.05 17.41 -3.14
CA VAL B 243 -44.44 18.63 -3.85
C VAL B 243 -45.41 18.30 -4.97
N SER B 244 -45.24 17.14 -5.62
CA SER B 244 -46.03 16.75 -6.80
C SER B 244 -47.52 16.64 -6.50
N PHE B 245 -47.89 16.49 -5.22
CA PHE B 245 -49.29 16.33 -4.83
C PHE B 245 -50.08 17.63 -5.00
N TRP B 246 -49.40 18.73 -5.29
CA TRP B 246 -50.03 20.03 -5.47
C TRP B 246 -50.14 20.40 -6.93
N LEU B 247 -49.71 19.50 -7.81
CA LEU B 247 -49.81 19.72 -9.24
C LEU B 247 -51.16 19.26 -9.75
N ASN B 248 -51.54 19.81 -10.90
CA ASN B 248 -52.83 19.50 -11.49
C ASN B 248 -52.75 18.18 -12.22
N ARG B 249 -53.81 17.37 -12.08
CA ARG B 249 -53.85 16.01 -12.63
C ARG B 249 -53.81 15.97 -14.15
N GLU B 250 -54.05 17.10 -14.81
CA GLU B 250 -53.98 17.22 -16.27
C GLU B 250 -52.55 17.14 -16.80
N SER B 251 -51.54 17.09 -15.92
CA SER B 251 -50.14 16.95 -16.29
C SER B 251 -49.57 15.62 -15.78
N VAL B 252 -49.73 14.57 -16.60
CA VAL B 252 -49.22 13.25 -16.21
C VAL B 252 -47.70 13.12 -16.34
N PRO B 253 -47.04 13.53 -17.46
CA PRO B 253 -45.56 13.40 -17.52
C PRO B 253 -44.81 14.18 -16.43
N ALA B 254 -45.33 15.33 -16.02
CA ALA B 254 -44.69 16.15 -14.99
C ALA B 254 -44.60 15.38 -13.67
N ARG B 255 -45.73 14.89 -13.18
CA ARG B 255 -45.75 14.16 -11.93
C ARG B 255 -45.02 12.82 -12.06
N THR B 256 -45.04 12.24 -13.27
CA THR B 256 -44.31 10.99 -13.51
C THR B 256 -42.80 11.18 -13.33
N VAL B 257 -42.24 12.20 -13.98
CA VAL B 257 -40.80 12.45 -13.86
C VAL B 257 -40.45 12.90 -12.44
N PHE B 258 -41.35 13.68 -11.78
CA PHE B 258 -41.21 13.96 -10.35
C PHE B 258 -40.95 12.69 -9.55
N GLY B 259 -41.91 11.77 -9.59
CA GLY B 259 -41.83 10.55 -8.80
C GLY B 259 -40.59 9.72 -9.11
N VAL B 260 -40.35 9.47 -10.41
CA VAL B 260 -39.29 8.53 -10.77
C VAL B 260 -37.92 9.13 -10.47
N THR B 261 -37.74 10.44 -10.64
CA THR B 261 -36.42 11.01 -10.39
C THR B 261 -36.15 11.09 -8.89
N THR B 262 -37.19 11.32 -8.09
CA THR B 262 -36.97 11.24 -6.65
C THR B 262 -36.68 9.79 -6.19
N VAL B 263 -37.26 8.78 -6.85
CA VAL B 263 -36.90 7.40 -6.54
C VAL B 263 -35.45 7.10 -6.93
N LEU B 264 -35.03 7.64 -8.08
CA LEU B 264 -33.64 7.49 -8.55
C LEU B 264 -32.66 8.18 -7.62
N THR B 265 -33.00 9.38 -7.17
CA THR B 265 -32.15 10.12 -6.24
C THR B 265 -32.04 9.39 -4.92
N MET B 266 -33.13 8.79 -4.44
CA MET B 266 -33.06 8.01 -3.21
C MET B 266 -32.14 6.79 -3.36
N THR B 267 -32.20 6.12 -4.52
CA THR B 267 -31.31 4.99 -4.79
C THR B 267 -29.85 5.42 -4.79
N THR B 268 -29.58 6.56 -5.46
CA THR B 268 -28.23 7.11 -5.53
C THR B 268 -27.70 7.48 -4.15
N LEU B 269 -28.57 8.13 -3.34
CA LEU B 269 -28.17 8.53 -1.99
C LEU B 269 -27.86 7.32 -1.11
N SER B 270 -28.66 6.25 -1.20
CA SER B 270 -28.36 5.07 -0.40
C SER B 270 -27.05 4.41 -0.82
N ILE B 271 -26.77 4.38 -2.13
CA ILE B 271 -25.51 3.82 -2.62
C ILE B 271 -24.33 4.66 -2.16
N SER B 272 -24.44 5.98 -2.29
CA SER B 272 -23.38 6.91 -1.87
C SER B 272 -23.11 6.85 -0.39
N ALA B 273 -24.16 6.86 0.44
CA ALA B 273 -23.98 6.83 1.88
C ALA B 273 -23.34 5.52 2.34
N ARG B 274 -23.71 4.41 1.68
CA ARG B 274 -23.16 3.10 1.98
C ARG B 274 -21.72 2.87 1.48
N ASN B 275 -21.25 3.58 0.45
CA ASN B 275 -19.85 3.41 0.04
C ASN B 275 -18.85 3.97 1.04
N SER B 276 -19.19 5.01 1.80
CA SER B 276 -18.23 5.48 2.80
C SER B 276 -18.18 4.50 3.97
N LEU B 277 -19.35 3.99 4.35
CA LEU B 277 -19.53 3.03 5.42
C LEU B 277 -18.93 1.68 5.00
N PRO B 278 -18.21 0.99 5.87
CA PRO B 278 -17.62 -0.31 5.47
C PRO B 278 -18.69 -1.36 5.16
N LYS B 279 -18.22 -2.54 4.77
CA LYS B 279 -19.12 -3.58 4.31
C LYS B 279 -19.54 -4.45 5.49
N VAL B 280 -20.34 -3.86 6.37
CA VAL B 280 -20.88 -4.59 7.51
C VAL B 280 -22.09 -5.39 7.04
N ALA B 281 -22.46 -6.42 7.80
CA ALA B 281 -23.57 -7.30 7.46
C ALA B 281 -24.94 -6.77 7.86
N TYR B 282 -25.03 -6.03 8.95
CA TYR B 282 -26.29 -5.49 9.43
C TYR B 282 -26.66 -4.20 8.72
N ALA B 283 -27.68 -3.53 9.25
CA ALA B 283 -28.15 -2.24 8.78
C ALA B 283 -28.02 -1.22 9.91
N THR B 284 -27.53 -0.04 9.56
CA THR B 284 -27.30 1.03 10.51
C THR B 284 -28.57 1.85 10.71
N ALA B 285 -28.44 2.97 11.43
CA ALA B 285 -29.60 3.83 11.64
C ALA B 285 -29.87 4.67 10.41
N MET B 286 -28.81 5.18 9.77
CA MET B 286 -28.95 5.92 8.53
C MET B 286 -29.58 5.07 7.45
N ASP B 287 -29.30 3.75 7.46
CA ASP B 287 -29.91 2.84 6.50
C ASP B 287 -31.40 2.70 6.74
N TRP B 288 -31.82 2.65 8.01
CA TRP B 288 -33.25 2.63 8.33
C TRP B 288 -33.93 3.91 7.90
N PHE B 289 -33.28 5.06 8.13
CA PHE B 289 -33.83 6.34 7.69
C PHE B 289 -33.99 6.40 6.19
N ILE B 290 -32.96 5.97 5.45
CA ILE B 290 -33.01 5.96 3.99
C ILE B 290 -34.09 5.00 3.50
N ALA B 291 -34.23 3.83 4.16
CA ALA B 291 -35.26 2.86 3.77
C ALA B 291 -36.66 3.42 3.97
N VAL B 292 -36.91 4.07 5.12
CA VAL B 292 -38.23 4.64 5.38
C VAL B 292 -38.51 5.79 4.40
N CYS B 293 -37.47 6.60 4.11
CA CYS B 293 -37.61 7.69 3.16
C CYS B 293 -37.91 7.14 1.76
N TYR B 294 -37.22 6.07 1.36
CA TYR B 294 -37.49 5.40 0.10
C TYR B 294 -38.91 4.88 0.05
N ALA B 295 -39.39 4.33 1.17
CA ALA B 295 -40.77 3.88 1.26
C ALA B 295 -41.73 5.04 1.03
N PHE B 296 -41.43 6.20 1.64
CA PHE B 296 -42.26 7.39 1.47
C PHE B 296 -42.29 7.85 0.02
N VAL B 297 -41.12 7.87 -0.63
CA VAL B 297 -41.01 8.27 -2.02
C VAL B 297 -41.76 7.31 -2.95
N PHE B 298 -41.53 6.00 -2.76
CA PHE B 298 -42.19 4.98 -3.57
C PHE B 298 -43.69 5.01 -3.38
N SER B 299 -44.16 5.23 -2.14
CA SER B 299 -45.58 5.34 -1.86
C SER B 299 -46.18 6.55 -2.55
N ALA B 300 -45.43 7.67 -2.58
CA ALA B 300 -45.89 8.86 -3.30
C ALA B 300 -46.06 8.56 -4.79
N LEU B 301 -45.09 7.83 -5.38
CA LEU B 301 -45.20 7.47 -6.79
C LEU B 301 -46.39 6.55 -7.04
N ILE B 302 -46.59 5.56 -6.17
CA ILE B 302 -47.72 4.63 -6.31
C ILE B 302 -49.03 5.39 -6.13
N GLU B 303 -49.04 6.38 -5.23
CA GLU B 303 -50.22 7.23 -5.05
C GLU B 303 -50.53 8.03 -6.30
N PHE B 304 -49.51 8.60 -6.94
CA PHE B 304 -49.71 9.27 -8.23
C PHE B 304 -50.25 8.30 -9.27
N ALA B 305 -49.70 7.08 -9.31
CA ALA B 305 -50.16 6.05 -10.24
C ALA B 305 -51.63 5.73 -10.03
N THR B 306 -52.04 5.62 -8.77
CA THR B 306 -53.43 5.36 -8.43
C THR B 306 -54.32 6.51 -8.86
N VAL B 307 -53.92 7.75 -8.56
CA VAL B 307 -54.70 8.94 -8.93
C VAL B 307 -54.83 9.04 -10.45
N ASN B 308 -53.78 8.66 -11.18
CA ASN B 308 -53.85 8.69 -12.64
C ASN B 308 -54.72 7.56 -13.17
N TYR B 309 -54.68 6.39 -12.52
CA TYR B 309 -55.53 5.29 -12.96
C TYR B 309 -57.00 5.58 -12.66
N PHE B 310 -57.27 6.31 -11.59
CA PHE B 310 -58.65 6.58 -11.20
C PHE B 310 -59.21 7.84 -11.87
N THR B 311 -58.38 8.57 -12.60
CA THR B 311 -58.94 9.74 -13.28
C THR B 311 -59.61 9.30 -14.58
N LYS B 312 -60.48 10.16 -15.10
CA LYS B 312 -61.30 9.98 -16.33
C LYS B 312 -62.15 8.70 -16.34
N SER B 313 -62.30 8.02 -15.21
CA SER B 313 -63.27 6.95 -15.03
C SER B 313 -64.17 7.29 -13.86
N GLN B 314 -63.57 7.69 -12.75
CA GLN B 314 -64.29 8.26 -11.61
C GLN B 314 -63.48 9.45 -11.07
N PRO B 315 -63.82 10.66 -11.53
CA PRO B 315 -63.00 11.83 -11.19
C PRO B 315 -63.14 12.33 -9.76
N ALA B 316 -63.97 11.69 -8.94
CA ALA B 316 -64.14 12.19 -7.57
C ALA B 316 -63.13 11.56 -6.62
N ARG B 317 -63.00 10.23 -6.63
CA ARG B 317 -62.10 9.58 -5.68
C ARG B 317 -60.64 9.89 -5.94
N ALA B 318 -60.26 10.20 -7.20
CA ALA B 318 -58.90 10.59 -7.51
C ALA B 318 -58.51 11.87 -6.80
N ALA B 319 -59.33 12.92 -6.98
CA ALA B 319 -59.14 14.19 -6.28
C ALA B 319 -59.25 14.01 -4.78
N LYS B 320 -60.15 13.13 -4.33
CA LYS B 320 -60.31 12.86 -2.90
C LYS B 320 -59.04 12.32 -2.28
N ILE B 321 -58.50 11.24 -2.86
CA ILE B 321 -57.29 10.63 -2.28
C ILE B 321 -56.08 11.52 -2.50
N ASP B 322 -56.07 12.35 -3.54
CA ASP B 322 -55.00 13.32 -3.69
C ASP B 322 -55.04 14.36 -2.57
N ARG B 323 -56.23 14.89 -2.28
CA ARG B 323 -56.39 15.84 -1.17
C ARG B 323 -56.06 15.19 0.17
N LEU B 324 -56.38 13.91 0.32
CA LEU B 324 -56.03 13.18 1.54
C LEU B 324 -54.52 13.04 1.69
N SER B 325 -53.85 12.60 0.61
CA SER B 325 -52.42 12.37 0.64
C SER B 325 -51.63 13.64 0.89
N ARG B 326 -52.11 14.79 0.34
CA ARG B 326 -51.43 16.08 0.52
C ARG B 326 -51.15 16.40 1.99
N ILE B 327 -52.05 16.05 2.90
CA ILE B 327 -51.82 16.29 4.31
C ILE B 327 -51.39 14.99 5.00
N ALA B 328 -51.65 13.84 4.37
CA ALA B 328 -51.27 12.59 5.02
C ALA B 328 -49.79 12.30 4.94
N PHE B 329 -49.14 12.57 3.80
CA PHE B 329 -47.72 12.24 3.66
C PHE B 329 -46.84 13.10 4.58
N PRO B 330 -46.94 14.46 4.59
CA PRO B 330 -46.02 15.21 5.45
C PRO B 330 -46.25 14.95 6.93
N LEU B 331 -47.49 14.70 7.34
CA LEU B 331 -47.76 14.38 8.74
C LEU B 331 -47.11 13.06 9.15
N LEU B 332 -47.18 12.04 8.28
CA LEU B 332 -46.53 10.77 8.57
C LEU B 332 -45.01 10.94 8.62
N PHE B 333 -44.46 11.71 7.67
CA PHE B 333 -43.02 11.99 7.70
C PHE B 333 -42.62 12.73 8.96
N GLY B 334 -43.42 13.70 9.39
CA GLY B 334 -43.10 14.46 10.60
C GLY B 334 -43.13 13.59 11.84
N ILE B 335 -44.15 12.74 11.98
CA ILE B 335 -44.22 11.88 13.16
C ILE B 335 -43.08 10.85 13.11
N PHE B 336 -42.72 10.36 11.90
CA PHE B 336 -41.59 9.44 11.79
C PHE B 336 -40.28 10.12 12.17
N ASN B 337 -40.09 11.37 11.74
CA ASN B 337 -38.89 12.12 12.10
C ASN B 337 -38.81 12.32 13.60
N LEU B 338 -39.94 12.65 14.24
CA LEU B 338 -39.97 12.82 15.70
C LEU B 338 -39.56 11.53 16.40
N VAL B 339 -40.20 10.42 16.02
CA VAL B 339 -39.92 9.11 16.64
C VAL B 339 -38.47 8.71 16.41
N TYR B 340 -37.96 8.89 15.18
CA TYR B 340 -36.61 8.49 14.83
C TYR B 340 -35.56 9.29 15.60
N TRP B 341 -35.59 10.63 15.48
CA TRP B 341 -34.61 11.44 16.18
C TRP B 341 -34.79 11.41 17.69
N ALA B 342 -35.93 10.91 18.18
CA ALA B 342 -36.09 10.75 19.62
C ALA B 342 -35.56 9.40 20.09
N THR B 343 -35.69 8.36 19.27
CA THR B 343 -35.20 7.08 19.76
C THR B 343 -33.70 7.00 19.57
N TYR B 344 -33.15 7.75 18.61
CA TYR B 344 -31.72 7.66 18.35
C TYR B 344 -30.92 8.75 19.04
N LEU B 345 -31.52 9.92 19.34
CA LEU B 345 -30.77 10.94 20.06
C LEU B 345 -30.81 10.75 21.58
N ASN B 346 -31.18 9.57 22.07
CA ASN B 346 -31.23 9.33 23.51
C ASN B 346 -30.44 8.09 23.90
N ARG B 347 -29.99 7.31 22.91
CA ARG B 347 -29.20 6.12 23.18
C ARG B 347 -27.79 6.44 23.66
N SER C 7 26.28 -15.30 42.08
CA SER C 7 24.84 -15.11 42.25
C SER C 7 24.06 -15.96 41.26
N ASN C 8 22.79 -15.60 41.04
CA ASN C 8 21.96 -16.29 40.07
C ASN C 8 21.98 -15.59 38.72
N MET C 9 22.48 -14.36 38.70
CA MET C 9 22.54 -13.62 37.45
C MET C 9 23.86 -13.89 36.75
N SER C 10 24.98 -13.81 37.46
CA SER C 10 26.23 -14.12 36.80
C SER C 10 26.29 -15.60 36.43
N LEU C 11 25.58 -16.45 37.19
CA LEU C 11 25.40 -17.86 36.83
C LEU C 11 24.68 -18.03 35.49
N VAL C 12 23.53 -17.35 35.33
CA VAL C 12 22.85 -17.47 34.03
C VAL C 12 23.67 -16.81 32.91
N LYS C 13 24.38 -15.72 33.22
CA LYS C 13 25.23 -15.06 32.23
C LYS C 13 26.33 -15.98 31.74
N GLU C 14 27.03 -16.65 32.65
CA GLU C 14 28.09 -17.59 32.26
C GLU C 14 27.50 -18.78 31.51
N THR C 15 26.31 -19.25 31.91
CA THR C 15 25.65 -20.35 31.22
C THR C 15 25.33 -20.01 29.77
N VAL C 16 24.74 -18.83 29.53
CA VAL C 16 24.40 -18.42 28.15
C VAL C 16 25.67 -18.15 27.35
N ASP C 17 26.68 -17.55 27.98
CA ASP C 17 27.96 -17.30 27.31
C ASP C 17 28.65 -18.60 26.95
N ARG C 18 28.51 -19.63 27.78
CA ARG C 18 29.07 -20.94 27.47
C ARG C 18 28.30 -21.59 26.33
N LEU C 19 26.97 -21.39 26.31
CA LEU C 19 26.14 -21.94 25.24
C LEU C 19 26.52 -21.33 23.90
N LEU C 20 26.75 -20.02 23.86
CA LEU C 20 26.98 -19.34 22.59
C LEU C 20 28.46 -19.33 22.19
N LYS C 21 29.33 -19.92 23.00
CA LYS C 21 30.74 -19.97 22.61
C LYS C 21 31.01 -21.25 21.83
N GLY C 22 31.59 -21.07 20.65
CA GLY C 22 31.81 -22.19 19.75
C GLY C 22 30.50 -22.68 19.17
N TYR C 23 29.62 -21.75 18.80
CA TYR C 23 28.30 -22.06 18.27
C TYR C 23 28.26 -21.63 16.82
N ASP C 24 28.10 -22.59 15.92
CA ASP C 24 28.10 -22.34 14.49
C ASP C 24 26.66 -22.08 14.05
N ILE C 25 26.37 -20.86 13.60
CA ILE C 25 25.02 -20.52 13.19
C ILE C 25 24.73 -20.99 11.77
N ARG C 26 25.77 -21.31 11.00
CA ARG C 26 25.62 -21.80 9.64
C ARG C 26 25.02 -23.20 9.58
N LEU C 27 25.10 -23.95 10.67
CA LEU C 27 24.74 -25.36 10.69
C LEU C 27 23.51 -25.58 11.55
N ARG C 28 22.57 -26.35 11.04
CA ARG C 28 21.39 -26.73 11.78
C ARG C 28 21.73 -27.75 12.86
N PRO C 29 20.84 -27.99 13.83
CA PRO C 29 21.08 -29.11 14.77
C PRO C 29 21.08 -30.45 14.06
N ASP C 30 22.11 -31.24 14.37
CA ASP C 30 22.44 -32.52 13.72
C ASP C 30 22.60 -32.29 12.22
N PHE C 31 23.61 -31.47 11.90
CA PHE C 31 23.81 -31.01 10.52
C PHE C 31 24.14 -32.14 9.56
N GLY C 32 24.86 -33.16 10.03
CA GLY C 32 25.22 -34.27 9.17
C GLY C 32 24.55 -35.54 9.63
N GLY C 33 23.40 -35.39 10.29
CA GLY C 33 22.70 -36.50 10.86
C GLY C 33 21.25 -36.53 10.44
N PRO C 34 20.38 -37.01 11.32
CA PRO C 34 18.95 -37.12 11.00
C PRO C 34 18.32 -35.74 10.92
N PRO C 35 17.16 -35.58 10.29
CA PRO C 35 16.54 -34.26 10.19
C PRO C 35 16.04 -33.78 11.54
N VAL C 36 15.93 -32.47 11.65
CA VAL C 36 15.45 -31.84 12.88
C VAL C 36 13.95 -31.61 12.73
N ALA C 37 13.20 -31.86 13.78
CA ALA C 37 11.76 -31.72 13.75
C ALA C 37 11.43 -30.34 14.29
N VAL C 38 10.53 -29.64 13.60
CA VAL C 38 10.14 -28.28 13.98
C VAL C 38 8.62 -28.30 14.07
N GLY C 39 8.10 -27.92 15.23
CA GLY C 39 6.68 -27.88 15.45
C GLY C 39 6.18 -26.46 15.39
N MET C 40 5.03 -26.29 14.73
CA MET C 40 4.49 -24.98 14.45
C MET C 40 3.23 -24.74 15.26
N ASN C 41 3.05 -23.48 15.64
CA ASN C 41 1.85 -23.00 16.28
C ASN C 41 1.53 -21.66 15.66
N ILE C 42 0.25 -21.36 15.54
CA ILE C 42 -0.21 -20.09 15.02
C ILE C 42 -1.36 -19.65 15.91
N ASP C 43 -1.26 -18.44 16.44
CA ASP C 43 -2.36 -17.81 17.15
C ASP C 43 -2.79 -16.64 16.30
N ILE C 44 -3.91 -16.77 15.61
CA ILE C 44 -4.34 -15.73 14.70
C ILE C 44 -4.95 -14.59 15.50
N ALA C 45 -4.43 -13.39 15.30
CA ALA C 45 -4.89 -12.23 16.05
C ALA C 45 -5.98 -11.48 15.31
N SER C 46 -5.90 -11.44 13.98
CA SER C 46 -6.88 -10.77 13.14
C SER C 46 -6.64 -11.15 11.69
N ILE C 47 -7.74 -11.22 10.95
CA ILE C 47 -7.72 -11.29 9.49
C ILE C 47 -8.27 -9.95 9.04
N ASP C 48 -7.40 -9.13 8.44
CA ASP C 48 -7.68 -7.70 8.35
C ASP C 48 -8.61 -7.40 7.19
N MET C 49 -8.16 -7.66 5.97
CA MET C 49 -8.88 -7.19 4.80
C MET C 49 -8.77 -8.24 3.70
N VAL C 50 -9.91 -8.80 3.33
CA VAL C 50 -9.97 -9.81 2.28
C VAL C 50 -10.35 -9.06 1.02
N SER C 51 -9.38 -8.79 0.16
CA SER C 51 -9.60 -7.98 -1.02
C SER C 51 -9.88 -8.86 -2.23
N GLU C 52 -10.98 -8.58 -2.91
CA GLU C 52 -11.30 -9.28 -4.15
C GLU C 52 -10.64 -8.65 -5.37
N VAL C 53 -10.29 -7.37 -5.28
CA VAL C 53 -9.67 -6.68 -6.41
C VAL C 53 -8.17 -6.98 -6.46
N ASN C 54 -7.56 -7.14 -5.30
CA ASN C 54 -6.15 -7.49 -5.22
C ASN C 54 -5.92 -9.00 -5.12
N MET C 55 -6.99 -9.76 -4.84
CA MET C 55 -6.94 -11.24 -4.73
C MET C 55 -5.97 -11.64 -3.62
N ASP C 56 -6.15 -11.02 -2.46
CA ASP C 56 -5.33 -11.32 -1.30
C ASP C 56 -6.12 -11.09 -0.04
N TYR C 57 -5.52 -11.48 1.07
CA TYR C 57 -6.12 -11.28 2.37
C TYR C 57 -4.98 -11.07 3.34
N THR C 58 -5.16 -10.17 4.30
CA THR C 58 -4.16 -9.88 5.29
C THR C 58 -4.50 -10.60 6.57
N LEU C 59 -3.51 -11.17 7.24
CA LEU C 59 -3.76 -11.75 8.54
C LEU C 59 -2.58 -11.46 9.45
N THR C 60 -2.90 -11.17 10.70
CA THR C 60 -1.92 -11.01 11.76
C THR C 60 -1.96 -12.27 12.59
N MET C 61 -0.79 -12.75 12.99
CA MET C 61 -0.73 -14.02 13.70
C MET C 61 0.46 -13.97 14.64
N TYR C 62 0.37 -14.77 15.68
CA TYR C 62 1.53 -15.09 16.50
C TYR C 62 1.99 -16.45 15.98
N PHE C 63 3.12 -16.45 15.33
CA PHE C 63 3.63 -17.64 14.64
C PHE C 63 4.82 -18.13 15.44
N GLN C 64 4.71 -19.33 15.97
CA GLN C 64 5.70 -19.88 16.88
C GLN C 64 6.24 -21.15 16.30
N GLN C 65 7.55 -21.35 16.46
CA GLN C 65 8.21 -22.56 16.00
C GLN C 65 8.95 -23.16 17.17
N ALA C 66 8.96 -24.47 17.23
CA ALA C 66 9.65 -25.15 18.33
C ALA C 66 10.44 -26.31 17.78
N TRP C 67 11.70 -26.40 18.15
CA TRP C 67 12.56 -27.49 17.75
C TRP C 67 13.48 -27.79 18.92
N ARG C 68 14.44 -28.67 18.70
CA ARG C 68 15.35 -29.07 19.76
C ARG C 68 16.75 -28.96 19.19
N ASP C 69 17.58 -28.17 19.86
CA ASP C 69 18.97 -27.92 19.48
C ASP C 69 19.87 -28.46 20.57
N LYS C 70 20.62 -29.51 20.26
CA LYS C 70 21.49 -30.16 21.23
C LYS C 70 22.65 -29.26 21.70
N ARG C 71 22.89 -28.14 21.03
CA ARG C 71 23.96 -27.24 21.42
C ARG C 71 23.51 -26.26 22.50
N LEU C 72 22.22 -25.94 22.54
CA LEU C 72 21.65 -25.05 23.55
C LEU C 72 21.07 -25.86 24.70
N SER C 73 21.89 -26.72 25.29
CA SER C 73 21.46 -27.56 26.39
C SER C 73 22.32 -27.30 27.62
N TYR C 74 21.64 -27.05 28.75
CA TYR C 74 22.30 -26.71 30.00
C TYR C 74 21.63 -27.50 31.12
N ASN C 75 22.36 -27.70 32.21
CA ASN C 75 21.78 -28.43 33.33
C ASN C 75 22.16 -27.84 34.69
N VAL C 76 22.88 -26.72 34.69
CA VAL C 76 23.31 -26.06 35.91
C VAL C 76 22.12 -25.37 36.60
N ILE C 77 21.30 -24.66 35.83
CA ILE C 77 20.13 -23.98 36.37
C ILE C 77 18.87 -24.76 36.00
N PRO C 78 17.82 -24.75 36.82
CA PRO C 78 16.63 -25.56 36.54
C PRO C 78 15.49 -24.87 35.81
N LEU C 79 15.56 -23.58 35.55
CA LEU C 79 14.41 -22.87 34.99
C LEU C 79 14.57 -22.66 33.50
N ASN C 80 13.46 -22.28 32.87
CA ASN C 80 13.47 -22.01 31.43
C ASN C 80 13.93 -20.59 31.22
N LEU C 81 14.62 -20.34 30.11
CA LEU C 81 15.26 -19.06 29.92
C LEU C 81 14.58 -18.30 28.80
N THR C 82 13.99 -17.16 29.14
CA THR C 82 13.53 -16.21 28.15
C THR C 82 14.58 -15.12 28.00
N LEU C 83 15.20 -15.08 26.84
CA LEU C 83 16.28 -14.15 26.61
C LEU C 83 15.72 -12.98 25.81
N ASP C 84 16.49 -11.90 25.74
CA ASP C 84 16.16 -10.73 24.95
C ASP C 84 16.04 -11.19 23.48
N ASN C 85 15.13 -10.55 22.74
CA ASN C 85 14.82 -10.98 21.37
C ASN C 85 15.93 -10.71 20.36
N ARG C 86 17.05 -10.13 20.78
CA ARG C 86 18.17 -9.91 19.87
C ARG C 86 19.18 -11.06 19.88
N VAL C 87 19.03 -12.02 20.79
CA VAL C 87 19.89 -13.20 20.74
C VAL C 87 19.40 -14.20 19.70
N ALA C 88 18.21 -13.97 19.13
CA ALA C 88 17.74 -14.81 18.03
C ALA C 88 18.50 -14.54 16.73
N ASP C 89 19.35 -13.52 16.71
CA ASP C 89 20.23 -13.24 15.59
C ASP C 89 21.56 -13.96 15.73
N GLN C 90 21.74 -14.70 16.83
CA GLN C 90 22.96 -15.45 17.08
C GLN C 90 22.71 -16.94 17.21
N LEU C 91 21.45 -17.38 17.13
CA LEU C 91 21.09 -18.78 17.13
C LEU C 91 20.69 -19.20 15.72
N TRP C 92 20.56 -20.50 15.54
CA TRP C 92 20.04 -21.03 14.30
C TRP C 92 18.53 -21.09 14.46
N VAL C 93 17.81 -20.48 13.53
CA VAL C 93 16.36 -20.55 13.49
C VAL C 93 16.06 -21.03 12.08
N PRO C 94 15.01 -21.81 11.85
CA PRO C 94 14.75 -22.33 10.51
C PRO C 94 14.34 -21.22 9.55
N ASP C 95 14.68 -21.42 8.29
CA ASP C 95 14.38 -20.43 7.25
C ASP C 95 13.04 -20.80 6.65
N THR C 96 12.00 -20.54 7.44
CA THR C 96 10.63 -20.77 7.06
C THR C 96 10.17 -19.57 6.25
N TYR C 97 9.32 -19.81 5.25
CA TYR C 97 8.75 -18.75 4.45
C TYR C 97 7.34 -19.14 4.04
N PHE C 98 6.61 -18.16 3.55
CA PHE C 98 5.25 -18.33 3.09
C PHE C 98 5.23 -18.22 1.58
N LEU C 99 4.79 -19.30 0.92
CA LEU C 99 4.91 -19.38 -0.53
C LEU C 99 3.98 -18.41 -1.24
N ASN C 100 2.81 -18.16 -0.64
CA ASN C 100 1.74 -17.42 -1.30
C ASN C 100 1.62 -16.00 -0.77
N ASP C 101 2.63 -15.50 -0.07
CA ASP C 101 2.50 -14.13 0.41
C ASP C 101 2.97 -13.14 -0.65
N LYS C 102 2.56 -11.89 -0.48
CA LYS C 102 2.94 -10.82 -1.38
C LYS C 102 3.80 -9.79 -0.69
N LYS C 103 3.47 -9.46 0.55
CA LYS C 103 4.28 -8.59 1.38
C LYS C 103 4.03 -9.00 2.82
N SER C 104 5.09 -9.04 3.62
CA SER C 104 4.98 -9.44 5.00
C SER C 104 6.06 -8.76 5.81
N PHE C 105 5.86 -8.74 7.11
CA PHE C 105 6.80 -8.12 8.02
C PHE C 105 6.60 -8.65 9.43
N VAL C 106 7.65 -8.57 10.22
CA VAL C 106 7.55 -8.79 11.64
C VAL C 106 7.33 -7.42 12.26
N HIS C 107 6.42 -7.33 13.22
CA HIS C 107 6.18 -6.04 13.86
C HIS C 107 7.42 -5.64 14.64
N GLY C 108 7.72 -4.35 14.62
CA GLY C 108 8.97 -3.87 15.15
C GLY C 108 8.72 -2.73 16.11
N VAL C 109 7.59 -2.84 16.81
CA VAL C 109 7.16 -1.89 17.81
C VAL C 109 6.75 -2.66 19.06
N THR C 110 7.33 -2.32 20.22
CA THR C 110 8.28 -1.21 20.40
C THR C 110 9.70 -1.66 20.05
N VAL C 111 9.88 -2.98 20.01
CA VAL C 111 11.11 -3.62 19.54
C VAL C 111 10.62 -4.66 18.54
N LYS C 112 11.54 -5.39 17.93
CA LYS C 112 11.18 -6.48 17.01
C LYS C 112 10.36 -7.53 17.74
N ASN C 113 9.10 -7.70 17.33
CA ASN C 113 8.15 -8.60 18.01
C ASN C 113 8.52 -10.03 17.69
N ARG C 114 9.52 -10.53 18.38
CA ARG C 114 9.90 -11.93 18.30
C ARG C 114 10.27 -12.41 19.68
N MET C 115 10.22 -13.72 19.85
CA MET C 115 10.42 -14.36 21.14
C MET C 115 11.36 -15.52 20.98
N ILE C 116 12.33 -15.60 21.87
CA ILE C 116 13.19 -16.77 21.97
C ILE C 116 13.04 -17.31 23.38
N ARG C 117 13.06 -18.62 23.50
CA ARG C 117 12.87 -19.25 24.80
C ARG C 117 13.61 -20.57 24.82
N LEU C 118 14.49 -20.74 25.79
CA LEU C 118 15.27 -21.97 25.87
C LEU C 118 14.69 -22.86 26.96
N HIS C 119 15.02 -24.14 26.89
CA HIS C 119 14.57 -25.11 27.88
C HIS C 119 15.76 -25.96 28.28
N PRO C 120 15.78 -26.49 29.52
CA PRO C 120 16.98 -27.19 30.01
C PRO C 120 17.35 -28.46 29.25
N ASP C 121 16.44 -29.06 28.50
CA ASP C 121 16.78 -30.27 27.76
C ASP C 121 17.32 -29.98 26.38
N GLY C 122 17.09 -28.79 25.84
CA GLY C 122 17.61 -28.38 24.57
C GLY C 122 16.57 -27.74 23.68
N THR C 123 15.29 -27.87 24.04
CA THR C 123 14.19 -27.37 23.23
C THR C 123 14.24 -25.86 23.13
N VAL C 124 14.06 -25.33 21.92
CA VAL C 124 14.05 -23.91 21.66
C VAL C 124 12.66 -23.57 21.14
N LEU C 125 12.06 -22.53 21.69
CA LEU C 125 10.81 -22.01 21.20
C LEU C 125 11.06 -20.63 20.62
N TYR C 126 10.48 -20.37 19.45
CA TYR C 126 10.81 -19.18 18.68
C TYR C 126 9.51 -18.69 18.07
N GLY C 127 9.06 -17.54 18.55
CA GLY C 127 7.79 -16.99 18.13
C GLY C 127 7.99 -15.65 17.46
N LEU C 128 7.12 -15.35 16.51
CA LEU C 128 7.12 -14.07 15.82
C LEU C 128 5.68 -13.58 15.76
N ARG C 129 5.53 -12.28 15.57
CA ARG C 129 4.22 -11.68 15.38
C ARG C 129 4.22 -11.09 13.99
N ILE C 130 3.50 -11.72 13.07
CA ILE C 130 3.66 -11.47 11.65
C ILE C 130 2.33 -10.96 11.11
N THR C 131 2.37 -9.88 10.35
CA THR C 131 1.24 -9.45 9.56
C THR C 131 1.66 -9.67 8.13
N THR C 132 0.94 -10.51 7.41
CA THR C 132 1.34 -10.92 6.09
C THR C 132 0.17 -10.77 5.14
N THR C 133 0.46 -10.36 3.92
CA THR C 133 -0.55 -10.20 2.88
C THR C 133 -0.32 -11.40 1.98
N ALA C 134 -1.15 -12.40 2.18
CA ALA C 134 -1.05 -13.66 1.47
C ALA C 134 -1.99 -13.59 0.29
N ALA C 135 -1.58 -14.20 -0.80
CA ALA C 135 -2.34 -14.12 -2.03
C ALA C 135 -3.26 -15.31 -2.08
N CYS C 136 -4.54 -15.01 -2.27
CA CYS C 136 -5.56 -16.02 -2.44
C CYS C 136 -6.44 -15.72 -3.64
N MET C 137 -6.44 -16.66 -4.57
CA MET C 137 -7.20 -16.49 -5.80
C MET C 137 -8.64 -16.90 -5.55
N MET C 138 -9.58 -16.06 -5.91
CA MET C 138 -10.96 -16.36 -5.62
C MET C 138 -11.67 -16.79 -6.89
N ASP C 139 -12.70 -17.60 -6.71
CA ASP C 139 -13.51 -18.04 -7.84
C ASP C 139 -14.80 -17.26 -7.66
N LEU C 140 -14.97 -16.24 -8.48
CA LEU C 140 -16.09 -15.32 -8.32
C LEU C 140 -17.20 -15.62 -9.31
N ARG C 141 -17.39 -16.90 -9.67
CA ARG C 141 -18.49 -17.22 -10.58
C ARG C 141 -19.82 -17.25 -9.86
N ARG C 142 -19.80 -17.26 -8.53
CA ARG C 142 -21.01 -17.25 -7.71
C ARG C 142 -21.03 -16.07 -6.76
N TYR C 143 -20.26 -15.03 -7.04
CA TYR C 143 -20.23 -13.84 -6.19
C TYR C 143 -21.58 -13.13 -6.17
N PRO C 144 -22.06 -12.68 -5.01
CA PRO C 144 -21.52 -12.76 -3.65
C PRO C 144 -22.04 -13.95 -2.82
N LEU C 145 -22.67 -14.91 -3.47
CA LEU C 145 -23.19 -16.15 -2.86
C LEU C 145 -22.15 -17.25 -2.98
N ASP C 146 -20.94 -16.94 -2.53
CA ASP C 146 -19.78 -17.77 -2.76
C ASP C 146 -19.15 -18.19 -1.45
N GLU C 147 -18.36 -19.25 -1.55
CA GLU C 147 -17.56 -19.76 -0.47
C GLU C 147 -16.15 -19.86 -0.99
N GLN C 148 -15.23 -19.16 -0.35
CA GLN C 148 -13.86 -19.20 -0.80
C GLN C 148 -13.09 -20.18 0.03
N ASN C 149 -11.96 -20.61 -0.52
CA ASN C 149 -11.05 -21.48 0.19
C ASN C 149 -9.70 -20.91 -0.20
N CYS C 150 -8.95 -20.42 0.77
CA CYS C 150 -7.58 -20.01 0.52
C CYS C 150 -6.74 -20.18 1.76
N THR C 151 -5.44 -20.13 1.55
CA THR C 151 -4.49 -20.82 2.40
C THR C 151 -3.36 -19.90 2.81
N LEU C 152 -2.53 -20.47 3.67
CA LEU C 152 -1.24 -19.90 4.03
C LEU C 152 -0.35 -21.12 3.89
N GLU C 153 0.66 -21.03 3.04
CA GLU C 153 1.55 -22.15 2.86
C GLU C 153 2.78 -21.90 3.70
N ILE C 154 3.23 -22.91 4.42
CA ILE C 154 4.36 -22.77 5.31
C ILE C 154 5.40 -23.79 4.90
N GLU C 155 6.54 -23.32 4.39
CA GLU C 155 7.54 -24.19 3.82
C GLU C 155 8.90 -23.82 4.38
N SER C 156 9.87 -24.71 4.19
CA SER C 156 11.26 -24.47 4.54
C SER C 156 11.95 -24.14 3.23
N TYR C 157 12.76 -23.08 3.23
CA TYR C 157 13.38 -22.67 1.98
C TYR C 157 14.65 -23.46 1.72
N GLY C 158 15.58 -23.47 2.67
CA GLY C 158 16.88 -24.02 2.37
C GLY C 158 16.99 -25.50 2.64
N TYR C 159 16.34 -25.96 3.69
CA TYR C 159 16.51 -27.33 4.15
C TYR C 159 15.41 -28.21 3.55
N THR C 160 15.83 -29.30 2.91
CA THR C 160 14.92 -30.22 2.27
C THR C 160 14.24 -31.11 3.32
N THR C 161 13.46 -32.07 2.83
CA THR C 161 12.72 -32.92 3.76
C THR C 161 13.60 -33.96 4.44
N ASP C 162 14.85 -34.09 4.01
CA ASP C 162 15.82 -34.94 4.69
C ASP C 162 16.77 -34.14 5.56
N ASP C 163 16.48 -32.84 5.75
CA ASP C 163 17.21 -31.97 6.66
C ASP C 163 16.34 -31.35 7.73
N ILE C 164 15.03 -31.32 7.53
CA ILE C 164 14.12 -30.63 8.44
C ILE C 164 12.76 -31.29 8.28
N GLU C 165 11.96 -31.22 9.34
CA GLU C 165 10.63 -31.79 9.34
C GLU C 165 9.68 -30.77 9.93
N PHE C 166 8.56 -30.57 9.26
CA PHE C 166 7.53 -29.66 9.75
C PHE C 166 6.37 -30.49 10.24
N TYR C 167 5.74 -30.04 11.31
CA TYR C 167 4.53 -30.66 11.83
C TYR C 167 3.82 -29.64 12.70
N TRP C 168 2.51 -29.79 12.80
CA TRP C 168 1.72 -28.94 13.67
C TRP C 168 1.87 -29.41 15.11
N ARG C 169 2.21 -28.48 16.01
CA ARG C 169 2.42 -28.81 17.40
C ARG C 169 1.06 -28.96 18.07
N GLY C 170 0.53 -30.18 18.04
CA GLY C 170 -0.79 -30.49 18.53
C GLY C 170 -1.67 -31.16 17.48
N ASP C 171 -1.54 -30.72 16.23
CA ASP C 171 -2.14 -31.26 14.99
C ASP C 171 -3.63 -31.03 14.88
N ASP C 172 -4.28 -30.59 15.97
CA ASP C 172 -5.65 -30.13 15.90
C ASP C 172 -5.81 -28.85 16.71
N ASN C 173 -4.94 -28.66 17.69
CA ASN C 173 -4.91 -27.45 18.50
C ASN C 173 -3.71 -26.56 18.18
N ALA C 174 -3.11 -26.74 17.01
CA ALA C 174 -1.94 -25.93 16.66
C ALA C 174 -2.36 -24.51 16.29
N VAL C 175 -3.54 -24.35 15.70
CA VAL C 175 -4.03 -23.05 15.30
C VAL C 175 -5.20 -22.69 16.20
N THR C 176 -5.05 -21.60 16.95
CA THR C 176 -6.05 -21.12 17.88
C THR C 176 -6.45 -19.70 17.50
N GLY C 177 -7.57 -19.26 18.07
CA GLY C 177 -8.04 -17.91 17.85
C GLY C 177 -8.84 -17.73 16.60
N VAL C 178 -9.31 -18.80 15.98
CA VAL C 178 -10.07 -18.70 14.74
C VAL C 178 -11.54 -18.41 15.03
N THR C 179 -12.08 -18.98 16.11
CA THR C 179 -13.49 -18.79 16.44
C THR C 179 -13.76 -17.40 16.98
N LYS C 180 -12.72 -16.68 17.38
CA LYS C 180 -12.84 -15.33 17.91
C LYS C 180 -12.60 -14.28 16.84
N ILE C 181 -12.44 -14.70 15.59
CA ILE C 181 -12.18 -13.76 14.51
C ILE C 181 -13.53 -13.28 13.97
N GLU C 182 -13.71 -11.97 13.89
CA GLU C 182 -14.94 -11.40 13.37
C GLU C 182 -14.56 -10.59 12.14
N LEU C 183 -15.14 -10.95 11.03
CA LEU C 183 -14.93 -10.24 9.79
C LEU C 183 -16.16 -9.42 9.44
N PRO C 184 -16.02 -8.28 8.77
CA PRO C 184 -17.21 -7.49 8.45
C PRO C 184 -18.03 -8.08 7.33
N GLN C 185 -17.43 -8.88 6.47
CA GLN C 185 -18.05 -9.38 5.25
C GLN C 185 -18.14 -10.89 5.20
N PHE C 186 -17.18 -11.61 5.79
CA PHE C 186 -17.14 -13.07 5.69
C PHE C 186 -17.45 -13.67 7.05
N SER C 187 -17.37 -15.00 7.11
CA SER C 187 -17.54 -15.72 8.37
C SER C 187 -16.80 -17.05 8.25
N ILE C 188 -15.83 -17.28 9.13
CA ILE C 188 -15.02 -18.50 9.07
C ILE C 188 -15.90 -19.69 9.41
N VAL C 189 -16.13 -20.56 8.43
CA VAL C 189 -16.96 -21.74 8.63
C VAL C 189 -16.13 -22.93 9.10
N ASP C 190 -14.92 -23.09 8.57
CA ASP C 190 -14.08 -24.24 8.84
C ASP C 190 -12.64 -23.88 8.54
N TYR C 191 -11.71 -24.61 9.15
CA TYR C 191 -10.30 -24.45 8.88
C TYR C 191 -9.63 -25.81 8.98
N LYS C 192 -8.54 -25.99 8.24
CA LYS C 192 -7.92 -27.30 8.14
C LYS C 192 -6.41 -27.14 8.21
N LEU C 193 -5.76 -28.16 8.76
CA LEU C 193 -4.30 -28.22 8.87
C LEU C 193 -3.84 -29.41 8.05
N ILE C 194 -2.77 -29.20 7.27
CA ILE C 194 -2.31 -30.19 6.31
C ILE C 194 -0.79 -30.26 6.42
N THR C 195 -0.26 -31.48 6.42
CA THR C 195 1.17 -31.73 6.29
C THR C 195 1.37 -32.32 4.90
N LYS C 196 2.52 -32.02 4.30
CA LYS C 196 2.72 -32.35 2.90
C LYS C 196 4.21 -32.32 2.61
N LYS C 197 4.58 -32.80 1.41
CA LYS C 197 5.94 -32.68 0.91
C LYS C 197 5.83 -32.24 -0.54
N VAL C 198 6.47 -31.13 -0.87
CA VAL C 198 6.44 -30.65 -2.25
C VAL C 198 7.78 -30.96 -2.92
N VAL C 199 7.77 -31.00 -4.24
CA VAL C 199 8.94 -31.41 -5.00
C VAL C 199 9.24 -30.33 -6.03
N PHE C 200 10.42 -29.72 -5.92
CA PHE C 200 10.93 -28.75 -6.87
C PHE C 200 12.13 -29.36 -7.59
N SER C 201 12.74 -28.57 -8.47
CA SER C 201 13.94 -29.02 -9.19
C SER C 201 15.18 -29.09 -8.32
N THR C 202 15.12 -28.59 -7.08
CA THR C 202 16.28 -28.64 -6.18
C THR C 202 16.17 -29.72 -5.12
N GLY C 203 14.97 -30.23 -4.87
CA GLY C 203 14.80 -31.26 -3.87
C GLY C 203 13.36 -31.39 -3.47
N SER C 204 13.14 -32.11 -2.38
CA SER C 204 11.83 -32.31 -1.80
C SER C 204 11.76 -31.56 -0.49
N TYR C 205 10.72 -30.75 -0.31
CA TYR C 205 10.67 -29.86 0.83
C TYR C 205 9.42 -30.11 1.65
N PRO C 206 9.49 -30.00 2.97
CA PRO C 206 8.29 -30.18 3.77
C PRO C 206 7.42 -28.95 3.69
N ARG C 207 6.12 -29.15 3.86
CA ARG C 207 5.20 -28.04 3.78
C ARG C 207 4.06 -28.26 4.75
N LEU C 208 3.64 -27.18 5.39
CA LEU C 208 2.40 -27.13 6.13
C LEU C 208 1.49 -26.13 5.46
N SER C 209 0.20 -26.34 5.62
CA SER C 209 -0.79 -25.51 4.96
C SER C 209 -1.92 -25.29 5.94
N LEU C 210 -2.29 -24.03 6.11
CA LEU C 210 -3.39 -23.65 6.97
C LEU C 210 -4.38 -22.99 6.04
N SER C 211 -5.55 -23.59 5.95
CA SER C 211 -6.55 -23.22 4.97
C SER C 211 -7.77 -22.75 5.72
N PHE C 212 -8.40 -21.71 5.21
CA PHE C 212 -9.65 -21.24 5.76
C PHE C 212 -10.70 -21.35 4.68
N LYS C 213 -11.92 -21.61 5.12
CA LYS C 213 -13.04 -21.54 4.20
C LYS C 213 -13.89 -20.41 4.74
N LEU C 214 -14.18 -19.44 3.89
CA LEU C 214 -14.89 -18.23 4.30
C LEU C 214 -16.16 -18.13 3.49
N LYS C 215 -17.28 -18.02 4.20
CA LYS C 215 -18.56 -17.82 3.56
C LYS C 215 -18.89 -16.35 3.65
N ARG C 216 -19.27 -15.78 2.52
CA ARG C 216 -19.50 -14.36 2.44
C ARG C 216 -20.90 -14.12 2.97
N ASN C 217 -21.08 -13.04 3.70
CA ASN C 217 -22.41 -12.73 4.15
C ASN C 217 -23.21 -12.17 2.99
N ILE C 218 -24.53 -12.21 3.13
CA ILE C 218 -25.42 -11.91 2.02
C ILE C 218 -26.31 -10.71 2.31
N GLY C 219 -26.54 -10.39 3.59
CA GLY C 219 -27.48 -9.34 3.96
C GLY C 219 -27.05 -7.99 3.40
N TYR C 220 -25.75 -7.71 3.49
CA TYR C 220 -25.19 -6.47 2.95
C TYR C 220 -25.45 -6.38 1.46
N PHE C 221 -25.13 -7.45 0.73
CA PHE C 221 -25.31 -7.46 -0.70
C PHE C 221 -26.78 -7.41 -1.08
N ILE C 222 -27.65 -8.07 -0.30
CA ILE C 222 -29.10 -7.95 -0.53
C ILE C 222 -29.50 -6.49 -0.50
N LEU C 223 -29.34 -5.84 0.67
CA LEU C 223 -29.79 -4.46 0.84
C LEU C 223 -29.02 -3.47 -0.03
N GLN C 224 -27.80 -3.81 -0.47
CA GLN C 224 -27.01 -2.87 -1.24
C GLN C 224 -27.24 -2.97 -2.74
N THR C 225 -27.37 -4.17 -3.28
CA THR C 225 -27.44 -4.29 -4.73
C THR C 225 -28.67 -5.07 -5.18
N TYR C 226 -29.07 -6.13 -4.46
CA TYR C 226 -30.10 -6.97 -5.05
C TYR C 226 -31.45 -6.31 -4.84
N MET C 227 -31.65 -5.72 -3.67
CA MET C 227 -32.87 -4.99 -3.36
C MET C 227 -33.05 -3.72 -4.19
N PRO C 228 -32.03 -2.84 -4.37
CA PRO C 228 -32.24 -1.65 -5.23
C PRO C 228 -32.60 -2.03 -6.66
N SER C 229 -31.97 -3.06 -7.22
CA SER C 229 -32.25 -3.47 -8.60
C SER C 229 -33.68 -4.02 -8.70
N ILE C 230 -34.10 -4.81 -7.71
CA ILE C 230 -35.48 -5.29 -7.67
C ILE C 230 -36.42 -4.10 -7.56
N LEU C 231 -36.03 -3.07 -6.79
CA LEU C 231 -36.87 -1.89 -6.64
C LEU C 231 -36.99 -1.11 -7.95
N ILE C 232 -35.89 -1.01 -8.71
CA ILE C 232 -35.95 -0.36 -10.02
C ILE C 232 -36.84 -1.17 -10.96
N THR C 233 -36.79 -2.50 -10.85
CA THR C 233 -37.64 -3.35 -11.68
C THR C 233 -39.11 -3.22 -11.27
N ILE C 234 -39.39 -3.02 -9.98
CA ILE C 234 -40.74 -2.74 -9.52
C ILE C 234 -41.20 -1.39 -10.07
N LEU C 235 -40.29 -0.40 -10.01
CA LEU C 235 -40.57 0.95 -10.49
C LEU C 235 -40.88 0.95 -11.98
N SER C 236 -40.16 0.15 -12.75
CA SER C 236 -40.37 0.10 -14.20
C SER C 236 -41.68 -0.59 -14.58
N TRP C 237 -42.48 -1.00 -13.59
CA TRP C 237 -43.75 -1.65 -13.86
C TRP C 237 -44.89 -0.66 -13.75
N VAL C 238 -44.63 0.51 -13.14
CA VAL C 238 -45.65 1.54 -13.08
C VAL C 238 -45.87 2.18 -14.46
N SER C 239 -45.11 1.76 -15.47
CA SER C 239 -45.31 2.24 -16.83
C SER C 239 -46.57 1.66 -17.44
N PHE C 240 -47.05 0.53 -16.92
CA PHE C 240 -48.26 -0.06 -17.45
C PHE C 240 -49.50 0.55 -16.82
N TRP C 241 -49.41 0.95 -15.55
CA TRP C 241 -50.53 1.60 -14.87
C TRP C 241 -50.86 2.96 -15.48
N ILE C 242 -49.87 3.63 -16.07
CA ILE C 242 -50.15 4.87 -16.79
C ILE C 242 -50.89 4.51 -18.07
N ASN C 243 -51.88 5.33 -18.43
CA ASN C 243 -52.67 5.11 -19.63
C ASN C 243 -51.80 5.22 -20.88
N TYR C 244 -52.13 4.43 -21.90
CA TYR C 244 -51.37 4.43 -23.15
C TYR C 244 -51.56 5.68 -24.00
N ASP C 245 -52.34 6.67 -23.56
CA ASP C 245 -52.45 7.91 -24.30
C ASP C 245 -51.27 8.81 -23.99
N ALA C 246 -51.00 9.04 -22.71
CA ALA C 246 -49.85 9.81 -22.27
C ALA C 246 -48.59 9.03 -22.64
N SER C 247 -47.84 9.53 -23.61
CA SER C 247 -46.67 8.84 -24.12
C SER C 247 -45.38 9.26 -23.43
N ALA C 248 -45.20 10.57 -23.21
CA ALA C 248 -43.96 11.12 -22.65
C ALA C 248 -43.63 10.54 -21.28
N ALA C 249 -44.66 10.35 -20.44
CA ALA C 249 -44.48 9.82 -19.10
C ALA C 249 -43.90 8.41 -19.12
N ARG C 250 -44.48 7.53 -19.93
CA ARG C 250 -44.04 6.13 -19.98
C ARG C 250 -42.64 6.03 -20.57
N VAL C 251 -42.32 6.84 -21.58
CA VAL C 251 -40.98 6.85 -22.17
C VAL C 251 -39.96 7.31 -21.16
N ALA C 252 -40.23 8.45 -20.50
CA ALA C 252 -39.32 8.97 -19.47
C ALA C 252 -39.09 7.95 -18.37
N LEU C 253 -40.16 7.32 -17.88
CA LEU C 253 -40.07 6.34 -16.80
C LEU C 253 -39.24 5.12 -17.21
N GLY C 254 -39.61 4.49 -18.33
CA GLY C 254 -38.89 3.30 -18.77
C GLY C 254 -37.44 3.56 -19.13
N ILE C 255 -37.18 4.65 -19.85
CA ILE C 255 -35.82 5.00 -20.25
C ILE C 255 -34.95 5.31 -19.04
N THR C 256 -35.49 6.02 -18.04
CA THR C 256 -34.66 6.30 -16.88
C THR C 256 -34.39 5.04 -16.05
N THR C 257 -35.36 4.12 -15.97
CA THR C 257 -35.08 2.85 -15.27
C THR C 257 -34.04 2.00 -15.98
N VAL C 258 -34.11 1.89 -17.32
CA VAL C 258 -33.10 1.12 -18.05
C VAL C 258 -31.71 1.76 -17.87
N LEU C 259 -31.66 3.10 -17.93
CA LEU C 259 -30.40 3.81 -17.75
C LEU C 259 -29.86 3.64 -16.32
N THR C 260 -30.74 3.67 -15.33
CA THR C 260 -30.31 3.46 -13.95
C THR C 260 -29.78 2.06 -13.75
N MET C 261 -30.42 1.06 -14.37
CA MET C 261 -29.93 -0.31 -14.28
C MET C 261 -28.55 -0.48 -14.91
N THR C 262 -28.34 0.08 -16.12
CA THR C 262 -27.02 -0.01 -16.74
C THR C 262 -25.96 0.73 -15.92
N THR C 263 -26.28 1.94 -15.39
CA THR C 263 -25.33 2.69 -14.57
C THR C 263 -24.95 1.91 -13.31
N ILE C 264 -25.94 1.33 -12.62
CA ILE C 264 -25.71 0.50 -11.44
C ILE C 264 -24.80 -0.67 -11.77
N ASN C 265 -25.08 -1.35 -12.90
CA ASN C 265 -24.31 -2.53 -13.28
C ASN C 265 -22.85 -2.15 -13.59
N THR C 266 -22.63 -1.09 -14.37
CA THR C 266 -21.26 -0.68 -14.71
C THR C 266 -20.49 -0.19 -13.48
N HIS C 267 -21.17 0.47 -12.53
CA HIS C 267 -20.47 0.97 -11.35
C HIS C 267 -20.15 -0.16 -10.39
N LEU C 268 -20.97 -1.21 -10.43
CA LEU C 268 -20.71 -2.27 -9.49
C LEU C 268 -20.03 -3.40 -10.23
N ARG C 269 -19.57 -3.08 -11.44
CA ARG C 269 -18.73 -4.00 -12.16
C ARG C 269 -17.33 -3.45 -12.01
N GLU C 270 -17.22 -2.11 -11.90
CA GLU C 270 -15.90 -1.54 -11.82
C GLU C 270 -15.44 -1.48 -10.38
N THR C 271 -16.24 -2.00 -9.44
CA THR C 271 -15.82 -1.92 -8.05
C THR C 271 -15.25 -3.28 -7.62
N LEU C 272 -14.97 -4.15 -8.62
CA LEU C 272 -14.44 -5.51 -8.65
C LEU C 272 -13.27 -5.62 -9.62
N PRO C 273 -12.51 -6.73 -9.61
CA PRO C 273 -11.51 -6.93 -10.67
C PRO C 273 -12.14 -7.21 -12.03
N LYS C 274 -11.29 -7.19 -13.04
CA LYS C 274 -11.71 -7.35 -14.41
C LYS C 274 -11.75 -8.83 -14.78
N ILE C 275 -12.69 -9.56 -14.19
CA ILE C 275 -12.82 -10.99 -14.41
C ILE C 275 -13.72 -11.26 -15.61
N PRO C 276 -13.34 -12.20 -16.48
CA PRO C 276 -14.12 -12.41 -17.71
C PRO C 276 -15.47 -13.06 -17.49
N TYR C 277 -15.53 -14.07 -16.60
CA TYR C 277 -16.73 -14.86 -16.39
C TYR C 277 -17.87 -14.02 -15.81
N VAL C 278 -19.07 -14.56 -15.93
CA VAL C 278 -20.29 -13.91 -15.48
C VAL C 278 -20.52 -14.36 -14.05
N LYS C 279 -20.55 -13.40 -13.14
CA LYS C 279 -20.80 -13.68 -11.73
C LYS C 279 -22.28 -13.94 -11.50
N ALA C 280 -22.63 -14.24 -10.24
CA ALA C 280 -24.03 -14.45 -9.93
C ALA C 280 -24.74 -13.12 -9.91
N ILE C 281 -24.07 -12.12 -9.34
CA ILE C 281 -24.59 -10.77 -9.25
C ILE C 281 -24.76 -10.18 -10.65
N ASP C 282 -23.86 -10.53 -11.57
CA ASP C 282 -24.00 -10.11 -12.96
C ASP C 282 -25.19 -10.77 -13.63
N MET C 283 -25.43 -12.05 -13.33
CA MET C 283 -26.61 -12.74 -13.83
C MET C 283 -27.89 -12.07 -13.36
N TYR C 284 -27.95 -11.70 -12.06
CA TYR C 284 -29.14 -11.03 -11.54
C TYR C 284 -29.33 -9.66 -12.19
N LEU C 285 -28.23 -8.90 -12.35
CA LEU C 285 -28.34 -7.58 -12.95
C LEU C 285 -28.76 -7.68 -14.41
N MET C 286 -28.24 -8.65 -15.16
CA MET C 286 -28.67 -8.82 -16.53
C MET C 286 -30.12 -9.28 -16.61
N GLY C 287 -30.57 -10.09 -15.64
CA GLY C 287 -31.98 -10.46 -15.59
C GLY C 287 -32.89 -9.27 -15.35
N CYS C 288 -32.55 -8.45 -14.35
CA CYS C 288 -33.32 -7.22 -14.08
C CYS C 288 -33.28 -6.27 -15.26
N PHE C 289 -32.12 -6.18 -15.91
CA PHE C 289 -31.95 -5.31 -17.07
C PHE C 289 -32.80 -5.77 -18.24
N VAL C 290 -32.81 -7.08 -18.51
CA VAL C 290 -33.65 -7.62 -19.58
C VAL C 290 -35.11 -7.39 -19.25
N PHE C 291 -35.47 -7.48 -17.97
CA PHE C 291 -36.85 -7.22 -17.56
C PHE C 291 -37.27 -5.77 -17.82
N VAL C 292 -36.47 -4.79 -17.39
CA VAL C 292 -36.85 -3.40 -17.62
C VAL C 292 -36.80 -3.07 -19.12
N PHE C 293 -35.87 -3.68 -19.85
CA PHE C 293 -35.78 -3.50 -21.30
C PHE C 293 -37.03 -4.03 -21.99
N MET C 294 -37.46 -5.23 -21.61
CA MET C 294 -38.68 -5.81 -22.19
C MET C 294 -39.90 -5.01 -21.80
N ALA C 295 -39.91 -4.39 -20.61
CA ALA C 295 -41.02 -3.51 -20.26
C ALA C 295 -41.09 -2.33 -21.21
N LEU C 296 -39.94 -1.73 -21.52
CA LEU C 296 -39.92 -0.63 -22.48
C LEU C 296 -40.32 -1.08 -23.88
N LEU C 297 -39.85 -2.27 -24.31
CA LEU C 297 -40.26 -2.80 -25.61
C LEU C 297 -41.75 -3.09 -25.69
N GLU C 298 -42.36 -3.62 -24.61
CA GLU C 298 -43.81 -3.84 -24.60
C GLU C 298 -44.55 -2.52 -24.71
N TYR C 299 -44.06 -1.48 -24.01
CA TYR C 299 -44.68 -0.16 -24.17
C TYR C 299 -44.57 0.33 -25.60
N ALA C 300 -43.39 0.15 -26.22
CA ALA C 300 -43.19 0.56 -27.61
C ALA C 300 -44.15 -0.17 -28.54
N LEU C 301 -44.37 -1.45 -28.29
CA LEU C 301 -45.30 -2.22 -29.11
C LEU C 301 -46.73 -1.75 -28.90
N VAL C 302 -47.08 -1.40 -27.65
CA VAL C 302 -48.41 -0.83 -27.36
C VAL C 302 -48.60 0.50 -28.08
N ASN C 303 -47.55 1.32 -28.12
CA ASN C 303 -47.65 2.62 -28.80
C ASN C 303 -47.67 2.44 -30.31
N TYR C 304 -47.11 1.33 -30.81
CA TYR C 304 -47.06 1.11 -32.25
C TYR C 304 -48.44 0.80 -32.80
N ILE C 305 -49.26 0.08 -32.03
CA ILE C 305 -50.58 -0.33 -32.48
C ILE C 305 -51.69 0.36 -31.70
N PHE C 306 -51.44 1.56 -31.19
CA PHE C 306 -52.47 2.30 -30.48
C PHE C 306 -53.38 3.04 -31.44
N PHE C 307 -52.80 3.56 -32.54
CA PHE C 307 -53.58 4.32 -33.51
C PHE C 307 -54.55 3.43 -34.28
N SER C 308 -54.23 2.13 -34.41
CA SER C 308 -55.03 1.26 -35.26
C SER C 308 -56.18 0.64 -34.47
N GLN C 309 -55.86 -0.04 -33.37
CA GLN C 309 -56.94 -0.59 -32.54
C GLN C 309 -56.59 -0.33 -31.08
N PRO C 310 -57.51 0.18 -30.28
CA PRO C 310 -57.19 0.38 -28.86
C PRO C 310 -57.49 -0.85 -28.02
N ALA C 311 -58.29 -1.77 -28.56
CA ALA C 311 -58.66 -2.98 -27.82
C ALA C 311 -57.45 -3.86 -27.55
N ARG C 312 -56.68 -4.18 -28.60
CA ARG C 312 -55.48 -4.98 -28.46
C ARG C 312 -54.42 -4.30 -27.60
N ALA C 313 -54.32 -2.96 -27.67
CA ALA C 313 -53.36 -2.23 -26.84
C ALA C 313 -53.68 -2.38 -25.37
N ALA C 314 -54.94 -2.14 -25.00
CA ALA C 314 -55.38 -2.31 -23.62
C ALA C 314 -55.24 -3.75 -23.16
N ALA C 315 -55.51 -4.71 -24.06
CA ALA C 315 -55.34 -6.13 -23.74
C ALA C 315 -53.89 -6.48 -23.43
N ILE C 316 -52.95 -5.98 -24.25
CA ILE C 316 -51.52 -6.23 -24.01
C ILE C 316 -51.08 -5.56 -22.72
N ASP C 317 -51.62 -4.37 -22.43
CA ASP C 317 -51.29 -3.65 -21.19
C ASP C 317 -51.77 -4.43 -19.97
N ARG C 318 -53.02 -4.91 -20.00
CA ARG C 318 -53.55 -5.68 -18.87
C ARG C 318 -52.91 -7.06 -18.76
N TRP C 319 -52.38 -7.58 -19.88
CA TRP C 319 -51.64 -8.83 -19.84
C TRP C 319 -50.27 -8.62 -19.22
N SER C 320 -49.63 -7.49 -19.55
CA SER C 320 -48.32 -7.16 -18.98
C SER C 320 -48.44 -6.94 -17.48
N ARG C 321 -49.45 -6.19 -17.03
CA ARG C 321 -49.65 -5.91 -15.61
C ARG C 321 -49.83 -7.15 -14.74
N ILE C 322 -50.16 -8.30 -15.33
CA ILE C 322 -50.37 -9.52 -14.56
C ILE C 322 -49.17 -10.43 -14.78
N PHE C 323 -48.58 -10.42 -15.98
CA PHE C 323 -47.56 -11.40 -16.30
C PHE C 323 -46.14 -10.91 -16.13
N PHE C 324 -45.90 -9.63 -15.89
CA PHE C 324 -44.50 -9.24 -15.66
C PHE C 324 -44.08 -9.58 -14.23
N PRO C 325 -44.81 -9.21 -13.15
CA PRO C 325 -44.36 -9.62 -11.81
C PRO C 325 -44.30 -11.13 -11.61
N VAL C 326 -45.21 -11.90 -12.22
CA VAL C 326 -45.20 -13.35 -12.06
C VAL C 326 -43.96 -13.97 -12.69
N VAL C 327 -43.63 -13.59 -13.92
CA VAL C 327 -42.43 -14.15 -14.56
C VAL C 327 -41.17 -13.65 -13.84
N PHE C 328 -41.18 -12.40 -13.34
CA PHE C 328 -40.05 -11.90 -12.56
C PHE C 328 -39.86 -12.70 -11.29
N SER C 329 -40.95 -12.99 -10.58
CA SER C 329 -40.85 -13.79 -9.36
C SER C 329 -40.41 -15.22 -9.68
N PHE C 330 -40.85 -15.75 -10.84
CA PHE C 330 -40.39 -17.07 -11.27
C PHE C 330 -38.89 -17.08 -11.52
N PHE C 331 -38.39 -16.08 -12.25
CA PHE C 331 -36.95 -15.92 -12.47
C PHE C 331 -36.21 -15.76 -11.15
N ASN C 332 -36.78 -14.96 -10.25
CA ASN C 332 -36.19 -14.68 -8.95
C ASN C 332 -36.07 -15.95 -8.12
N ILE C 333 -37.10 -16.81 -8.18
CA ILE C 333 -37.11 -18.08 -7.44
C ILE C 333 -36.10 -19.04 -8.06
N VAL C 334 -36.03 -19.10 -9.39
CA VAL C 334 -35.04 -19.92 -10.09
C VAL C 334 -33.63 -19.49 -9.70
N TYR C 335 -33.40 -18.18 -9.62
CA TYR C 335 -32.10 -17.64 -9.24
C TYR C 335 -31.73 -18.02 -7.81
N TRP C 336 -32.63 -17.73 -6.86
CA TRP C 336 -32.31 -17.99 -5.46
C TRP C 336 -32.43 -19.46 -5.09
N LEU C 337 -32.83 -20.33 -6.02
CA LEU C 337 -32.73 -21.75 -5.75
C LEU C 337 -31.56 -22.38 -6.47
N TYR C 338 -31.09 -21.76 -7.56
CA TYR C 338 -29.92 -22.29 -8.24
C TYR C 338 -28.63 -21.82 -7.60
N TYR C 339 -28.63 -20.64 -6.98
CA TYR C 339 -27.38 -20.12 -6.45
C TYR C 339 -27.22 -20.30 -4.95
N VAL C 340 -28.32 -20.47 -4.21
CA VAL C 340 -28.22 -20.74 -2.78
C VAL C 340 -28.03 -22.24 -2.55
N ASP D 10 29.74 -35.76 17.73
CA ASP D 10 30.05 -34.34 17.61
C ASP D 10 30.53 -34.09 16.18
N ASN D 11 29.59 -34.08 15.25
CA ASN D 11 29.88 -33.81 13.85
C ASN D 11 29.72 -32.33 13.50
N THR D 12 29.61 -31.48 14.51
CA THR D 12 29.46 -30.06 14.19
C THR D 12 30.81 -29.40 14.31
N THR D 13 31.73 -30.01 15.05
CA THR D 13 33.05 -29.43 15.13
C THR D 13 33.75 -29.71 13.82
N VAL D 14 33.49 -30.90 13.26
CA VAL D 14 34.05 -31.29 11.98
C VAL D 14 33.53 -30.40 10.86
N PHE D 15 32.21 -30.15 10.82
CA PHE D 15 31.73 -29.25 9.77
C PHE D 15 32.13 -27.80 10.00
N THR D 16 32.26 -27.36 11.26
CA THR D 16 32.78 -26.02 11.53
C THR D 16 34.22 -25.87 11.04
N ARG D 17 35.05 -26.89 11.26
CA ARG D 17 36.43 -26.86 10.77
C ARG D 17 36.48 -26.85 9.25
N ILE D 18 35.57 -27.61 8.60
CA ILE D 18 35.47 -27.59 7.14
C ILE D 18 35.11 -26.18 6.65
N LEU D 19 34.05 -25.60 7.21
CA LEU D 19 33.60 -24.28 6.78
C LEU D 19 34.63 -23.19 7.09
N ASP D 20 35.43 -23.37 8.14
CA ASP D 20 36.46 -22.37 8.44
C ASP D 20 37.68 -22.53 7.54
N ARG D 21 37.96 -23.75 7.10
CA ARG D 21 39.04 -23.96 6.14
C ARG D 21 38.60 -23.50 4.75
N LEU D 22 37.31 -23.61 4.46
CA LEU D 22 36.74 -23.17 3.20
C LEU D 22 36.87 -21.66 3.04
N LEU D 23 36.79 -20.93 4.16
CA LEU D 23 36.78 -19.47 4.17
C LEU D 23 38.14 -18.89 4.54
N ASP D 24 39.19 -19.70 4.58
CA ASP D 24 40.52 -19.21 4.94
C ASP D 24 41.22 -18.68 3.70
N GLY D 25 41.33 -17.36 3.61
CA GLY D 25 41.92 -16.76 2.43
C GLY D 25 40.97 -16.61 1.28
N TYR D 26 39.68 -16.58 1.54
CA TYR D 26 38.69 -16.41 0.48
C TYR D 26 38.38 -14.93 0.32
N ASP D 27 38.44 -14.46 -0.91
CA ASP D 27 38.20 -13.05 -1.23
C ASP D 27 36.94 -12.99 -2.07
N ASN D 28 35.83 -12.55 -1.49
CA ASN D 28 34.54 -12.50 -2.15
C ASN D 28 34.36 -11.28 -3.06
N ARG D 29 35.43 -10.54 -3.33
CA ARG D 29 35.44 -9.45 -4.29
C ARG D 29 35.94 -9.90 -5.66
N LEU D 30 36.29 -11.17 -5.79
CA LEU D 30 36.90 -11.72 -7.00
C LEU D 30 36.03 -12.86 -7.52
N ARG D 31 35.79 -12.87 -8.82
CA ARG D 31 34.96 -13.92 -9.40
C ARG D 31 35.80 -15.18 -9.54
N PRO D 32 35.18 -16.36 -9.51
CA PRO D 32 35.95 -17.60 -9.63
C PRO D 32 36.61 -17.75 -11.00
N GLY D 33 37.93 -17.90 -10.99
CA GLY D 33 38.64 -18.00 -12.24
C GLY D 33 38.93 -16.64 -12.82
N LEU D 34 39.38 -15.69 -12.02
CA LEU D 34 39.54 -14.31 -12.47
C LEU D 34 40.68 -14.17 -13.48
N GLY D 35 41.70 -15.01 -13.39
CA GLY D 35 42.86 -14.86 -14.24
C GLY D 35 43.03 -15.93 -15.30
N GLU D 36 42.21 -16.97 -15.27
CA GLU D 36 42.39 -18.10 -16.17
C GLU D 36 41.21 -18.33 -17.10
N ARG D 37 39.97 -18.22 -16.62
CA ARG D 37 38.81 -18.62 -17.42
C ARG D 37 37.71 -17.60 -17.26
N VAL D 38 36.55 -17.93 -17.83
CA VAL D 38 35.37 -17.07 -17.82
C VAL D 38 34.37 -17.72 -16.89
N THR D 39 33.84 -16.93 -15.95
CA THR D 39 32.84 -17.43 -15.01
C THR D 39 31.55 -17.73 -15.76
N GLU D 40 31.06 -18.94 -15.63
CA GLU D 40 29.89 -19.41 -16.35
C GLU D 40 28.81 -19.70 -15.34
N VAL D 41 27.72 -18.95 -15.41
CA VAL D 41 26.64 -19.03 -14.44
C VAL D 41 25.50 -19.74 -15.13
N LYS D 42 24.95 -20.75 -14.48
CA LYS D 42 23.82 -21.49 -15.03
C LYS D 42 22.57 -20.99 -14.35
N THR D 43 21.58 -20.58 -15.12
CA THR D 43 20.41 -19.91 -14.59
C THR D 43 19.18 -20.78 -14.75
N ASP D 44 18.22 -20.51 -13.87
CA ASP D 44 16.98 -21.26 -13.84
C ASP D 44 15.95 -20.36 -13.19
N ILE D 45 14.71 -20.48 -13.65
CA ILE D 45 13.62 -19.66 -13.16
C ILE D 45 12.45 -20.60 -12.94
N PHE D 46 11.92 -20.61 -11.72
CA PHE D 46 10.69 -21.33 -11.43
C PHE D 46 9.66 -20.30 -11.02
N VAL D 47 8.67 -20.07 -11.87
CA VAL D 47 7.65 -19.07 -11.61
C VAL D 47 6.62 -19.74 -10.72
N THR D 48 6.53 -19.29 -9.46
CA THR D 48 5.58 -19.87 -8.54
C THR D 48 4.20 -19.29 -8.72
N SER D 49 4.14 -18.08 -9.28
CA SER D 49 2.88 -17.42 -9.57
C SER D 49 3.17 -16.28 -10.53
N PHE D 50 2.48 -16.27 -11.66
CA PHE D 50 2.59 -15.17 -12.61
C PHE D 50 1.60 -14.13 -12.14
N GLY D 51 2.09 -13.06 -11.52
CA GLY D 51 1.25 -12.11 -10.83
C GLY D 51 0.40 -11.31 -11.78
N PRO D 52 -0.34 -10.35 -11.23
CA PRO D 52 -1.25 -9.58 -12.07
C PRO D 52 -0.50 -8.62 -12.97
N VAL D 53 -1.09 -8.35 -14.13
CA VAL D 53 -0.51 -7.45 -15.10
C VAL D 53 -1.23 -6.11 -14.94
N SER D 54 -0.47 -5.09 -14.57
CA SER D 54 -1.05 -3.77 -14.40
C SER D 54 -0.98 -3.09 -15.76
N ASP D 55 -2.12 -3.02 -16.43
CA ASP D 55 -2.16 -2.46 -17.77
C ASP D 55 -2.04 -0.94 -17.74
N HIS D 56 -2.56 -0.31 -16.68
CA HIS D 56 -2.51 1.13 -16.55
C HIS D 56 -1.10 1.65 -16.32
N ASP D 57 -0.20 0.79 -15.83
CA ASP D 57 1.18 1.16 -15.57
C ASP D 57 2.18 0.55 -16.53
N MET D 58 1.74 -0.30 -17.46
CA MET D 58 2.60 -1.04 -18.41
C MET D 58 3.66 -1.83 -17.66
N GLU D 59 3.20 -2.75 -16.84
CA GLU D 59 4.07 -3.56 -16.00
C GLU D 59 3.32 -4.81 -15.60
N TYR D 60 4.08 -5.76 -15.08
CA TYR D 60 3.51 -7.00 -14.59
C TYR D 60 4.32 -7.43 -13.38
N THR D 61 3.77 -8.36 -12.63
CA THR D 61 4.41 -8.86 -11.43
C THR D 61 4.65 -10.33 -11.65
N ILE D 62 5.71 -10.85 -11.05
CA ILE D 62 6.04 -12.26 -11.19
C ILE D 62 6.82 -12.70 -9.96
N ASP D 63 6.38 -13.79 -9.36
CA ASP D 63 6.99 -14.35 -8.17
C ASP D 63 7.77 -15.57 -8.61
N VAL D 64 9.06 -15.60 -8.31
CA VAL D 64 9.95 -16.59 -8.89
C VAL D 64 10.86 -17.16 -7.81
N PHE D 65 11.26 -18.41 -8.02
CA PHE D 65 12.47 -18.94 -7.45
C PHE D 65 13.52 -18.70 -8.52
N PHE D 66 14.52 -17.89 -8.19
CA PHE D 66 15.54 -17.56 -9.16
C PHE D 66 16.79 -18.31 -8.76
N ARG D 67 17.23 -19.23 -9.62
CA ARG D 67 18.31 -20.13 -9.29
C ARG D 67 19.50 -19.82 -10.17
N GLN D 68 20.68 -19.80 -9.56
CA GLN D 68 21.91 -19.63 -10.29
C GLN D 68 22.88 -20.70 -9.84
N SER D 69 23.79 -21.06 -10.73
CA SER D 69 24.77 -22.08 -10.40
C SER D 69 26.04 -21.79 -11.17
N TRP D 70 27.17 -21.89 -10.49
CA TRP D 70 28.47 -21.69 -11.09
C TRP D 70 29.45 -22.61 -10.39
N LYS D 71 30.73 -22.47 -10.73
CA LYS D 71 31.78 -23.32 -10.20
C LYS D 71 32.85 -22.43 -9.61
N ASP D 72 33.12 -22.62 -8.32
CA ASP D 72 34.13 -21.87 -7.61
C ASP D 72 35.16 -22.83 -7.05
N GLU D 73 36.36 -22.82 -7.65
CA GLU D 73 37.39 -23.76 -7.24
C GLU D 73 38.00 -23.44 -5.88
N ARG D 74 37.60 -22.33 -5.25
CA ARG D 74 38.10 -22.00 -3.94
C ARG D 74 37.22 -22.58 -2.83
N LEU D 75 36.09 -23.16 -3.20
CA LEU D 75 35.14 -23.72 -2.24
C LEU D 75 35.05 -25.22 -2.39
N LYS D 76 36.18 -25.85 -2.69
CA LYS D 76 36.29 -27.30 -2.70
C LYS D 76 36.54 -27.78 -1.28
N PHE D 77 35.95 -28.91 -0.92
CA PHE D 77 36.12 -29.48 0.40
C PHE D 77 36.10 -31.00 0.27
N LYS D 78 36.36 -31.68 1.38
CA LYS D 78 36.29 -33.14 1.35
C LYS D 78 35.81 -33.54 2.74
N GLY D 79 34.56 -33.96 2.84
CA GLY D 79 33.98 -34.37 4.10
C GLY D 79 33.07 -35.56 3.94
N PRO D 80 32.39 -35.95 5.04
CA PRO D 80 31.44 -37.08 4.94
C PRO D 80 30.26 -36.82 4.03
N MET D 81 29.80 -35.56 3.97
CA MET D 81 28.72 -35.19 3.07
C MET D 81 29.30 -34.71 1.74
N THR D 82 28.55 -34.96 0.66
CA THR D 82 28.99 -34.54 -0.66
C THR D 82 28.38 -33.21 -1.05
N VAL D 83 27.37 -32.76 -0.32
CA VAL D 83 26.72 -31.48 -0.55
C VAL D 83 26.41 -30.85 0.80
N LEU D 84 26.84 -29.61 0.96
CA LEU D 84 26.55 -28.81 2.14
C LEU D 84 25.37 -27.93 1.81
N ARG D 85 24.23 -28.18 2.46
CA ARG D 85 23.05 -27.33 2.30
C ARG D 85 23.08 -26.31 3.42
N LEU D 86 23.73 -25.19 3.15
CA LEU D 86 24.08 -24.21 4.16
C LEU D 86 22.96 -23.19 4.33
N ASN D 87 23.26 -22.13 5.08
CA ASN D 87 22.26 -21.14 5.41
C ASN D 87 22.23 -20.03 4.38
N ASN D 88 21.37 -19.05 4.60
CA ASN D 88 21.31 -17.88 3.74
C ASN D 88 22.21 -16.75 4.23
N LEU D 89 23.00 -16.98 5.28
CA LEU D 89 23.98 -16.00 5.73
C LEU D 89 25.40 -16.41 5.40
N MET D 90 25.59 -17.57 4.77
CA MET D 90 26.88 -17.93 4.23
C MET D 90 27.08 -17.37 2.82
N ALA D 91 25.98 -17.12 2.10
CA ALA D 91 26.07 -16.59 0.75
C ALA D 91 26.53 -15.13 0.69
N SER D 92 26.60 -14.45 1.83
CA SER D 92 27.11 -13.08 1.87
C SER D 92 28.60 -13.04 2.09
N LYS D 93 29.20 -14.14 2.53
CA LYS D 93 30.63 -14.22 2.77
C LYS D 93 31.39 -14.69 1.53
N ILE D 94 30.69 -15.12 0.49
CA ILE D 94 31.32 -15.68 -0.69
C ILE D 94 30.88 -14.86 -1.91
N TRP D 95 31.49 -15.17 -3.05
CA TRP D 95 31.15 -14.45 -4.26
C TRP D 95 29.88 -15.03 -4.84
N THR D 96 28.97 -14.16 -5.24
CA THR D 96 27.73 -14.53 -5.89
C THR D 96 27.57 -13.57 -7.05
N PRO D 97 26.99 -13.99 -8.17
CA PRO D 97 26.85 -13.09 -9.31
C PRO D 97 25.82 -12.03 -9.02
N ASP D 98 26.07 -10.86 -9.58
CA ASP D 98 25.21 -9.70 -9.38
C ASP D 98 24.27 -9.52 -10.57
N THR D 99 23.32 -10.45 -10.63
CA THR D 99 22.30 -10.42 -11.65
C THR D 99 21.29 -9.33 -11.31
N PHE D 100 20.91 -8.55 -12.31
CA PHE D 100 19.86 -7.56 -12.14
C PHE D 100 18.94 -7.66 -13.34
N PHE D 101 17.72 -7.19 -13.16
CA PHE D 101 16.72 -7.27 -14.22
C PHE D 101 16.71 -5.97 -14.99
N HIS D 102 16.97 -6.08 -16.30
CA HIS D 102 17.15 -4.91 -17.16
C HIS D 102 15.88 -4.08 -17.26
N ASN D 103 14.71 -4.70 -17.08
CA ASN D 103 13.45 -4.01 -17.18
C ASN D 103 12.66 -4.09 -15.89
N GLY D 104 13.32 -4.44 -14.79
CA GLY D 104 12.67 -4.49 -13.51
C GLY D 104 12.50 -3.09 -12.95
N LYS D 105 11.33 -2.83 -12.37
CA LYS D 105 11.07 -1.48 -11.88
C LYS D 105 11.42 -1.37 -10.42
N LYS D 106 10.76 -2.13 -9.58
CA LYS D 106 10.99 -2.12 -8.15
C LYS D 106 10.68 -3.53 -7.68
N SER D 107 11.71 -4.35 -7.61
CA SER D 107 11.55 -5.72 -7.20
C SER D 107 11.89 -5.85 -5.73
N VAL D 108 11.40 -6.89 -5.11
CA VAL D 108 11.67 -7.14 -3.70
C VAL D 108 12.21 -8.55 -3.57
N ALA D 109 13.02 -8.75 -2.55
CA ALA D 109 13.56 -10.05 -2.18
C ALA D 109 13.04 -10.32 -0.79
N HIS D 110 12.29 -11.40 -0.65
CA HIS D 110 11.56 -11.65 0.57
C HIS D 110 12.53 -12.00 1.69
N ASN D 111 12.18 -11.56 2.89
CA ASN D 111 12.99 -11.62 4.08
C ASN D 111 12.19 -12.20 5.22
N MET D 112 11.18 -12.99 4.87
CA MET D 112 10.22 -13.54 5.81
C MET D 112 10.24 -15.05 5.71
N THR D 113 10.51 -15.75 6.82
CA THR D 113 10.84 -15.17 8.14
C THR D 113 12.32 -14.87 8.25
N MET D 114 13.10 -15.68 7.55
CA MET D 114 14.52 -15.52 7.32
C MET D 114 14.70 -15.11 5.87
N PRO D 115 15.90 -14.58 5.46
CA PRO D 115 16.11 -14.28 4.03
C PRO D 115 15.88 -15.49 3.15
N ASN D 116 14.95 -15.38 2.21
CA ASN D 116 14.58 -16.50 1.34
C ASN D 116 15.66 -16.67 0.30
N LYS D 117 16.75 -17.28 0.73
CA LYS D 117 17.90 -17.57 -0.09
C LYS D 117 18.35 -18.98 0.25
N LEU D 118 19.13 -19.55 -0.65
CA LEU D 118 19.50 -20.94 -0.60
C LEU D 118 20.90 -21.08 -1.14
N LEU D 119 21.77 -21.73 -0.39
CA LEU D 119 23.15 -21.94 -0.83
C LEU D 119 23.47 -23.40 -0.63
N ARG D 120 23.94 -24.04 -1.69
CA ARG D 120 24.39 -25.42 -1.63
C ARG D 120 25.76 -25.49 -2.27
N ILE D 121 26.69 -26.15 -1.61
CA ILE D 121 28.05 -26.30 -2.10
C ILE D 121 28.29 -27.79 -2.30
N THR D 122 28.66 -28.17 -3.51
CA THR D 122 28.94 -29.56 -3.83
C THR D 122 30.43 -29.79 -3.59
N GLU D 123 30.79 -31.05 -3.33
CA GLU D 123 32.14 -31.42 -2.91
C GLU D 123 33.21 -31.06 -3.93
N ASP D 124 32.87 -31.06 -5.22
CA ASP D 124 33.83 -30.79 -6.28
C ASP D 124 33.99 -29.31 -6.56
N GLY D 125 33.21 -28.45 -5.90
CA GLY D 125 33.33 -27.02 -6.03
C GLY D 125 32.14 -26.32 -6.65
N THR D 126 31.10 -27.05 -7.03
CA THR D 126 29.93 -26.46 -7.66
C THR D 126 29.06 -25.82 -6.59
N LEU D 127 28.51 -24.65 -6.88
CA LEU D 127 27.64 -23.90 -5.99
C LEU D 127 26.27 -23.72 -6.62
N LEU D 128 25.24 -24.04 -5.85
CA LEU D 128 23.88 -23.73 -6.26
C LEU D 128 23.33 -22.64 -5.34
N TYR D 129 22.83 -21.59 -5.94
CA TYR D 129 22.39 -20.40 -5.21
C TYR D 129 21.03 -20.02 -5.74
N THR D 130 20.04 -20.06 -4.86
CA THR D 130 18.66 -19.83 -5.23
C THR D 130 18.13 -18.68 -4.38
N MET D 131 17.32 -17.83 -4.99
CA MET D 131 16.67 -16.74 -4.31
C MET D 131 15.19 -16.82 -4.60
N ARG D 132 14.38 -16.29 -3.72
CA ARG D 132 12.95 -16.15 -3.98
C ARG D 132 12.68 -14.67 -3.90
N LEU D 133 12.11 -14.14 -4.96
CA LEU D 133 11.93 -12.72 -5.09
C LEU D 133 10.78 -12.43 -6.03
N THR D 134 10.26 -11.21 -5.90
CA THR D 134 9.11 -10.77 -6.67
C THR D 134 9.61 -9.71 -7.64
N VAL D 135 9.65 -10.03 -8.90
CA VAL D 135 10.08 -9.06 -9.90
C VAL D 135 8.87 -8.26 -10.32
N ARG D 136 9.05 -6.96 -10.44
CA ARG D 136 8.03 -6.07 -10.98
C ARG D 136 8.73 -5.50 -12.20
N ALA D 137 8.40 -6.05 -13.36
CA ALA D 137 9.11 -5.81 -14.60
C ALA D 137 8.28 -4.95 -15.54
N GLU D 138 8.93 -4.44 -16.58
CA GLU D 138 8.30 -3.52 -17.50
C GLU D 138 7.91 -4.27 -18.76
N CYS D 139 6.68 -4.07 -19.19
CA CYS D 139 6.13 -4.75 -20.35
C CYS D 139 5.61 -3.67 -21.28
N PRO D 140 6.34 -3.35 -22.35
CA PRO D 140 5.82 -2.35 -23.28
C PRO D 140 4.71 -2.97 -24.11
N MET D 141 3.56 -2.32 -24.11
CA MET D 141 2.39 -2.87 -24.76
C MET D 141 1.99 -1.99 -25.92
N HIS D 142 1.49 -2.62 -26.97
CA HIS D 142 0.96 -1.91 -28.13
C HIS D 142 -0.54 -2.15 -28.10
N LEU D 143 -1.26 -1.19 -27.52
CA LEU D 143 -2.69 -1.32 -27.32
C LEU D 143 -3.47 -0.81 -28.52
N GLU D 144 -3.14 -1.29 -29.72
CA GLU D 144 -3.88 -0.87 -30.90
C GLU D 144 -5.12 -1.70 -31.12
N ASP D 145 -5.13 -2.96 -30.68
CA ASP D 145 -6.26 -3.85 -30.85
C ASP D 145 -6.99 -4.12 -29.54
N PHE D 146 -6.83 -3.24 -28.55
CA PHE D 146 -7.50 -3.39 -27.25
C PHE D 146 -9.02 -3.44 -27.43
N PRO D 147 -9.72 -4.36 -26.73
CA PRO D 147 -9.20 -5.35 -25.80
C PRO D 147 -9.07 -6.74 -26.38
N MET D 148 -8.63 -6.83 -27.63
CA MET D 148 -8.46 -8.11 -28.33
C MET D 148 -7.02 -8.24 -28.79
N ASP D 149 -6.11 -7.90 -27.89
CA ASP D 149 -4.70 -7.81 -28.17
C ASP D 149 -3.94 -8.92 -27.48
N ALA D 150 -2.77 -9.22 -28.02
CA ALA D 150 -1.87 -10.18 -27.44
C ALA D 150 -0.54 -9.48 -27.18
N HIS D 151 0.16 -9.92 -26.15
CA HIS D 151 1.39 -9.29 -25.73
C HIS D 151 2.45 -10.34 -25.48
N ALA D 152 3.68 -9.87 -25.40
CA ALA D 152 4.83 -10.70 -25.06
C ALA D 152 5.59 -9.87 -24.05
N CYS D 153 5.38 -10.15 -22.78
CA CYS D 153 5.99 -9.36 -21.74
C CYS D 153 7.39 -9.89 -21.50
N PRO D 154 8.42 -9.06 -21.56
CA PRO D 154 9.78 -9.56 -21.44
C PRO D 154 10.25 -9.54 -19.99
N LEU D 155 11.36 -10.24 -19.79
CA LEU D 155 12.06 -10.25 -18.52
C LEU D 155 13.52 -10.44 -18.87
N LYS D 156 14.25 -9.34 -18.97
CA LYS D 156 15.65 -9.39 -19.35
C LYS D 156 16.48 -9.30 -18.08
N PHE D 157 17.42 -10.22 -17.93
CA PHE D 157 18.35 -10.14 -16.83
C PHE D 157 19.75 -10.41 -17.36
N GLY D 158 20.72 -9.87 -16.69
CA GLY D 158 22.09 -10.03 -17.09
C GLY D 158 22.95 -9.69 -15.92
N SER D 159 24.23 -9.45 -16.19
CA SER D 159 25.17 -9.15 -15.13
C SER D 159 25.45 -7.66 -15.10
N TYR D 160 25.35 -7.09 -13.93
CA TYR D 160 25.82 -5.74 -13.70
C TYR D 160 27.27 -5.89 -13.28
N ALA D 161 28.14 -5.03 -13.83
CA ALA D 161 29.56 -4.88 -13.48
C ALA D 161 30.46 -5.94 -14.08
N TYR D 162 29.91 -6.96 -14.72
CA TYR D 162 30.72 -8.03 -15.30
C TYR D 162 30.42 -8.14 -16.78
N THR D 163 31.41 -7.86 -17.61
CA THR D 163 31.26 -7.88 -19.05
C THR D 163 31.21 -9.32 -19.57
N ARG D 164 31.20 -9.45 -20.89
CA ARG D 164 31.07 -10.78 -21.49
C ARG D 164 32.36 -11.57 -21.37
N ALA D 165 33.49 -10.88 -21.27
CA ALA D 165 34.77 -11.57 -21.11
C ALA D 165 35.02 -11.98 -19.66
N GLU D 166 34.08 -11.73 -18.75
CA GLU D 166 34.27 -12.09 -17.35
C GLU D 166 33.21 -13.06 -16.85
N VAL D 167 31.94 -12.77 -17.10
CA VAL D 167 30.84 -13.58 -16.61
C VAL D 167 29.87 -13.79 -17.76
N VAL D 168 29.57 -15.05 -18.05
CA VAL D 168 28.59 -15.41 -19.05
C VAL D 168 27.51 -16.21 -18.36
N TYR D 169 26.30 -16.08 -18.88
CA TYR D 169 25.15 -16.78 -18.34
C TYR D 169 24.74 -17.86 -19.32
N GLU D 170 24.02 -18.86 -18.81
CA GLU D 170 23.53 -19.97 -19.61
C GLU D 170 22.38 -20.60 -18.84
N TRP D 171 21.51 -21.27 -19.56
CA TRP D 171 20.41 -21.95 -18.94
C TRP D 171 20.89 -23.30 -18.43
N THR D 172 20.37 -23.73 -17.27
CA THR D 172 20.90 -24.94 -16.67
C THR D 172 20.34 -26.18 -17.35
N ARG D 173 19.13 -26.11 -17.89
CA ARG D 173 18.55 -27.20 -18.66
C ARG D 173 18.36 -26.69 -20.07
N GLU D 174 17.70 -27.50 -20.91
CA GLU D 174 17.28 -27.07 -22.25
C GLU D 174 16.53 -25.74 -22.17
N PRO D 175 16.86 -24.78 -23.04
CA PRO D 175 16.21 -23.46 -23.00
C PRO D 175 14.69 -23.47 -23.00
N ALA D 176 14.05 -24.44 -23.66
CA ALA D 176 12.60 -24.49 -23.63
C ALA D 176 12.09 -24.93 -22.26
N ARG D 177 12.93 -25.57 -21.46
CA ARG D 177 12.51 -26.15 -20.19
C ARG D 177 13.16 -25.46 -19.00
N SER D 178 13.76 -24.29 -19.18
CA SER D 178 14.46 -23.66 -18.07
C SER D 178 13.52 -22.78 -17.28
N VAL D 179 12.81 -21.87 -17.95
CA VAL D 179 11.81 -21.09 -17.24
C VAL D 179 10.56 -21.95 -17.16
N VAL D 180 10.15 -22.29 -15.94
CA VAL D 180 9.03 -23.18 -15.70
C VAL D 180 7.99 -22.45 -14.88
N VAL D 181 6.78 -22.33 -15.42
CA VAL D 181 5.68 -21.70 -14.73
C VAL D 181 4.86 -22.81 -14.11
N ALA D 182 4.47 -22.65 -12.85
CA ALA D 182 3.68 -23.66 -12.18
C ALA D 182 2.27 -23.74 -12.77
N GLU D 183 1.56 -24.82 -12.44
CA GLU D 183 0.21 -24.98 -12.97
C GLU D 183 -0.75 -24.05 -12.24
N ASP D 184 -0.86 -24.15 -10.92
CA ASP D 184 -1.70 -23.24 -10.15
C ASP D 184 -1.07 -21.87 -9.96
N GLY D 185 0.06 -21.61 -10.60
CA GLY D 185 0.80 -20.36 -10.51
C GLY D 185 0.29 -19.38 -11.53
N SER D 186 -0.88 -18.81 -11.28
CA SER D 186 -1.46 -17.81 -12.18
C SER D 186 -2.35 -16.91 -11.35
N ARG D 187 -1.89 -15.69 -11.12
CA ARG D 187 -2.68 -14.66 -10.47
C ARG D 187 -3.27 -13.69 -11.48
N LEU D 188 -3.39 -14.12 -12.73
CA LEU D 188 -3.92 -13.27 -13.80
C LEU D 188 -5.43 -13.29 -13.74
N ASN D 189 -6.05 -12.11 -13.85
CA ASN D 189 -7.49 -11.98 -13.90
C ASN D 189 -7.97 -11.55 -15.28
N GLN D 190 -7.12 -10.84 -16.01
CA GLN D 190 -7.45 -10.22 -17.28
C GLN D 190 -6.76 -10.84 -18.47
N TYR D 191 -5.71 -11.61 -18.24
CA TYR D 191 -4.94 -12.19 -19.32
C TYR D 191 -4.95 -13.71 -19.23
N ASP D 192 -4.27 -14.35 -20.17
CA ASP D 192 -4.19 -15.80 -20.24
C ASP D 192 -2.78 -16.15 -20.68
N LEU D 193 -2.03 -16.80 -19.80
CA LEU D 193 -0.65 -17.15 -20.13
C LEU D 193 -0.70 -18.28 -21.14
N LEU D 194 -0.05 -18.08 -22.28
CA LEU D 194 -0.08 -19.03 -23.37
C LEU D 194 1.17 -19.89 -23.40
N GLY D 195 2.28 -19.32 -22.96
CA GLY D 195 3.53 -20.04 -22.95
C GLY D 195 4.65 -19.08 -22.66
N GLN D 196 5.86 -19.62 -22.65
CA GLN D 196 7.03 -18.82 -22.37
C GLN D 196 7.97 -18.93 -23.55
N THR D 197 8.98 -18.08 -23.56
CA THR D 197 9.92 -18.01 -24.67
C THR D 197 11.18 -17.35 -24.16
N VAL D 198 12.29 -18.09 -24.20
CA VAL D 198 13.55 -17.59 -23.68
C VAL D 198 14.44 -17.21 -24.84
N ASP D 199 15.46 -16.42 -24.55
CA ASP D 199 16.46 -16.04 -25.53
C ASP D 199 17.67 -15.53 -24.77
N SER D 200 18.78 -15.40 -25.48
CA SER D 200 20.03 -14.92 -24.91
C SER D 200 20.72 -14.08 -25.98
N GLY D 201 21.33 -12.98 -25.56
CA GLY D 201 22.00 -12.11 -26.51
C GLY D 201 23.04 -11.28 -25.81
N ILE D 202 23.51 -10.25 -26.51
CA ILE D 202 24.58 -9.38 -26.04
C ILE D 202 24.15 -7.95 -26.31
N VAL D 203 24.29 -7.08 -25.30
CA VAL D 203 24.00 -5.66 -25.45
C VAL D 203 25.30 -4.88 -25.34
N GLN D 204 25.43 -3.83 -26.15
CA GLN D 204 26.65 -3.03 -26.15
C GLN D 204 26.38 -1.74 -25.39
N SER D 205 26.95 -1.65 -24.18
CA SER D 205 26.73 -0.48 -23.35
C SER D 205 27.94 0.41 -23.42
N SER D 206 27.90 1.49 -22.63
CA SER D 206 29.00 2.44 -22.57
C SER D 206 30.21 1.88 -21.81
N THR D 207 30.03 0.75 -21.13
CA THR D 207 31.13 0.20 -20.32
C THR D 207 31.59 -1.15 -20.85
N GLY D 208 30.95 -1.67 -21.88
CA GLY D 208 31.36 -2.95 -22.43
C GLY D 208 30.18 -3.73 -22.95
N GLU D 209 30.46 -4.98 -23.31
CA GLU D 209 29.43 -5.89 -23.79
C GLU D 209 28.97 -6.76 -22.64
N TYR D 210 27.66 -6.97 -22.56
CA TYR D 210 27.08 -7.73 -21.47
C TYR D 210 26.14 -8.80 -22.01
N VAL D 211 26.19 -9.98 -21.41
CA VAL D 211 25.28 -11.06 -21.77
C VAL D 211 23.93 -10.71 -21.17
N VAL D 212 22.87 -10.89 -21.93
CA VAL D 212 21.52 -10.59 -21.49
C VAL D 212 20.63 -11.76 -21.84
N MET D 213 19.95 -12.29 -20.85
CA MET D 213 19.01 -13.38 -21.02
C MET D 213 17.61 -12.82 -20.98
N THR D 214 16.84 -13.13 -22.01
CA THR D 214 15.52 -12.57 -22.20
C THR D 214 14.54 -13.72 -22.04
N THR D 215 13.38 -13.39 -21.50
CA THR D 215 12.31 -14.35 -21.35
C THR D 215 11.04 -13.62 -21.69
N HIS D 216 10.26 -14.18 -22.59
CA HIS D 216 9.01 -13.57 -22.99
C HIS D 216 7.89 -14.48 -22.51
N PHE D 217 6.91 -13.90 -21.85
CA PHE D 217 5.71 -14.61 -21.51
C PHE D 217 4.63 -14.08 -22.43
N HIS D 218 3.93 -14.98 -23.10
CA HIS D 218 2.96 -14.57 -24.10
C HIS D 218 1.60 -14.57 -23.44
N LEU D 219 0.90 -13.46 -23.58
CA LEU D 219 -0.35 -13.21 -22.91
C LEU D 219 -1.39 -12.85 -23.94
N LYS D 220 -2.62 -13.20 -23.64
CA LYS D 220 -3.74 -12.91 -24.52
C LYS D 220 -4.82 -12.39 -23.60
N ARG D 221 -5.36 -11.23 -23.94
CA ARG D 221 -6.32 -10.61 -23.07
C ARG D 221 -7.67 -11.28 -23.25
N LYS D 222 -8.35 -11.50 -22.15
CA LYS D 222 -9.66 -12.11 -22.17
C LYS D 222 -10.68 -11.00 -22.32
N ILE D 223 -11.59 -11.18 -23.28
CA ILE D 223 -12.52 -10.12 -23.67
C ILE D 223 -13.81 -10.18 -22.87
N GLY D 224 -14.00 -11.22 -22.04
CA GLY D 224 -15.27 -11.47 -21.36
C GLY D 224 -15.70 -10.34 -20.44
N TYR D 225 -14.74 -9.62 -19.88
CA TYR D 225 -15.08 -8.51 -19.00
C TYR D 225 -15.54 -7.32 -19.84
N PHE D 226 -14.75 -7.00 -20.86
CA PHE D 226 -15.00 -5.85 -21.70
C PHE D 226 -16.26 -5.99 -22.54
N VAL D 227 -16.66 -7.23 -22.86
CA VAL D 227 -17.95 -7.46 -23.53
C VAL D 227 -19.06 -6.85 -22.69
N ILE D 228 -19.26 -7.35 -21.47
CA ILE D 228 -20.31 -6.87 -20.58
C ILE D 228 -20.08 -5.40 -20.19
N GLN D 229 -18.83 -4.94 -20.15
CA GLN D 229 -18.60 -3.56 -19.74
C GLN D 229 -18.91 -2.56 -20.84
N THR D 230 -18.47 -2.83 -22.06
CA THR D 230 -18.53 -1.82 -23.11
C THR D 230 -19.29 -2.32 -24.32
N TYR D 231 -19.08 -3.57 -24.73
CA TYR D 231 -19.60 -3.97 -26.03
C TYR D 231 -21.08 -4.30 -25.91
N LEU D 232 -21.50 -4.77 -24.74
CA LEU D 232 -22.92 -5.03 -24.54
C LEU D 232 -23.70 -3.74 -24.27
N PRO D 233 -23.28 -2.81 -23.37
CA PRO D 233 -24.03 -1.56 -23.24
C PRO D 233 -24.09 -0.71 -24.50
N CYS D 234 -23.01 -0.64 -25.30
CA CYS D 234 -23.04 0.14 -26.53
C CYS D 234 -24.05 -0.44 -27.52
N ILE D 235 -24.04 -1.77 -27.68
CA ILE D 235 -24.99 -2.43 -28.57
C ILE D 235 -26.40 -2.23 -28.07
N MET D 236 -26.59 -2.32 -26.74
CA MET D 236 -27.90 -2.12 -26.14
C MET D 236 -28.37 -0.68 -26.30
N THR D 237 -27.46 0.28 -26.23
CA THR D 237 -27.81 1.68 -26.42
C THR D 237 -28.18 1.94 -27.87
N VAL D 238 -27.46 1.30 -28.81
CA VAL D 238 -27.80 1.40 -30.22
C VAL D 238 -29.19 0.83 -30.48
N ILE D 239 -29.50 -0.33 -29.87
CA ILE D 239 -30.82 -0.93 -30.00
C ILE D 239 -31.90 -0.05 -29.38
N LEU D 240 -31.60 0.54 -28.22
CA LEU D 240 -32.54 1.44 -27.55
C LEU D 240 -32.79 2.70 -28.37
N SER D 241 -31.76 3.15 -29.10
CA SER D 241 -31.93 4.28 -29.99
C SER D 241 -32.76 3.91 -31.21
N GLN D 242 -32.55 2.72 -31.76
CA GLN D 242 -33.24 2.26 -32.96
C GLN D 242 -34.68 1.87 -32.68
N VAL D 243 -35.02 1.57 -31.42
CA VAL D 243 -36.39 1.21 -31.02
C VAL D 243 -37.30 2.44 -31.09
N SER D 244 -36.71 3.63 -31.21
CA SER D 244 -37.48 4.87 -31.30
C SER D 244 -38.22 5.00 -32.62
N PHE D 245 -37.79 4.27 -33.64
CA PHE D 245 -38.37 4.36 -34.97
C PHE D 245 -39.76 3.74 -35.06
N TRP D 246 -40.18 3.02 -34.01
CA TRP D 246 -41.45 2.34 -34.01
C TRP D 246 -42.56 3.17 -33.37
N LEU D 247 -42.21 4.22 -32.65
CA LEU D 247 -43.21 5.10 -32.09
C LEU D 247 -43.82 5.96 -33.18
N ASN D 248 -45.06 6.37 -32.96
CA ASN D 248 -45.77 7.18 -33.94
C ASN D 248 -45.15 8.57 -34.02
N ARG D 249 -45.39 9.23 -35.16
CA ARG D 249 -44.81 10.55 -35.41
C ARG D 249 -45.51 11.66 -34.63
N GLU D 250 -46.60 11.35 -33.94
CA GLU D 250 -47.34 12.39 -33.24
C GLU D 250 -46.82 12.56 -31.82
N SER D 251 -45.95 11.65 -31.36
CA SER D 251 -45.32 11.79 -30.05
C SER D 251 -43.86 12.20 -30.20
N VAL D 252 -43.65 13.50 -30.37
CA VAL D 252 -42.29 14.02 -30.59
C VAL D 252 -41.45 14.14 -29.32
N PRO D 253 -41.97 14.51 -28.11
CA PRO D 253 -41.06 14.54 -26.93
C PRO D 253 -40.52 13.17 -26.56
N ALA D 254 -41.35 12.14 -26.75
CA ALA D 254 -40.99 10.75 -26.48
C ALA D 254 -39.76 10.33 -27.28
N ARG D 255 -39.82 10.51 -28.60
CA ARG D 255 -38.70 10.09 -29.43
C ARG D 255 -37.50 10.99 -29.21
N THR D 256 -37.74 12.26 -28.88
CA THR D 256 -36.67 13.18 -28.54
C THR D 256 -35.89 12.70 -27.32
N VAL D 257 -36.58 12.34 -26.24
CA VAL D 257 -35.88 11.91 -25.04
C VAL D 257 -35.23 10.53 -25.26
N PHE D 258 -35.85 9.67 -26.09
CA PHE D 258 -35.19 8.44 -26.55
C PHE D 258 -33.81 8.72 -27.13
N GLY D 259 -33.77 9.54 -28.19
CA GLY D 259 -32.51 9.87 -28.86
C GLY D 259 -31.50 10.50 -27.93
N VAL D 260 -31.94 11.48 -27.14
CA VAL D 260 -31.04 12.27 -26.32
C VAL D 260 -30.46 11.46 -25.18
N THR D 261 -31.26 10.55 -24.60
CA THR D 261 -30.74 9.76 -23.50
C THR D 261 -29.83 8.65 -24.03
N THR D 262 -30.07 8.18 -25.26
CA THR D 262 -29.09 7.28 -25.88
C THR D 262 -27.77 7.98 -26.16
N VAL D 263 -27.81 9.25 -26.61
CA VAL D 263 -26.57 10.02 -26.79
C VAL D 263 -25.84 10.19 -25.45
N LEU D 264 -26.60 10.50 -24.40
CA LEU D 264 -26.05 10.64 -23.06
C LEU D 264 -25.40 9.33 -22.59
N THR D 265 -26.08 8.22 -22.86
CA THR D 265 -25.59 6.91 -22.48
C THR D 265 -24.31 6.58 -23.20
N MET D 266 -24.26 6.87 -24.51
CA MET D 266 -23.04 6.63 -25.28
C MET D 266 -21.88 7.48 -24.80
N THR D 267 -22.15 8.74 -24.42
CA THR D 267 -21.08 9.60 -23.92
C THR D 267 -20.53 9.10 -22.59
N THR D 268 -21.44 8.72 -21.68
CA THR D 268 -21.02 8.20 -20.37
C THR D 268 -20.33 6.86 -20.53
N LEU D 269 -20.77 6.07 -21.52
CA LEU D 269 -20.12 4.81 -21.86
C LEU D 269 -18.70 5.01 -22.35
N SER D 270 -18.48 5.96 -23.28
CA SER D 270 -17.14 6.21 -23.78
C SER D 270 -16.22 6.70 -22.68
N ILE D 271 -16.75 7.54 -21.77
CA ILE D 271 -15.95 8.04 -20.66
C ILE D 271 -15.60 6.90 -19.69
N SER D 272 -16.59 6.09 -19.32
CA SER D 272 -16.38 4.99 -18.40
C SER D 272 -15.50 3.90 -19.00
N ALA D 273 -15.50 3.77 -20.33
CA ALA D 273 -14.70 2.70 -20.91
C ALA D 273 -13.29 3.21 -21.14
N ARG D 274 -13.14 4.52 -21.31
CA ARG D 274 -11.83 5.11 -21.51
C ARG D 274 -11.08 5.27 -20.21
N ASN D 275 -11.77 5.39 -19.07
CA ASN D 275 -11.05 5.58 -17.81
C ASN D 275 -10.42 4.28 -17.30
N SER D 276 -10.75 3.14 -17.91
CA SER D 276 -10.17 1.88 -17.45
C SER D 276 -8.79 1.72 -18.06
N LEU D 277 -8.73 1.83 -19.38
CA LEU D 277 -7.52 1.71 -20.15
C LEU D 277 -6.65 2.92 -19.82
N PRO D 278 -5.33 2.76 -19.74
CA PRO D 278 -4.45 3.93 -19.56
C PRO D 278 -4.58 4.96 -20.66
N LYS D 279 -4.00 6.12 -20.40
CA LYS D 279 -4.20 7.29 -21.24
C LYS D 279 -3.22 7.21 -22.40
N VAL D 280 -3.53 6.32 -23.34
CA VAL D 280 -2.75 6.22 -24.57
C VAL D 280 -3.22 7.30 -25.52
N ALA D 281 -2.39 7.63 -26.50
CA ALA D 281 -2.64 8.72 -27.42
C ALA D 281 -3.08 8.27 -28.80
N TYR D 282 -3.70 7.11 -28.91
CA TYR D 282 -4.19 6.63 -30.17
C TYR D 282 -5.53 5.95 -29.94
N ALA D 283 -6.07 5.37 -30.99
CA ALA D 283 -7.39 4.76 -30.95
C ALA D 283 -7.23 3.26 -30.94
N THR D 284 -7.92 2.61 -30.01
CA THR D 284 -7.91 1.17 -29.90
C THR D 284 -9.12 0.62 -30.63
N ALA D 285 -9.40 -0.67 -30.47
CA ALA D 285 -10.55 -1.24 -31.16
C ALA D 285 -11.84 -0.85 -30.45
N MET D 286 -11.80 -0.83 -29.11
CA MET D 286 -12.96 -0.42 -28.33
C MET D 286 -13.32 1.03 -28.61
N ASP D 287 -12.32 1.90 -28.84
CA ASP D 287 -12.59 3.29 -29.20
C ASP D 287 -13.31 3.38 -30.54
N TRP D 288 -12.87 2.59 -31.52
CA TRP D 288 -13.54 2.59 -32.83
C TRP D 288 -14.96 2.07 -32.72
N PHE D 289 -15.17 1.02 -31.90
CA PHE D 289 -16.53 0.51 -31.70
C PHE D 289 -17.42 1.56 -31.09
N ILE D 290 -16.94 2.25 -30.05
CA ILE D 290 -17.75 3.28 -29.40
C ILE D 290 -18.00 4.43 -30.36
N ALA D 291 -17.01 4.78 -31.20
CA ALA D 291 -17.19 5.85 -32.16
C ALA D 291 -18.26 5.51 -33.19
N VAL D 292 -18.23 4.29 -33.73
CA VAL D 292 -19.21 3.88 -34.73
C VAL D 292 -20.60 3.78 -34.09
N CYS D 293 -20.69 3.27 -32.86
CA CYS D 293 -21.97 3.20 -32.17
C CYS D 293 -22.52 4.58 -31.88
N TYR D 294 -21.66 5.51 -31.47
CA TYR D 294 -22.06 6.90 -31.28
C TYR D 294 -22.57 7.49 -32.58
N ALA D 295 -21.89 7.17 -33.69
CA ALA D 295 -22.33 7.62 -35.00
C ALA D 295 -23.71 7.07 -35.33
N PHE D 296 -23.94 5.79 -35.03
CA PHE D 296 -25.25 5.17 -35.29
C PHE D 296 -26.35 5.81 -34.45
N VAL D 297 -26.08 6.05 -33.16
CA VAL D 297 -27.07 6.66 -32.27
C VAL D 297 -27.36 8.09 -32.71
N PHE D 298 -26.32 8.87 -32.97
CA PHE D 298 -26.46 10.25 -33.42
C PHE D 298 -27.16 10.32 -34.78
N SER D 299 -26.86 9.37 -35.67
CA SER D 299 -27.51 9.31 -36.97
C SER D 299 -28.99 8.99 -36.84
N ALA D 300 -29.33 8.13 -35.88
CA ALA D 300 -30.73 7.81 -35.57
C ALA D 300 -31.45 9.08 -35.11
N LEU D 301 -30.80 9.86 -34.25
CA LEU D 301 -31.40 11.09 -33.75
C LEU D 301 -31.58 12.08 -34.90
N ILE D 302 -30.60 12.15 -35.81
CA ILE D 302 -30.70 13.03 -36.97
C ILE D 302 -31.85 12.58 -37.87
N GLU D 303 -32.03 11.26 -38.01
CA GLU D 303 -33.14 10.73 -38.80
C GLU D 303 -34.48 11.11 -38.18
N PHE D 304 -34.58 11.02 -36.85
CA PHE D 304 -35.80 11.48 -36.17
C PHE D 304 -36.03 12.97 -36.39
N ALA D 305 -34.97 13.77 -36.30
CA ALA D 305 -35.10 15.21 -36.52
C ALA D 305 -35.59 15.50 -37.93
N THR D 306 -35.08 14.75 -38.91
CA THR D 306 -35.53 14.89 -40.29
C THR D 306 -37.00 14.52 -40.43
N VAL D 307 -37.41 13.38 -39.84
CA VAL D 307 -38.81 12.94 -39.90
C VAL D 307 -39.74 13.97 -39.27
N ASN D 308 -39.35 14.52 -38.11
CA ASN D 308 -40.19 15.51 -37.45
C ASN D 308 -40.25 16.82 -38.23
N TYR D 309 -39.12 17.23 -38.82
CA TYR D 309 -39.11 18.47 -39.60
C TYR D 309 -39.91 18.32 -40.88
N PHE D 310 -39.91 17.13 -41.46
CA PHE D 310 -40.67 16.89 -42.68
C PHE D 310 -42.13 16.61 -42.41
N THR D 311 -42.52 16.51 -41.13
CA THR D 311 -43.93 16.37 -40.80
C THR D 311 -44.62 17.72 -41.00
N LYS D 312 -45.94 17.69 -41.20
CA LYS D 312 -46.85 18.83 -41.43
C LYS D 312 -46.62 19.57 -42.74
N SER D 313 -45.63 19.17 -43.55
CA SER D 313 -45.45 19.76 -44.87
C SER D 313 -45.55 18.66 -45.92
N GLN D 314 -44.84 17.56 -45.70
CA GLN D 314 -44.88 16.40 -46.60
C GLN D 314 -44.96 15.15 -45.73
N PRO D 315 -46.18 14.71 -45.40
CA PRO D 315 -46.34 13.51 -44.55
C PRO D 315 -45.87 12.23 -45.18
N ALA D 316 -46.01 12.10 -46.51
CA ALA D 316 -45.59 10.88 -47.20
C ALA D 316 -44.08 10.70 -47.15
N ARG D 317 -43.31 11.78 -47.29
CA ARG D 317 -41.85 11.67 -47.21
C ARG D 317 -41.41 11.28 -45.81
N ALA D 318 -42.01 11.86 -44.78
CA ALA D 318 -41.71 11.49 -43.39
C ALA D 318 -42.04 10.03 -43.13
N ALA D 319 -43.21 9.57 -43.63
CA ALA D 319 -43.59 8.17 -43.50
C ALA D 319 -42.58 7.26 -44.20
N LYS D 320 -42.14 7.67 -45.39
CA LYS D 320 -41.18 6.90 -46.17
C LYS D 320 -39.84 6.80 -45.44
N ILE D 321 -39.37 7.92 -44.87
CA ILE D 321 -38.07 7.92 -44.22
C ILE D 321 -38.15 7.23 -42.87
N ASP D 322 -39.34 7.14 -42.28
CA ASP D 322 -39.46 6.38 -41.05
C ASP D 322 -39.61 4.88 -41.32
N ARG D 323 -40.14 4.52 -42.49
CA ARG D 323 -40.27 3.11 -42.83
C ARG D 323 -38.96 2.55 -43.40
N LEU D 324 -38.23 3.36 -44.16
CA LEU D 324 -36.95 2.94 -44.73
C LEU D 324 -35.88 2.81 -43.66
N SER D 325 -35.80 3.77 -42.74
CA SER D 325 -34.81 3.76 -41.67
C SER D 325 -35.17 2.83 -40.54
N ARG D 326 -36.32 2.14 -40.63
CA ARG D 326 -36.68 1.17 -39.60
C ARG D 326 -35.94 -0.14 -39.83
N ILE D 327 -35.46 -0.35 -41.06
CA ILE D 327 -34.78 -1.58 -41.43
C ILE D 327 -33.35 -1.35 -41.88
N ALA D 328 -32.98 -0.12 -42.24
CA ALA D 328 -31.61 0.10 -42.68
C ALA D 328 -30.66 0.16 -41.49
N PHE D 329 -31.15 0.65 -40.35
CA PHE D 329 -30.30 0.76 -39.17
C PHE D 329 -29.90 -0.59 -38.59
N PRO D 330 -30.81 -1.57 -38.34
CA PRO D 330 -30.33 -2.88 -37.86
C PRO D 330 -29.45 -3.59 -38.88
N LEU D 331 -29.76 -3.45 -40.17
CA LEU D 331 -28.94 -4.05 -41.22
C LEU D 331 -27.52 -3.49 -41.21
N LEU D 332 -27.40 -2.15 -41.16
CA LEU D 332 -26.08 -1.51 -41.14
C LEU D 332 -25.33 -1.85 -39.86
N PHE D 333 -26.02 -1.88 -38.72
CA PHE D 333 -25.35 -2.21 -37.47
C PHE D 333 -24.89 -3.66 -37.47
N GLY D 334 -25.70 -4.58 -38.01
CA GLY D 334 -25.27 -5.97 -38.11
C GLY D 334 -24.10 -6.18 -39.04
N ILE D 335 -24.09 -5.49 -40.20
CA ILE D 335 -22.93 -5.61 -41.09
C ILE D 335 -21.69 -5.05 -40.41
N PHE D 336 -21.80 -3.90 -39.72
CA PHE D 336 -20.65 -3.34 -39.01
C PHE D 336 -20.15 -4.29 -37.93
N ASN D 337 -21.08 -4.89 -37.18
CA ASN D 337 -20.70 -5.85 -36.14
C ASN D 337 -19.98 -7.04 -36.74
N LEU D 338 -20.52 -7.59 -37.83
CA LEU D 338 -19.90 -8.74 -38.50
C LEU D 338 -18.49 -8.40 -38.96
N VAL D 339 -18.33 -7.25 -39.64
CA VAL D 339 -17.03 -6.86 -40.18
C VAL D 339 -16.04 -6.58 -39.05
N TYR D 340 -16.48 -5.87 -38.00
CA TYR D 340 -15.61 -5.51 -36.87
C TYR D 340 -15.13 -6.74 -36.12
N TRP D 341 -16.05 -7.62 -35.74
CA TRP D 341 -15.68 -8.81 -35.01
C TRP D 341 -14.85 -9.76 -35.86
N ALA D 342 -15.12 -9.82 -37.17
CA ALA D 342 -14.33 -10.66 -38.06
C ALA D 342 -12.90 -10.14 -38.20
N THR D 343 -12.72 -8.81 -38.29
CA THR D 343 -11.36 -8.30 -38.48
C THR D 343 -10.60 -8.24 -37.17
N TYR D 344 -11.28 -8.26 -36.02
CA TYR D 344 -10.56 -8.18 -34.76
C TYR D 344 -10.53 -9.49 -33.98
N LEU D 345 -11.20 -10.54 -34.45
CA LEU D 345 -11.06 -11.85 -33.82
C LEU D 345 -10.09 -12.74 -34.60
N ASN D 346 -9.96 -12.48 -35.89
CA ASN D 346 -8.99 -13.22 -36.70
C ASN D 346 -7.66 -12.47 -36.79
N ARG D 347 -7.59 -11.28 -36.20
CA ARG D 347 -6.39 -10.45 -36.20
C ARG D 347 -5.24 -11.12 -35.47
N GLY E 62 44.65 -14.66 -6.47
CA GLY E 62 46.09 -14.75 -6.50
C GLY E 62 46.77 -13.42 -6.25
N ASP E 63 46.97 -12.66 -7.33
CA ASP E 63 47.61 -11.35 -7.21
C ASP E 63 46.61 -10.21 -7.04
N VAL E 64 45.39 -10.34 -7.58
CA VAL E 64 44.37 -9.32 -7.43
C VAL E 64 43.95 -9.13 -5.98
N THR E 65 43.92 -10.22 -5.19
CA THR E 65 43.64 -10.08 -3.77
C THR E 65 44.74 -9.29 -3.06
N VAL E 66 46.00 -9.52 -3.43
CA VAL E 66 47.12 -8.78 -2.88
C VAL E 66 47.01 -7.31 -3.24
N ILE E 67 46.65 -7.02 -4.50
CA ILE E 67 46.49 -5.64 -4.96
C ILE E 67 45.38 -4.94 -4.17
N LEU E 68 44.24 -5.60 -4.02
CA LEU E 68 43.10 -5.00 -3.31
C LEU E 68 43.41 -4.79 -1.84
N ASN E 69 44.17 -5.71 -1.24
CA ASN E 69 44.52 -5.55 0.17
C ASN E 69 45.58 -4.48 0.36
N ASN E 70 46.44 -4.29 -0.63
CA ASN E 70 47.45 -3.24 -0.56
C ASN E 70 46.86 -1.87 -0.84
N LEU E 71 45.78 -1.79 -1.62
CA LEU E 71 45.16 -0.50 -1.89
C LEU E 71 44.46 0.03 -0.64
N LEU E 72 43.97 -0.87 0.21
CA LEU E 72 43.17 -0.52 1.36
C LEU E 72 44.01 -0.41 2.63
N GLU E 73 45.34 -0.50 2.53
CA GLU E 73 46.20 -0.32 3.68
C GLU E 73 46.46 1.17 3.83
N GLY E 74 46.29 1.68 5.05
CA GLY E 74 46.44 3.09 5.32
C GLY E 74 45.45 3.96 4.56
N TYR E 75 44.29 3.40 4.21
CA TYR E 75 43.27 4.11 3.46
C TYR E 75 42.18 4.64 4.36
N ASP E 76 41.76 5.87 4.11
CA ASP E 76 40.72 6.54 4.87
C ASP E 76 39.64 6.94 3.88
N ASN E 77 38.50 6.24 3.91
CA ASN E 77 37.39 6.52 3.02
C ASN E 77 36.55 7.71 3.46
N LYS E 78 37.00 8.42 4.50
CA LYS E 78 36.34 9.62 4.97
C LYS E 78 36.88 10.89 4.36
N LEU E 79 37.99 10.81 3.63
CA LEU E 79 38.66 11.96 3.05
C LEU E 79 38.70 11.83 1.53
N ARG E 80 38.25 12.87 0.83
CA ARG E 80 38.32 12.86 -0.61
C ARG E 80 39.78 12.96 -1.06
N PRO E 81 40.09 12.53 -2.28
CA PRO E 81 41.46 12.74 -2.79
C PRO E 81 41.78 14.22 -2.91
N ASP E 82 43.02 14.58 -2.58
CA ASP E 82 43.52 15.96 -2.55
C ASP E 82 42.68 16.81 -1.59
N ILE E 83 42.61 16.34 -0.34
CA ILE E 83 41.75 16.95 0.68
C ILE E 83 42.20 18.37 1.05
N GLY E 84 43.46 18.71 0.78
CA GLY E 84 43.91 20.06 1.05
C GLY E 84 44.81 20.58 -0.05
N VAL E 85 44.58 20.10 -1.27
CA VAL E 85 45.44 20.41 -2.41
C VAL E 85 44.63 21.12 -3.48
N LYS E 86 43.60 20.45 -3.99
CA LYS E 86 42.84 20.96 -5.11
C LYS E 86 41.47 20.30 -5.09
N PRO E 87 40.48 20.86 -5.80
CA PRO E 87 39.19 20.18 -5.89
C PRO E 87 39.30 18.93 -6.73
N THR E 88 38.39 18.00 -6.49
CA THR E 88 38.37 16.78 -7.29
C THR E 88 37.45 16.98 -8.48
N LEU E 89 37.92 16.59 -9.66
CA LEU E 89 37.13 16.72 -10.86
C LEU E 89 36.44 15.39 -11.09
N ILE E 90 35.13 15.44 -11.23
CA ILE E 90 34.30 14.25 -11.39
C ILE E 90 33.61 14.37 -12.73
N HIS E 91 33.78 13.36 -13.57
CA HIS E 91 33.13 13.33 -14.86
C HIS E 91 31.91 12.43 -14.73
N THR E 92 30.78 12.92 -15.20
CA THR E 92 29.51 12.24 -14.98
C THR E 92 28.88 11.88 -16.31
N ASP E 93 28.26 10.72 -16.34
CA ASP E 93 27.52 10.25 -17.50
C ASP E 93 26.20 9.67 -17.03
N MET E 94 25.23 9.70 -17.92
CA MET E 94 23.92 9.14 -17.64
C MET E 94 23.53 8.27 -18.82
N TYR E 95 22.64 7.33 -18.56
CA TYR E 95 22.04 6.54 -19.62
C TYR E 95 20.58 6.36 -19.23
N VAL E 96 19.69 7.05 -19.92
CA VAL E 96 18.28 7.03 -19.56
C VAL E 96 17.68 5.75 -20.12
N ASN E 97 17.25 4.86 -19.23
CA ASN E 97 16.57 3.65 -19.68
C ASN E 97 15.16 3.98 -20.10
N SER E 98 14.50 4.83 -19.33
CA SER E 98 13.13 5.23 -19.58
C SER E 98 12.83 6.46 -18.75
N ILE E 99 11.95 7.28 -19.29
CA ILE E 99 11.37 8.41 -18.58
C ILE E 99 9.94 7.98 -18.29
N GLY E 100 9.61 7.80 -17.02
CA GLY E 100 8.34 7.24 -16.64
C GLY E 100 7.18 8.19 -16.86
N PRO E 101 6.04 7.92 -16.23
CA PRO E 101 4.87 8.75 -16.49
C PRO E 101 5.06 10.13 -15.89
N VAL E 102 4.73 11.14 -16.69
CA VAL E 102 4.84 12.52 -16.26
C VAL E 102 3.44 12.95 -15.88
N ASN E 103 3.09 12.74 -14.62
CA ASN E 103 1.79 13.15 -14.12
C ASN E 103 1.92 14.59 -13.66
N ALA E 104 0.96 15.41 -14.06
CA ALA E 104 1.02 16.82 -13.73
C ALA E 104 0.34 17.13 -12.42
N ILE E 105 -0.35 16.14 -11.84
CA ILE E 105 -1.08 16.32 -10.58
C ILE E 105 -0.13 16.65 -9.45
N ASN E 106 0.89 15.82 -9.28
CA ASN E 106 1.85 16.04 -8.21
C ASN E 106 3.07 16.83 -8.66
N MET E 107 3.10 17.24 -9.94
CA MET E 107 4.19 18.01 -10.54
C MET E 107 5.51 17.26 -10.39
N GLU E 108 5.55 16.10 -11.02
CA GLU E 108 6.69 15.22 -10.92
C GLU E 108 6.74 14.31 -12.14
N TYR E 109 7.81 13.54 -12.22
CA TYR E 109 7.99 12.57 -13.29
C TYR E 109 9.05 11.58 -12.83
N THR E 110 8.92 10.34 -13.28
CA THR E 110 9.84 9.28 -12.91
C THR E 110 10.86 9.12 -14.03
N ILE E 111 12.05 8.69 -13.67
CA ILE E 111 13.10 8.44 -14.64
C ILE E 111 13.98 7.31 -14.10
N ASP E 112 14.51 6.49 -14.98
CA ASP E 112 15.39 5.39 -14.60
C ASP E 112 16.66 5.56 -15.39
N ILE E 113 17.80 5.56 -14.70
CA ILE E 113 19.08 5.89 -15.30
C ILE E 113 20.14 4.95 -14.79
N PHE E 114 21.25 4.88 -15.53
CA PHE E 114 22.50 4.28 -15.10
C PHE E 114 23.42 5.46 -14.92
N PHE E 115 23.61 5.86 -13.67
CA PHE E 115 24.41 7.04 -13.38
C PHE E 115 25.85 6.60 -13.19
N ALA E 116 26.74 7.20 -13.95
CA ALA E 116 28.15 6.83 -13.88
C ALA E 116 28.95 8.06 -13.55
N GLN E 117 29.86 7.92 -12.59
CA GLN E 117 30.77 8.98 -12.22
C GLN E 117 32.17 8.42 -12.31
N THR E 118 33.13 9.27 -12.61
CA THR E 118 34.52 8.87 -12.67
C THR E 118 35.38 10.03 -12.22
N TRP E 119 36.41 9.69 -11.47
CA TRP E 119 37.30 10.67 -10.88
C TRP E 119 38.66 10.01 -10.70
N TYR E 120 39.57 10.74 -10.05
CA TYR E 120 40.92 10.29 -9.86
C TYR E 120 41.20 10.21 -8.37
N ASP E 121 41.70 9.07 -7.93
CA ASP E 121 42.06 8.88 -6.53
C ASP E 121 43.49 8.37 -6.51
N ARG E 122 44.42 9.22 -6.07
CA ARG E 122 45.84 8.85 -6.10
C ARG E 122 46.20 7.82 -5.04
N ARG E 123 45.27 7.44 -4.16
CA ARG E 123 45.57 6.40 -3.20
C ARG E 123 45.26 5.03 -3.75
N LEU E 124 44.35 4.94 -4.71
CA LEU E 124 44.02 3.67 -5.36
C LEU E 124 44.85 3.49 -6.62
N LYS E 125 46.16 3.62 -6.43
CA LYS E 125 47.13 3.53 -7.50
C LYS E 125 48.03 2.33 -7.23
N PHE E 126 48.08 1.41 -8.18
CA PHE E 126 48.83 0.18 -7.99
C PHE E 126 49.74 -0.03 -9.20
N ASN E 127 50.82 -0.77 -8.97
CA ASN E 127 51.76 -1.14 -10.02
C ASN E 127 51.56 -2.63 -10.23
N SER E 128 51.17 -3.02 -11.44
CA SER E 128 50.91 -4.41 -11.78
C SER E 128 50.83 -4.56 -13.29
N THR E 129 50.76 -5.82 -13.73
CA THR E 129 50.63 -6.08 -15.16
C THR E 129 49.18 -6.05 -15.61
N ILE E 130 48.23 -6.05 -14.67
CA ILE E 130 46.84 -5.84 -15.03
C ILE E 130 46.52 -4.35 -14.97
N LYS E 131 45.68 -3.89 -15.89
CA LYS E 131 45.45 -2.45 -16.02
C LYS E 131 44.23 -2.00 -15.23
N VAL E 132 43.22 -2.86 -15.09
CA VAL E 132 41.95 -2.45 -14.51
C VAL E 132 41.45 -3.56 -13.59
N LEU E 133 40.94 -3.15 -12.43
CA LEU E 133 40.24 -4.02 -11.51
C LEU E 133 38.74 -3.78 -11.70
N ARG E 134 38.02 -4.83 -12.05
CA ARG E 134 36.58 -4.78 -12.22
C ARG E 134 35.94 -5.51 -11.05
N LEU E 135 35.16 -4.77 -10.26
CA LEU E 135 34.67 -5.24 -8.98
C LEU E 135 33.15 -5.15 -8.89
N ASN E 136 32.62 -5.72 -7.82
CA ASN E 136 31.20 -5.70 -7.51
C ASN E 136 30.88 -4.43 -6.73
N SER E 137 29.69 -4.41 -6.12
CA SER E 137 29.33 -3.36 -5.19
C SER E 137 29.90 -3.61 -3.80
N ASN E 138 30.66 -4.70 -3.63
CA ASN E 138 31.24 -5.06 -2.34
C ASN E 138 32.25 -4.05 -1.84
N MET E 139 33.01 -3.45 -2.74
CA MET E 139 34.07 -2.52 -2.36
C MET E 139 33.63 -1.06 -2.50
N VAL E 140 32.37 -0.80 -2.86
CA VAL E 140 31.92 0.57 -3.00
C VAL E 140 31.94 1.29 -1.66
N GLY E 141 31.55 0.57 -0.60
CA GLY E 141 31.56 1.18 0.71
C GLY E 141 32.89 1.20 1.41
N LYS E 142 33.97 0.78 0.75
CA LYS E 142 35.29 0.75 1.37
C LYS E 142 36.24 1.81 0.84
N ILE E 143 35.88 2.51 -0.23
CA ILE E 143 36.72 3.58 -0.75
C ILE E 143 35.91 4.86 -0.69
N TRP E 144 36.51 5.97 -1.09
CA TRP E 144 35.79 7.23 -1.06
C TRP E 144 34.88 7.31 -2.28
N ILE E 145 33.62 7.66 -2.03
CA ILE E 145 32.60 7.79 -3.05
C ILE E 145 32.00 9.18 -2.88
N PRO E 146 31.85 9.97 -3.95
CA PRO E 146 31.28 11.31 -3.81
C PRO E 146 29.83 11.26 -3.38
N ASP E 147 29.42 12.32 -2.69
CA ASP E 147 28.06 12.37 -2.16
C ASP E 147 27.18 13.16 -3.12
N THR E 148 26.98 12.57 -4.29
CA THR E 148 26.12 13.15 -5.28
C THR E 148 24.68 12.89 -4.85
N PHE E 149 23.84 13.90 -5.02
CA PHE E 149 22.44 13.80 -4.69
C PHE E 149 21.67 14.63 -5.69
N PHE E 150 20.42 14.25 -5.92
CA PHE E 150 19.60 14.93 -6.91
C PHE E 150 18.74 15.96 -6.21
N ARG E 151 18.90 17.22 -6.62
CA ARG E 151 18.36 18.36 -5.89
C ARG E 151 16.86 18.50 -6.06
N ASN E 152 16.30 17.95 -7.13
CA ASN E 152 14.90 18.14 -7.46
C ASN E 152 14.14 16.82 -7.40
N SER E 153 14.58 15.88 -6.57
CA SER E 153 13.93 14.60 -6.48
C SER E 153 13.00 14.57 -5.27
N LYS E 154 11.78 14.07 -5.47
CA LYS E 154 10.85 13.91 -4.36
C LYS E 154 11.09 12.58 -3.67
N LYS E 155 11.41 11.57 -4.46
CA LYS E 155 11.72 10.23 -3.98
C LYS E 155 12.75 9.66 -4.95
N ALA E 156 13.74 8.96 -4.41
CA ALA E 156 14.73 8.32 -5.25
C ALA E 156 15.28 7.12 -4.52
N ASP E 157 15.43 6.03 -5.25
CA ASP E 157 15.96 4.81 -4.68
C ASP E 157 16.88 4.17 -5.70
N ALA E 158 17.85 3.44 -5.20
CA ALA E 158 18.73 2.64 -6.02
C ALA E 158 18.08 1.28 -6.23
N HIS E 159 18.82 0.38 -6.82
CA HIS E 159 18.29 -0.95 -7.05
C HIS E 159 19.17 -1.97 -6.35
N TRP E 160 18.53 -2.96 -5.74
CA TRP E 160 19.20 -3.91 -4.87
C TRP E 160 18.92 -5.35 -5.23
N ILE E 161 18.17 -5.60 -6.30
CA ILE E 161 17.81 -6.94 -6.72
C ILE E 161 18.65 -7.26 -7.96
N THR E 162 19.37 -8.38 -7.94
CA THR E 162 19.39 -9.35 -6.85
C THR E 162 20.50 -9.10 -5.83
N THR E 163 21.43 -8.30 -6.22
CA THR E 163 22.63 -7.80 -5.57
C THR E 163 22.68 -6.32 -5.87
N PRO E 164 23.15 -5.47 -4.93
CA PRO E 164 23.22 -4.01 -5.17
C PRO E 164 23.78 -3.63 -6.52
N ASN E 165 22.94 -2.98 -7.33
CA ASN E 165 23.28 -2.63 -8.70
C ASN E 165 24.22 -1.45 -8.75
N ARG E 166 25.49 -1.74 -8.51
CA ARG E 166 26.57 -0.80 -8.50
C ARG E 166 27.78 -1.44 -9.17
N MET E 167 28.69 -0.61 -9.64
CA MET E 167 29.86 -1.11 -10.35
C MET E 167 31.01 -0.21 -9.98
N LEU E 168 32.15 -0.82 -9.75
CA LEU E 168 33.36 -0.07 -9.42
C LEU E 168 34.46 -0.58 -10.31
N ARG E 169 35.22 0.34 -10.90
CA ARG E 169 36.36 -0.04 -11.70
C ARG E 169 37.49 0.92 -11.39
N ILE E 170 38.63 0.37 -10.99
CA ILE E 170 39.80 1.14 -10.64
C ILE E 170 40.84 0.85 -11.70
N TRP E 171 41.56 1.87 -12.13
CA TRP E 171 42.52 1.70 -13.21
C TRP E 171 43.94 1.71 -12.68
N ASN E 172 44.89 1.63 -13.59
CA ASN E 172 46.29 1.44 -13.24
C ASN E 172 46.89 2.72 -12.68
N ASP E 173 46.36 3.87 -13.08
CA ASP E 173 46.88 5.17 -12.68
C ASP E 173 46.05 5.82 -11.57
N GLY E 174 45.07 5.12 -11.02
CA GLY E 174 44.28 5.61 -9.92
C GLY E 174 42.93 6.16 -10.30
N ARG E 175 42.52 6.03 -11.55
CA ARG E 175 41.22 6.53 -11.99
C ARG E 175 40.14 5.56 -11.59
N VAL E 176 39.15 6.03 -10.86
CA VAL E 176 38.07 5.21 -10.34
C VAL E 176 36.82 5.55 -11.13
N LEU E 177 36.07 4.54 -11.54
CA LEU E 177 34.79 4.72 -12.18
C LEU E 177 33.72 3.99 -11.39
N TYR E 178 32.66 4.70 -11.04
CA TYR E 178 31.63 4.16 -10.17
C TYR E 178 30.29 4.42 -10.83
N THR E 179 29.58 3.34 -11.11
CA THR E 179 28.32 3.39 -11.84
C THR E 179 27.28 2.72 -10.97
N LEU E 180 26.06 3.23 -10.98
CA LEU E 180 24.97 2.59 -10.27
C LEU E 180 23.67 2.91 -10.98
N ARG E 181 22.70 2.04 -10.78
CA ARG E 181 21.40 2.16 -11.42
C ARG E 181 20.45 2.80 -10.43
N LEU E 182 19.73 3.82 -10.89
CA LEU E 182 18.86 4.62 -10.05
C LEU E 182 17.51 4.75 -10.72
N THR E 183 16.48 4.87 -9.90
CA THR E 183 15.16 5.24 -10.37
C THR E 183 14.77 6.45 -9.55
N ILE E 184 14.64 7.60 -10.21
CA ILE E 184 14.42 8.86 -9.53
C ILE E 184 13.01 9.30 -9.84
N ASP E 185 12.37 9.95 -8.88
CA ASP E 185 11.05 10.53 -9.06
C ASP E 185 11.33 12.01 -8.83
N ALA E 186 11.69 12.70 -9.90
CA ALA E 186 12.11 14.08 -9.80
C ALA E 186 10.89 14.97 -9.91
N GLU E 187 11.04 16.23 -9.50
CA GLU E 187 9.92 17.15 -9.55
C GLU E 187 10.23 18.29 -10.50
N CYS E 188 9.22 18.69 -11.25
CA CYS E 188 9.33 19.87 -12.08
C CYS E 188 7.99 20.56 -12.13
N GLN E 189 7.95 21.83 -11.74
CA GLN E 189 6.72 22.60 -11.77
C GLN E 189 6.35 22.84 -13.23
N LEU E 190 5.16 22.39 -13.61
CA LEU E 190 4.71 22.52 -14.98
C LEU E 190 3.77 23.70 -15.10
N GLN E 191 4.18 24.68 -15.89
CA GLN E 191 3.33 25.82 -16.19
C GLN E 191 2.29 25.32 -17.17
N LEU E 192 1.14 24.93 -16.64
CA LEU E 192 0.07 24.31 -17.41
C LEU E 192 -0.85 25.33 -18.06
N HIS E 193 -0.25 26.28 -18.75
CA HIS E 193 -0.99 27.04 -19.74
C HIS E 193 -0.80 26.32 -21.06
N ASN E 194 -1.67 26.66 -22.02
CA ASN E 194 -1.71 26.07 -23.37
C ASN E 194 -1.99 24.55 -23.35
N PHE E 195 -2.45 24.04 -22.21
CA PHE E 195 -2.76 22.62 -22.04
C PHE E 195 -4.02 22.27 -22.83
N PRO E 196 -4.05 21.14 -23.55
CA PRO E 196 -2.99 20.14 -23.63
C PRO E 196 -2.05 20.25 -24.82
N MET E 197 -2.02 21.39 -25.52
CA MET E 197 -1.08 21.56 -26.61
C MET E 197 0.15 22.32 -26.12
N ASP E 198 0.75 21.76 -25.08
CA ASP E 198 1.83 22.43 -24.37
C ASP E 198 3.13 21.68 -24.52
N GLU E 199 4.21 22.38 -24.23
CA GLU E 199 5.55 21.83 -24.25
C GLU E 199 6.23 22.24 -22.96
N HIS E 200 6.94 21.31 -22.36
CA HIS E 200 7.66 21.54 -21.13
C HIS E 200 9.12 21.17 -21.34
N SER E 201 9.93 21.62 -20.40
CA SER E 201 11.34 21.26 -20.37
C SER E 201 11.72 21.29 -18.91
N CYS E 202 11.68 20.12 -18.28
CA CYS E 202 11.83 20.21 -16.86
C CYS E 202 12.97 19.32 -16.42
N PRO E 203 13.74 19.70 -15.40
CA PRO E 203 15.09 19.16 -15.30
C PRO E 203 15.27 18.00 -14.35
N LEU E 204 16.49 17.51 -14.37
CA LEU E 204 17.02 16.59 -13.39
C LEU E 204 18.37 17.18 -13.02
N GLU E 205 18.48 17.66 -11.79
CA GLU E 205 19.67 18.34 -11.34
C GLU E 205 20.36 17.49 -10.29
N PHE E 206 21.68 17.64 -10.18
CA PHE E 206 22.42 16.95 -9.15
C PHE E 206 23.68 17.74 -8.84
N SER E 207 24.22 17.47 -7.66
CA SER E 207 25.43 18.11 -7.17
C SER E 207 25.89 17.34 -5.95
N SER E 208 27.01 17.78 -5.39
CA SER E 208 27.48 17.17 -4.17
C SER E 208 26.70 17.76 -3.01
N TYR E 209 26.56 16.99 -1.94
CA TYR E 209 25.79 17.48 -0.81
C TYR E 209 26.67 18.24 0.16
N GLY E 210 27.84 17.71 0.50
CA GLY E 210 28.62 18.34 1.52
C GLY E 210 29.83 19.08 1.04
N TYR E 211 30.26 18.79 -0.18
CA TYR E 211 31.50 19.34 -0.70
C TYR E 211 31.19 20.53 -1.60
N PRO E 212 31.63 21.73 -1.24
CA PRO E 212 31.36 22.90 -2.08
C PRO E 212 32.24 22.95 -3.32
N ARG E 213 32.17 24.06 -4.06
CA ARG E 213 32.90 24.21 -5.32
C ARG E 213 34.40 24.09 -5.12
N GLU E 214 34.91 24.51 -3.97
CA GLU E 214 36.34 24.47 -3.69
C GLU E 214 36.83 23.07 -3.33
N GLU E 215 35.95 22.07 -3.28
CA GLU E 215 36.32 20.71 -2.89
C GLU E 215 35.96 19.69 -3.95
N ILE E 216 34.83 19.85 -4.62
CA ILE E 216 34.40 18.94 -5.67
C ILE E 216 33.87 19.79 -6.83
N VAL E 217 34.38 19.54 -8.03
CA VAL E 217 33.95 20.21 -9.24
C VAL E 217 33.46 19.11 -10.17
N TYR E 218 32.28 19.29 -10.72
CA TYR E 218 31.71 18.37 -11.67
C TYR E 218 31.92 18.87 -13.09
N GLN E 219 31.84 17.95 -14.06
CA GLN E 219 32.06 18.26 -15.46
C GLN E 219 31.49 17.16 -16.32
N TRP E 220 30.70 17.53 -17.33
CA TRP E 220 30.15 16.55 -18.25
C TRP E 220 31.26 15.99 -19.13
N LYS E 221 31.02 14.79 -19.68
CA LYS E 221 31.89 14.30 -20.74
C LYS E 221 31.34 14.79 -22.08
N ARG E 222 31.95 14.36 -23.18
CA ARG E 222 31.43 14.77 -24.48
C ARG E 222 30.30 13.86 -24.93
N SER E 223 30.14 12.71 -24.28
CA SER E 223 29.08 11.76 -24.59
C SER E 223 28.31 11.46 -23.32
N SER E 224 27.94 12.54 -22.63
CA SER E 224 27.47 12.49 -21.25
C SER E 224 26.20 11.66 -21.10
N VAL E 225 25.10 12.14 -21.64
CA VAL E 225 23.79 11.55 -21.44
C VAL E 225 23.34 10.93 -22.75
N GLU E 226 22.97 9.66 -22.69
CA GLU E 226 22.53 8.88 -23.85
C GLU E 226 21.19 8.25 -23.57
N VAL E 227 20.21 8.50 -24.41
CA VAL E 227 18.91 7.87 -24.25
C VAL E 227 18.91 6.57 -25.05
N GLY E 228 17.97 5.70 -24.77
CA GLY E 228 17.91 4.41 -25.45
C GLY E 228 17.10 4.41 -26.72
N ASP E 229 16.02 3.62 -26.73
CA ASP E 229 15.20 3.48 -27.92
C ASP E 229 14.07 4.50 -28.00
N THR E 230 13.66 5.04 -26.83
CA THR E 230 12.62 6.07 -26.66
C THR E 230 11.20 5.54 -26.99
N ARG E 231 11.08 4.30 -27.45
CA ARG E 231 9.76 3.76 -27.75
C ARG E 231 9.29 2.84 -26.63
N SER E 232 10.23 2.20 -25.92
CA SER E 232 9.90 1.38 -24.76
C SER E 232 9.74 2.19 -23.48
N TRP E 233 9.59 3.51 -23.59
CA TRP E 233 9.45 4.37 -22.44
C TRP E 233 7.98 4.50 -22.06
N ARG E 234 7.75 4.85 -20.80
CA ARG E 234 6.42 4.89 -20.23
C ARG E 234 5.73 6.25 -20.44
N LEU E 235 6.15 6.99 -21.46
CA LEU E 235 5.57 8.28 -21.77
C LEU E 235 4.28 8.04 -22.54
N TYR E 236 3.15 8.11 -21.84
CA TYR E 236 1.88 7.98 -22.53
C TYR E 236 1.46 9.28 -23.17
N GLN E 237 1.29 10.32 -22.36
CA GLN E 237 0.75 11.59 -22.81
C GLN E 237 1.81 12.53 -23.38
N PHE E 238 3.08 12.23 -23.23
CA PHE E 238 4.13 13.11 -23.69
C PHE E 238 4.99 12.42 -24.73
N SER E 239 5.84 13.20 -25.37
CA SER E 239 6.71 12.70 -26.42
C SER E 239 8.07 13.35 -26.26
N PHE E 240 9.12 12.54 -26.15
CA PHE E 240 10.46 13.06 -25.98
C PHE E 240 10.90 13.69 -27.30
N VAL E 241 11.52 14.87 -27.21
CA VAL E 241 11.99 15.57 -28.39
C VAL E 241 13.46 15.94 -28.33
N GLY E 242 14.06 16.06 -27.16
CA GLY E 242 15.47 16.36 -27.08
C GLY E 242 15.87 16.67 -25.66
N LEU E 243 17.15 16.98 -25.51
CA LEU E 243 17.72 17.28 -24.21
C LEU E 243 18.87 18.26 -24.35
N ARG E 244 19.28 18.80 -23.20
CA ARG E 244 20.43 19.68 -23.14
C ARG E 244 20.96 19.67 -21.71
N ASN E 245 22.28 19.75 -21.59
CA ASN E 245 22.94 19.73 -20.29
C ASN E 245 23.30 21.15 -19.88
N THR E 246 23.59 21.33 -18.60
CA THR E 246 23.88 22.67 -18.09
C THR E 246 24.67 22.48 -16.80
N THR E 247 25.58 23.40 -16.51
CA THR E 247 26.33 23.43 -15.27
C THR E 247 26.20 24.83 -14.70
N GLU E 248 26.14 24.94 -13.38
CA GLU E 248 26.01 26.25 -12.75
C GLU E 248 26.54 26.17 -11.34
N VAL E 249 26.58 27.31 -10.66
CA VAL E 249 27.00 27.40 -9.28
C VAL E 249 25.87 28.06 -8.50
N VAL E 250 25.48 27.48 -7.37
CA VAL E 250 24.34 27.94 -6.60
C VAL E 250 24.82 28.34 -5.22
N LYS E 251 24.31 29.46 -4.73
CA LYS E 251 24.64 29.92 -3.39
C LYS E 251 23.73 29.18 -2.41
N THR E 252 24.32 28.62 -1.37
CA THR E 252 23.62 27.87 -0.35
C THR E 252 24.19 28.33 0.99
N THR E 253 23.46 28.12 2.09
CA THR E 253 23.93 28.49 3.42
C THR E 253 25.26 27.84 3.80
N SER E 254 25.56 26.67 3.22
CA SER E 254 26.82 26.00 3.55
C SER E 254 27.93 26.41 2.58
N GLY E 255 27.60 26.88 1.38
CA GLY E 255 28.63 27.32 0.45
C GLY E 255 28.15 27.27 -1.00
N ASP E 256 29.09 27.50 -1.91
CA ASP E 256 28.82 27.48 -3.34
C ASP E 256 28.99 26.06 -3.86
N TYR E 257 27.98 25.56 -4.59
CA TYR E 257 28.00 24.20 -5.07
C TYR E 257 27.91 24.15 -6.59
N VAL E 258 28.69 23.26 -7.19
CA VAL E 258 28.62 23.06 -8.63
C VAL E 258 27.46 22.12 -8.91
N VAL E 259 26.44 22.62 -9.61
CA VAL E 259 25.21 21.90 -9.89
C VAL E 259 25.15 21.61 -11.37
N MET E 260 24.77 20.39 -11.72
CA MET E 260 24.67 19.99 -13.10
C MET E 260 23.22 19.63 -13.37
N SER E 261 22.70 20.09 -14.49
CA SER E 261 21.29 19.91 -14.79
C SER E 261 21.17 19.24 -16.13
N VAL E 262 20.16 18.40 -16.28
CA VAL E 262 19.80 17.82 -17.56
C VAL E 262 18.35 18.17 -17.77
N TYR E 263 18.06 18.91 -18.82
CA TYR E 263 16.72 19.31 -19.12
C TYR E 263 16.23 18.38 -20.21
N PHE E 264 15.13 17.69 -19.96
CA PHE E 264 14.47 16.90 -20.98
C PHE E 264 13.30 17.73 -21.49
N ASP E 265 13.21 17.86 -22.79
CA ASP E 265 12.15 18.65 -23.40
C ASP E 265 11.08 17.66 -23.82
N LEU E 266 9.86 17.89 -23.35
CA LEU E 266 8.74 17.01 -23.65
C LEU E 266 7.64 17.85 -24.27
N SER E 267 6.86 17.22 -25.14
CA SER E 267 5.72 17.85 -25.76
C SER E 267 4.56 16.90 -25.60
N ARG E 268 3.41 17.44 -25.20
CA ARG E 268 2.26 16.61 -24.95
C ARG E 268 1.57 16.29 -26.26
N ARG E 269 1.38 14.99 -26.51
CA ARG E 269 0.70 14.51 -27.69
C ARG E 269 -0.80 14.44 -27.44
N MET E 270 -1.55 15.21 -28.22
CA MET E 270 -2.99 15.32 -28.08
C MET E 270 -3.66 14.19 -28.86
N GLY E 271 -3.57 13.00 -28.30
CA GLY E 271 -4.20 11.85 -28.91
C GLY E 271 -5.16 11.29 -27.90
N TYR E 272 -4.90 11.56 -26.63
CA TYR E 272 -5.80 11.14 -25.57
C TYR E 272 -6.78 12.23 -25.19
N PHE E 273 -6.30 13.46 -25.06
CA PHE E 273 -7.18 14.56 -24.72
C PHE E 273 -8.15 14.87 -25.85
N THR E 274 -7.79 14.54 -27.09
CA THR E 274 -8.70 14.70 -28.23
C THR E 274 -9.96 13.87 -28.00
N ILE E 275 -9.81 12.55 -27.98
CA ILE E 275 -10.96 11.67 -27.81
C ILE E 275 -11.48 11.64 -26.38
N GLN E 276 -10.81 12.32 -25.44
CA GLN E 276 -11.34 12.39 -24.09
C GLN E 276 -12.27 13.59 -23.91
N THR E 277 -11.89 14.76 -24.42
CA THR E 277 -12.71 15.94 -24.15
C THR E 277 -13.04 16.70 -25.42
N TYR E 278 -12.13 16.81 -26.40
CA TYR E 278 -12.40 17.72 -27.51
C TYR E 278 -13.44 17.13 -28.43
N ILE E 279 -13.35 15.84 -28.71
CA ILE E 279 -14.34 15.15 -29.55
C ILE E 279 -15.68 15.11 -28.80
N PRO E 280 -15.80 14.64 -27.54
CA PRO E 280 -17.15 14.61 -26.93
C PRO E 280 -17.80 15.97 -26.72
N CYS E 281 -17.03 17.02 -26.37
CA CYS E 281 -17.63 18.35 -26.19
C CYS E 281 -18.14 18.90 -27.52
N THR E 282 -17.36 18.73 -28.59
CA THR E 282 -17.80 19.13 -29.92
C THR E 282 -19.03 18.33 -30.34
N LEU E 283 -19.05 17.04 -30.00
CA LEU E 283 -20.19 16.18 -30.27
C LEU E 283 -21.43 16.67 -29.52
N ILE E 284 -21.27 17.11 -28.28
CA ILE E 284 -22.39 17.62 -27.49
C ILE E 284 -22.89 18.93 -28.07
N VAL E 285 -21.98 19.76 -28.60
CA VAL E 285 -22.38 21.01 -29.24
C VAL E 285 -23.19 20.72 -30.51
N VAL E 286 -22.68 19.80 -31.34
CA VAL E 286 -23.39 19.37 -32.55
C VAL E 286 -24.73 18.76 -32.18
N LEU E 287 -24.79 18.06 -31.03
CA LEU E 287 -26.04 17.52 -30.52
C LEU E 287 -27.02 18.63 -30.18
N SER E 288 -26.55 19.66 -29.47
CA SER E 288 -27.38 20.81 -29.13
C SER E 288 -27.87 21.55 -30.38
N TRP E 289 -27.10 21.44 -31.47
CA TRP E 289 -27.50 22.07 -32.73
C TRP E 289 -28.78 21.47 -33.28
N VAL E 290 -29.05 20.18 -33.03
CA VAL E 290 -30.17 19.52 -33.70
C VAL E 290 -31.51 20.06 -33.19
N SER E 291 -31.50 20.82 -32.09
CA SER E 291 -32.71 21.39 -31.54
C SER E 291 -33.34 22.42 -32.45
N PHE E 292 -32.57 22.96 -33.39
CA PHE E 292 -33.10 23.97 -34.28
C PHE E 292 -33.97 23.35 -35.36
N TRP E 293 -33.69 22.11 -35.75
CA TRP E 293 -34.51 21.53 -36.81
C TRP E 293 -35.82 20.96 -36.31
N ILE E 294 -36.02 20.87 -34.99
CA ILE E 294 -37.29 20.41 -34.46
C ILE E 294 -38.28 21.56 -34.44
N ASN E 295 -39.56 21.24 -34.68
CA ASN E 295 -40.64 22.21 -34.68
C ASN E 295 -40.77 22.89 -33.31
N LYS E 296 -41.02 24.20 -33.34
CA LYS E 296 -41.06 25.04 -32.14
C LYS E 296 -42.27 24.82 -31.25
N ASP E 297 -43.19 23.93 -31.63
CA ASP E 297 -44.37 23.67 -30.80
C ASP E 297 -44.07 22.63 -29.73
N ALA E 298 -43.19 21.68 -30.01
CA ALA E 298 -42.82 20.65 -29.05
C ALA E 298 -41.91 21.30 -28.03
N VAL E 299 -42.51 21.90 -27.01
CA VAL E 299 -41.76 22.57 -25.94
C VAL E 299 -40.93 21.61 -25.08
N PRO E 300 -41.46 20.47 -24.55
CA PRO E 300 -40.59 19.58 -23.75
C PRO E 300 -39.40 19.00 -24.51
N ALA E 301 -39.55 18.74 -25.82
CA ALA E 301 -38.46 18.20 -26.63
C ALA E 301 -37.26 19.15 -26.66
N ARG E 302 -37.50 20.40 -27.06
CA ARG E 302 -36.43 21.41 -27.15
C ARG E 302 -35.88 21.74 -25.77
N THR E 303 -36.76 21.79 -24.76
CA THR E 303 -36.33 22.03 -23.39
C THR E 303 -35.37 20.93 -22.93
N SER E 304 -35.73 19.67 -23.22
CA SER E 304 -34.90 18.51 -22.85
C SER E 304 -33.56 18.58 -23.57
N LEU E 305 -33.58 18.92 -24.86
CA LEU E 305 -32.36 19.12 -25.64
C LEU E 305 -31.43 20.12 -24.99
N GLY E 306 -31.96 21.30 -24.66
CA GLY E 306 -31.14 22.32 -24.04
C GLY E 306 -30.56 21.90 -22.70
N ILE E 307 -31.40 21.34 -21.82
CA ILE E 307 -30.94 21.02 -20.45
C ILE E 307 -29.95 19.84 -20.42
N THR E 308 -30.15 18.82 -21.27
CA THR E 308 -29.24 17.68 -21.29
C THR E 308 -27.87 18.04 -21.83
N THR E 309 -27.80 18.91 -22.84
CA THR E 309 -26.51 19.36 -23.32
C THR E 309 -25.73 20.13 -22.27
N VAL E 310 -26.42 20.99 -21.51
CA VAL E 310 -25.77 21.71 -20.42
C VAL E 310 -25.28 20.74 -19.34
N LEU E 311 -26.14 19.78 -18.97
CA LEU E 311 -25.78 18.70 -18.04
C LEU E 311 -24.52 17.98 -18.48
N THR E 312 -24.51 17.52 -19.73
CA THR E 312 -23.39 16.73 -20.25
C THR E 312 -22.14 17.59 -20.30
N MET E 313 -22.29 18.87 -20.65
CA MET E 313 -21.15 19.77 -20.70
C MET E 313 -20.55 19.98 -19.32
N THR E 314 -21.41 20.13 -18.30
CA THR E 314 -20.93 20.26 -16.92
C THR E 314 -20.18 19.01 -16.49
N THR E 315 -20.76 17.82 -16.78
CA THR E 315 -20.12 16.55 -16.43
C THR E 315 -18.76 16.43 -17.11
N LEU E 316 -18.71 16.81 -18.40
CA LEU E 316 -17.47 16.72 -19.18
C LEU E 316 -16.44 17.72 -18.67
N SER E 317 -16.88 18.91 -18.27
CA SER E 317 -15.97 19.90 -17.71
C SER E 317 -15.35 19.39 -16.43
N THR E 318 -16.15 18.79 -15.55
CA THR E 318 -15.63 18.24 -14.30
C THR E 318 -14.64 17.09 -14.55
N ILE E 319 -15.00 16.15 -15.44
CA ILE E 319 -14.14 14.98 -15.66
C ILE E 319 -12.90 15.39 -16.45
N ALA E 320 -12.96 16.54 -17.12
CA ALA E 320 -11.79 16.94 -17.88
C ALA E 320 -10.90 17.77 -16.97
N ARG E 321 -11.51 18.47 -15.98
CA ARG E 321 -10.69 19.26 -15.09
C ARG E 321 -9.88 18.34 -14.20
N LYS E 322 -10.39 17.11 -13.96
CA LYS E 322 -9.75 16.25 -12.95
C LYS E 322 -8.38 15.72 -13.41
N SER E 323 -8.00 16.01 -14.65
CA SER E 323 -6.78 15.43 -15.24
C SER E 323 -5.58 16.14 -14.66
N LEU E 324 -5.57 17.46 -14.76
CA LEU E 324 -4.49 18.31 -14.36
C LEU E 324 -4.71 18.72 -12.89
N PRO E 325 -3.68 19.27 -12.20
CA PRO E 325 -3.87 19.65 -10.79
C PRO E 325 -4.82 20.81 -10.58
N LYS E 326 -4.98 21.20 -9.33
CA LYS E 326 -5.99 22.20 -8.98
C LYS E 326 -5.38 23.58 -9.11
N VAL E 327 -4.82 23.88 -10.30
CA VAL E 327 -4.25 25.18 -10.63
C VAL E 327 -5.36 26.23 -10.73
N SER E 328 -4.97 27.48 -10.48
CA SER E 328 -5.91 28.59 -10.37
C SER E 328 -6.05 29.37 -11.66
N TYR E 329 -5.24 29.10 -12.67
CA TYR E 329 -5.32 29.80 -13.94
C TYR E 329 -6.13 28.99 -14.95
N VAL E 330 -6.50 29.67 -16.03
CA VAL E 330 -7.28 29.07 -17.11
C VAL E 330 -6.28 28.47 -18.10
N THR E 331 -6.57 27.27 -18.58
CA THR E 331 -5.74 26.57 -19.55
C THR E 331 -6.36 26.73 -20.94
N ALA E 332 -5.79 26.04 -21.92
CA ALA E 332 -6.36 26.03 -23.27
C ALA E 332 -7.41 24.95 -23.45
N MET E 333 -7.72 24.19 -22.42
CA MET E 333 -8.72 23.13 -22.56
C MET E 333 -10.01 23.50 -21.85
N ASP E 334 -9.91 24.20 -20.73
CA ASP E 334 -11.13 24.69 -20.10
C ASP E 334 -11.65 25.91 -20.82
N LEU E 335 -10.78 26.67 -21.52
CA LEU E 335 -11.28 27.73 -22.40
C LEU E 335 -12.17 27.13 -23.49
N PHE E 336 -11.72 26.01 -24.07
CA PHE E 336 -12.49 25.32 -25.11
C PHE E 336 -13.81 24.81 -24.57
N VAL E 337 -13.76 24.12 -23.42
CA VAL E 337 -14.96 23.56 -22.83
C VAL E 337 -15.89 24.66 -22.35
N SER E 338 -15.32 25.80 -21.92
CA SER E 338 -16.11 26.96 -21.54
C SER E 338 -16.84 27.57 -22.72
N VAL E 339 -16.17 27.69 -23.87
CA VAL E 339 -16.83 28.23 -25.06
C VAL E 339 -17.92 27.29 -25.55
N CYS E 340 -17.66 25.97 -25.47
CA CYS E 340 -18.69 24.98 -25.83
C CYS E 340 -19.89 25.09 -24.90
N PHE E 341 -19.63 25.23 -23.59
CA PHE E 341 -20.69 25.42 -22.61
C PHE E 341 -21.50 26.68 -22.92
N ILE E 342 -20.80 27.75 -23.30
CA ILE E 342 -21.48 28.98 -23.69
C ILE E 342 -22.34 28.75 -24.93
N PHE E 343 -21.86 27.94 -25.88
CA PHE E 343 -22.63 27.62 -27.08
C PHE E 343 -23.91 26.85 -26.76
N VAL E 344 -23.82 25.80 -25.93
CA VAL E 344 -25.02 25.02 -25.56
C VAL E 344 -25.99 25.92 -24.78
N PHE E 345 -25.48 26.68 -23.79
CA PHE E 345 -26.28 27.61 -23.01
C PHE E 345 -26.94 28.64 -23.92
N SER E 346 -26.22 29.10 -24.95
CA SER E 346 -26.72 30.09 -25.89
C SER E 346 -27.85 29.49 -26.71
N ALA E 347 -27.71 28.22 -27.11
CA ALA E 347 -28.79 27.52 -27.81
C ALA E 347 -30.04 27.47 -26.95
N LEU E 348 -29.85 27.14 -25.66
CA LEU E 348 -30.99 27.05 -24.74
C LEU E 348 -31.64 28.41 -24.54
N VAL E 349 -30.85 29.46 -24.34
CA VAL E 349 -31.41 30.80 -24.13
C VAL E 349 -32.04 31.33 -25.41
N GLU E 350 -31.51 30.91 -26.57
CA GLU E 350 -32.12 31.28 -27.85
C GLU E 350 -33.49 30.64 -27.99
N TYR E 351 -33.60 29.36 -27.64
CA TYR E 351 -34.91 28.72 -27.64
C TYR E 351 -35.84 29.35 -26.61
N GLY E 352 -35.29 29.74 -25.45
CA GLY E 352 -36.08 30.43 -24.43
C GLY E 352 -36.69 31.73 -24.93
N THR E 353 -35.86 32.58 -25.55
CA THR E 353 -36.38 33.82 -26.11
C THR E 353 -37.33 33.55 -27.27
N LEU E 354 -37.10 32.48 -28.04
CA LEU E 354 -38.02 32.08 -29.11
C LEU E 354 -39.41 31.74 -28.55
N HIS E 355 -39.43 30.91 -27.51
CA HIS E 355 -40.69 30.52 -26.88
C HIS E 355 -41.36 31.71 -26.18
N TYR E 356 -40.56 32.65 -25.68
CA TYR E 356 -41.16 33.83 -25.08
C TYR E 356 -41.75 34.74 -26.14
N PHE E 357 -41.10 34.85 -27.29
CA PHE E 357 -41.50 35.77 -28.35
C PHE E 357 -42.58 35.22 -29.27
N VAL E 358 -42.79 33.90 -29.32
CA VAL E 358 -43.83 33.34 -30.20
C VAL E 358 -45.23 33.80 -29.75
N SER E 359 -45.38 34.14 -28.47
CA SER E 359 -46.68 34.57 -27.99
C SER E 359 -46.91 36.05 -28.27
N SER E 360 -45.87 36.87 -28.16
CA SER E 360 -46.02 38.31 -28.36
C SER E 360 -46.22 38.62 -29.84
N GLN E 361 -45.22 38.29 -30.67
CA GLN E 361 -45.37 38.45 -32.12
C GLN E 361 -44.72 37.26 -32.85
N PRO E 362 -45.49 36.47 -33.60
CA PRO E 362 -44.88 35.35 -34.33
C PRO E 362 -44.05 35.79 -35.52
N ALA E 363 -44.28 37.00 -36.05
CA ALA E 363 -43.56 37.51 -37.20
C ALA E 363 -42.07 37.70 -36.91
N ARG E 364 -41.72 38.02 -35.66
CA ARG E 364 -40.33 38.16 -35.27
C ARG E 364 -39.72 36.83 -34.89
N ALA E 365 -40.53 35.92 -34.34
CA ALA E 365 -40.04 34.62 -33.89
C ALA E 365 -39.99 33.59 -35.01
N ALA E 366 -40.51 33.92 -36.20
CA ALA E 366 -40.47 32.93 -37.28
C ALA E 366 -39.05 32.73 -37.82
N LYS E 367 -38.34 33.81 -38.14
CA LYS E 367 -37.03 33.64 -38.75
C LYS E 367 -35.89 33.58 -37.73
N MET E 368 -36.20 33.39 -36.45
CA MET E 368 -35.16 33.29 -35.44
C MET E 368 -34.45 31.95 -35.56
N ASP E 369 -35.24 30.89 -35.74
CA ASP E 369 -34.67 29.56 -35.85
C ASP E 369 -33.91 29.44 -37.18
N SER E 370 -34.45 30.02 -38.26
CA SER E 370 -33.76 30.04 -39.56
C SER E 370 -32.45 30.82 -39.49
N TYR E 371 -32.39 31.84 -38.62
CA TYR E 371 -31.14 32.56 -38.42
C TYR E 371 -30.16 31.73 -37.60
N ALA E 372 -30.66 31.07 -36.55
CA ALA E 372 -29.80 30.28 -35.66
C ALA E 372 -29.17 29.10 -36.39
N ARG E 373 -29.94 28.43 -37.27
CA ARG E 373 -29.45 27.28 -38.02
C ARG E 373 -28.21 27.58 -38.86
N ILE E 374 -27.98 28.84 -39.23
CA ILE E 374 -26.80 29.24 -39.96
C ILE E 374 -25.83 30.03 -39.08
N PHE E 375 -26.31 30.59 -37.97
CA PHE E 375 -25.43 31.39 -37.13
C PHE E 375 -24.63 30.53 -36.16
N PHE E 376 -25.22 29.45 -35.64
CA PHE E 376 -24.52 28.64 -34.66
C PHE E 376 -23.38 27.84 -35.30
N PRO E 377 -23.58 27.04 -36.38
CA PRO E 377 -22.41 26.32 -36.94
C PRO E 377 -21.32 27.24 -37.44
N THR E 378 -21.68 28.38 -38.05
CA THR E 378 -20.67 29.32 -38.52
C THR E 378 -19.86 29.91 -37.38
N ALA E 379 -20.53 30.30 -36.29
CA ALA E 379 -19.84 30.84 -35.12
C ALA E 379 -18.93 29.80 -34.47
N PHE E 380 -19.41 28.56 -34.36
CA PHE E 380 -18.61 27.49 -33.77
C PHE E 380 -17.40 27.17 -34.64
N CYS E 381 -17.58 27.14 -35.97
CA CYS E 381 -16.48 26.86 -36.87
C CYS E 381 -15.45 27.99 -36.83
N LEU E 382 -15.91 29.24 -36.75
CA LEU E 382 -14.98 30.37 -36.63
C LEU E 382 -14.22 30.31 -35.30
N PHE E 383 -14.91 29.95 -34.21
CA PHE E 383 -14.23 29.78 -32.93
C PHE E 383 -13.17 28.68 -33.00
N ASN E 384 -13.53 27.53 -33.60
CA ASN E 384 -12.59 26.43 -33.74
C ASN E 384 -11.38 26.86 -34.56
N LEU E 385 -11.62 27.59 -35.66
CA LEU E 385 -10.53 28.07 -36.51
C LEU E 385 -9.59 28.97 -35.73
N VAL E 386 -10.15 30.00 -35.07
CA VAL E 386 -9.32 30.97 -34.35
C VAL E 386 -8.60 30.30 -33.18
N TYR E 387 -9.29 29.41 -32.46
CA TYR E 387 -8.71 28.72 -31.31
C TYR E 387 -7.55 27.83 -31.72
N TRP E 388 -7.78 26.96 -32.72
CA TRP E 388 -6.76 26.02 -33.14
C TRP E 388 -5.58 26.72 -33.81
N VAL E 389 -5.83 27.74 -34.63
CA VAL E 389 -4.73 28.48 -35.24
C VAL E 389 -3.92 29.22 -34.18
N SER E 390 -4.60 29.91 -33.26
CA SER E 390 -3.94 30.71 -32.23
C SER E 390 -3.17 29.85 -31.24
N TYR E 391 -3.63 28.62 -31.00
CA TYR E 391 -2.93 27.80 -30.01
C TYR E 391 -1.94 26.83 -30.63
N LEU E 392 -1.98 26.63 -31.95
CA LEU E 392 -0.92 25.84 -32.58
C LEU E 392 0.14 26.71 -33.22
N TYR E 393 -0.10 28.03 -33.33
CA TYR E 393 0.97 28.94 -33.71
C TYR E 393 1.91 29.18 -32.55
N LEU E 394 1.39 29.18 -31.33
CA LEU E 394 2.18 29.35 -30.12
C LEU E 394 3.03 28.10 -29.83
N ASN F 1 -13.93 12.82 43.20
CA ASN F 1 -13.79 11.86 44.29
C ASN F 1 -14.74 10.67 44.15
N ILE F 2 -14.19 9.52 43.77
CA ILE F 2 -14.96 8.32 43.55
C ILE F 2 -15.41 7.79 44.90
N VAL F 3 -16.70 7.56 45.06
CA VAL F 3 -17.23 7.06 46.33
C VAL F 3 -17.54 5.57 46.17
N MET F 4 -17.31 4.82 47.24
CA MET F 4 -17.53 3.38 47.23
C MET F 4 -18.63 3.09 48.23
N THR F 5 -19.69 2.44 47.78
CA THR F 5 -20.81 2.09 48.62
C THR F 5 -20.74 0.60 48.88
N GLN F 6 -20.57 0.23 50.15
CA GLN F 6 -20.42 -1.16 50.52
C GLN F 6 -21.71 -1.66 51.13
N SER F 7 -22.03 -2.94 50.92
CA SER F 7 -23.27 -3.49 51.41
C SER F 7 -23.03 -4.94 51.80
N PRO F 8 -23.60 -5.41 52.92
CA PRO F 8 -24.39 -4.62 53.86
C PRO F 8 -23.49 -4.01 54.92
N LYS F 9 -24.04 -3.10 55.72
CA LYS F 9 -23.30 -2.47 56.80
C LYS F 9 -22.86 -3.47 57.86
N SER F 10 -23.69 -4.47 58.13
CA SER F 10 -23.37 -5.51 59.11
C SER F 10 -24.03 -6.80 58.65
N MET F 11 -23.53 -7.94 59.11
CA MET F 11 -24.04 -9.23 58.73
C MET F 11 -23.73 -10.27 59.81
N SER F 12 -24.78 -10.96 60.24
CA SER F 12 -24.66 -11.99 61.26
C SER F 12 -24.94 -13.32 60.59
N MET F 13 -24.04 -14.27 60.75
CA MET F 13 -24.14 -15.58 60.14
C MET F 13 -23.28 -16.58 60.91
N SER F 14 -23.54 -17.86 60.69
CA SER F 14 -22.85 -18.90 61.46
C SER F 14 -21.56 -19.31 60.73
N VAL F 15 -20.94 -20.38 61.17
CA VAL F 15 -19.68 -20.85 60.64
C VAL F 15 -19.95 -21.89 59.56
N GLY F 16 -19.25 -21.79 58.43
CA GLY F 16 -19.25 -22.84 57.42
C GLY F 16 -19.97 -22.52 56.13
N GLU F 17 -20.89 -21.55 56.12
CA GLU F 17 -21.68 -21.28 54.95
C GLU F 17 -20.97 -20.27 54.05
N ARG F 18 -21.60 -19.96 52.93
CA ARG F 18 -21.03 -19.03 51.96
C ARG F 18 -21.65 -17.67 52.25
N VAL F 19 -20.82 -16.63 52.20
CA VAL F 19 -21.23 -15.27 52.48
C VAL F 19 -20.69 -14.38 51.37
N THR F 20 -21.34 -13.26 51.14
CA THR F 20 -21.03 -12.38 50.02
C THR F 20 -21.15 -10.95 50.50
N LEU F 21 -20.17 -10.14 50.15
CA LEU F 21 -20.13 -8.73 50.47
C LEU F 21 -20.07 -7.99 49.14
N SER F 22 -20.74 -6.84 49.09
CA SER F 22 -20.81 -6.10 47.85
C SER F 22 -20.21 -4.72 47.99
N CYS F 23 -19.70 -4.21 46.88
CA CYS F 23 -19.12 -2.87 46.85
C CYS F 23 -19.49 -2.30 45.50
N LYS F 24 -19.91 -1.04 45.47
CA LYS F 24 -20.33 -0.39 44.23
C LYS F 24 -19.64 0.96 44.15
N ALA F 25 -19.26 1.36 42.96
CA ALA F 25 -18.61 2.64 42.75
C ALA F 25 -19.52 3.61 42.01
N SER F 26 -19.28 4.89 42.24
CA SER F 26 -20.01 5.92 41.52
C SER F 26 -19.47 6.09 40.11
N GLU F 27 -18.17 6.31 40.00
CA GLU F 27 -17.50 6.44 38.72
C GLU F 27 -16.96 5.07 38.29
N TYR F 28 -16.13 5.07 37.26
CA TYR F 28 -15.52 3.86 36.75
C TYR F 28 -14.23 3.56 37.52
N VAL F 29 -14.09 2.32 37.99
CA VAL F 29 -12.84 1.83 38.56
C VAL F 29 -12.57 0.45 37.96
N GLY F 30 -11.67 0.39 36.99
CA GLY F 30 -11.55 -0.86 36.27
C GLY F 30 -10.60 -1.85 36.90
N THR F 31 -11.14 -2.79 37.69
CA THR F 31 -10.39 -3.86 38.36
C THR F 31 -9.23 -3.31 39.18
N TYR F 32 -9.46 -2.17 39.83
CA TYR F 32 -8.50 -1.59 40.76
C TYR F 32 -9.11 -1.44 42.13
N VAL F 33 -9.78 -2.49 42.61
CA VAL F 33 -10.50 -2.43 43.87
C VAL F 33 -9.90 -3.51 44.75
N SER F 34 -9.41 -3.09 45.91
CA SER F 34 -8.77 -3.98 46.86
C SER F 34 -9.67 -4.21 48.07
N TRP F 35 -9.50 -5.37 48.69
CA TRP F 35 -10.26 -5.78 49.86
C TRP F 35 -9.31 -5.99 51.02
N TYR F 36 -9.54 -5.25 52.11
CA TYR F 36 -8.73 -5.34 53.30
C TYR F 36 -9.55 -5.90 54.46
N GLN F 37 -8.86 -6.57 55.36
CA GLN F 37 -9.46 -7.13 56.56
C GLN F 37 -8.74 -6.53 57.76
N GLN F 38 -9.50 -6.00 58.71
CA GLN F 38 -8.93 -5.39 59.90
C GLN F 38 -9.57 -6.06 61.11
N LYS F 39 -8.76 -6.75 61.88
CA LYS F 39 -9.19 -7.32 63.14
C LYS F 39 -9.14 -6.25 64.23
N PRO F 40 -9.88 -6.44 65.34
CA PRO F 40 -9.89 -5.40 66.40
C PRO F 40 -8.51 -5.18 66.98
N GLU F 41 -8.13 -3.90 67.06
CA GLU F 41 -6.85 -3.43 67.59
C GLU F 41 -5.71 -4.03 66.76
N GLN F 42 -5.81 -3.86 65.45
CA GLN F 42 -4.79 -4.29 64.51
C GLN F 42 -4.82 -3.38 63.29
N SER F 43 -3.86 -3.60 62.40
CA SER F 43 -3.78 -2.84 61.17
C SER F 43 -4.45 -3.62 60.04
N PRO F 44 -5.03 -2.93 59.05
CA PRO F 44 -5.69 -3.65 57.95
C PRO F 44 -4.68 -4.45 57.15
N LYS F 45 -5.11 -5.64 56.73
CA LYS F 45 -4.27 -6.52 55.95
C LYS F 45 -4.90 -6.73 54.58
N LEU F 46 -4.08 -6.69 53.53
CA LEU F 46 -4.57 -6.85 52.17
C LEU F 46 -4.97 -8.31 51.96
N LEU F 47 -6.21 -8.52 51.55
CA LEU F 47 -6.71 -9.84 51.18
C LEU F 47 -6.71 -10.05 49.67
N ILE F 48 -7.37 -9.17 48.94
CA ILE F 48 -7.58 -9.29 47.50
C ILE F 48 -7.07 -8.00 46.87
N TYR F 49 -6.25 -8.13 45.84
CA TYR F 49 -5.80 -6.99 45.06
C TYR F 49 -6.30 -7.13 43.63
N GLY F 50 -5.96 -6.15 42.80
CA GLY F 50 -6.53 -6.12 41.45
C GLY F 50 -8.03 -5.97 41.56
N ALA F 51 -8.73 -7.00 41.09
CA ALA F 51 -10.12 -7.24 41.46
C ALA F 51 -10.31 -8.67 41.92
N SER F 52 -9.58 -9.61 41.29
CA SER F 52 -9.56 -11.00 41.69
C SER F 52 -8.12 -11.49 41.67
N ASN F 53 -7.41 -11.27 42.78
CA ASN F 53 -6.01 -11.66 42.91
C ASN F 53 -5.70 -11.82 44.39
N ARG F 54 -5.53 -13.06 44.84
CA ARG F 54 -5.24 -13.29 46.24
C ARG F 54 -3.82 -12.86 46.58
N TYR F 55 -3.69 -12.09 47.66
CA TYR F 55 -2.38 -11.66 48.12
C TYR F 55 -1.59 -12.85 48.65
N THR F 56 -0.27 -12.76 48.51
CA THR F 56 0.61 -13.87 48.88
C THR F 56 0.61 -14.02 50.40
N GLY F 57 -0.19 -14.96 50.90
CA GLY F 57 -0.27 -15.25 52.31
C GLY F 57 -1.69 -15.30 52.82
N VAL F 58 -2.67 -15.31 51.95
CA VAL F 58 -4.08 -15.34 52.32
C VAL F 58 -4.61 -16.73 51.96
N PRO F 59 -5.62 -17.26 52.67
CA PRO F 59 -6.18 -18.57 52.31
C PRO F 59 -6.87 -18.56 50.95
N ASP F 60 -7.25 -19.76 50.51
CA ASP F 60 -7.89 -19.91 49.23
C ASP F 60 -9.39 -19.75 49.29
N ARG F 61 -9.96 -19.59 50.48
CA ARG F 61 -11.41 -19.46 50.60
C ARG F 61 -11.90 -18.07 50.24
N PHE F 62 -11.02 -17.09 50.15
CA PHE F 62 -11.42 -15.76 49.68
C PHE F 62 -11.28 -15.73 48.16
N THR F 63 -12.29 -15.18 47.49
CA THR F 63 -12.26 -15.03 46.04
C THR F 63 -12.97 -13.72 45.71
N GLY F 64 -12.38 -13.00 44.76
CA GLY F 64 -12.93 -11.75 44.29
C GLY F 64 -13.51 -11.86 42.90
N SER F 65 -14.54 -11.06 42.65
CA SER F 65 -15.16 -10.99 41.34
C SER F 65 -15.39 -9.52 41.05
N GLY F 66 -14.91 -9.07 39.90
CA GLY F 66 -14.87 -7.66 39.60
C GLY F 66 -15.57 -7.30 38.30
N SER F 67 -15.84 -6.02 38.15
CA SER F 67 -16.49 -5.46 36.98
C SER F 67 -15.99 -4.03 36.81
N ALA F 68 -16.73 -3.20 36.07
CA ALA F 68 -16.40 -1.78 36.01
C ALA F 68 -16.98 -0.99 37.18
N THR F 69 -18.09 -1.41 37.77
CA THR F 69 -18.70 -0.68 38.86
C THR F 69 -19.05 -1.54 40.06
N ASP F 70 -19.49 -2.77 39.84
CA ASP F 70 -19.95 -3.63 40.93
C ASP F 70 -18.93 -4.71 41.21
N PHE F 71 -18.48 -4.78 42.46
CA PHE F 71 -17.48 -5.74 42.89
C PHE F 71 -18.03 -6.51 44.06
N THR F 72 -17.54 -7.72 44.28
CA THR F 72 -18.00 -8.58 45.36
C THR F 72 -16.87 -9.44 45.88
N LEU F 73 -16.99 -9.79 47.17
CA LEU F 73 -16.03 -10.67 47.83
C LEU F 73 -16.85 -11.79 48.45
N THR F 74 -16.57 -13.02 48.05
CA THR F 74 -17.29 -14.19 48.54
C THR F 74 -16.35 -15.04 49.38
N ILE F 75 -16.79 -15.42 50.57
CA ILE F 75 -16.02 -16.28 51.46
C ILE F 75 -16.80 -17.57 51.65
N GLY F 76 -16.24 -18.67 51.14
CA GLY F 76 -16.85 -19.98 51.28
C GLY F 76 -16.18 -20.75 52.40
N SER F 77 -17.01 -21.36 53.25
CA SER F 77 -16.61 -22.16 54.41
C SER F 77 -15.75 -21.30 55.36
N VAL F 78 -16.43 -20.28 55.91
CA VAL F 78 -15.82 -19.34 56.82
C VAL F 78 -15.37 -20.05 58.11
N GLN F 79 -14.46 -19.41 58.84
CA GLN F 79 -13.99 -19.94 60.11
C GLN F 79 -14.31 -19.00 61.26
N ALA F 80 -13.79 -19.32 62.45
CA ALA F 80 -14.01 -18.50 63.61
C ALA F 80 -13.03 -17.33 63.68
N GLU F 81 -12.02 -17.31 62.82
CA GLU F 81 -11.07 -16.21 62.79
C GLU F 81 -11.24 -15.28 61.59
N ASP F 82 -12.23 -15.52 60.73
CA ASP F 82 -12.53 -14.60 59.64
C ASP F 82 -13.56 -13.55 60.01
N LEU F 83 -13.71 -13.25 61.30
CA LEU F 83 -14.62 -12.18 61.75
C LEU F 83 -13.76 -10.96 62.01
N ALA F 84 -14.06 -9.88 61.26
CA ALA F 84 -13.32 -8.63 61.30
C ALA F 84 -14.10 -7.61 60.48
N ASP F 85 -13.53 -6.42 60.33
CA ASP F 85 -14.08 -5.44 59.41
C ASP F 85 -13.47 -5.64 58.04
N TYR F 86 -14.28 -5.39 57.01
CA TYR F 86 -13.84 -5.56 55.63
C TYR F 86 -14.12 -4.28 54.88
N HIS F 87 -13.09 -3.75 54.23
CA HIS F 87 -13.19 -2.49 53.52
C HIS F 87 -12.86 -2.74 52.06
N CYS F 88 -13.62 -2.10 51.18
CA CYS F 88 -13.30 -2.08 49.76
C CYS F 88 -12.79 -0.70 49.42
N GLY F 89 -11.68 -0.66 48.70
CA GLY F 89 -11.11 0.61 48.34
C GLY F 89 -10.68 0.60 46.90
N GLN F 90 -10.98 1.69 46.20
CA GLN F 90 -10.59 1.82 44.81
C GLN F 90 -9.26 2.53 44.72
N SER F 91 -8.55 2.28 43.63
CA SER F 91 -7.27 2.92 43.40
C SER F 91 -7.12 3.43 41.97
N TYR F 92 -8.20 3.42 41.19
CA TYR F 92 -8.19 3.96 39.84
C TYR F 92 -7.86 5.43 39.84
N SER F 93 -8.36 6.15 40.84
CA SER F 93 -8.07 7.55 41.06
C SER F 93 -7.40 7.58 42.41
N TYR F 94 -7.26 8.77 42.99
CA TYR F 94 -6.80 8.89 44.37
C TYR F 94 -7.65 8.02 45.28
N PRO F 95 -7.05 7.23 46.17
CA PRO F 95 -7.76 6.12 46.83
C PRO F 95 -8.84 6.60 47.78
N THR F 96 -10.00 5.97 47.70
CA THR F 96 -11.09 6.18 48.63
C THR F 96 -11.57 4.82 49.08
N PHE F 97 -11.93 4.71 50.35
CA PHE F 97 -12.32 3.44 50.94
C PHE F 97 -13.82 3.42 51.17
N GLY F 98 -14.32 2.25 51.52
CA GLY F 98 -15.71 2.14 51.88
C GLY F 98 -15.89 2.30 53.37
N ALA F 99 -17.16 2.28 53.79
CA ALA F 99 -17.50 2.51 55.18
C ALA F 99 -17.12 1.35 56.07
N GLY F 100 -17.08 0.13 55.54
CA GLY F 100 -16.77 -1.04 56.32
C GLY F 100 -17.94 -2.02 56.40
N THR F 101 -17.67 -3.18 56.96
CA THR F 101 -18.68 -4.24 57.10
C THR F 101 -18.30 -5.12 58.28
N LYS F 102 -19.09 -5.05 59.34
CA LYS F 102 -18.90 -5.89 60.52
C LYS F 102 -19.37 -7.31 60.24
N LEU F 103 -18.69 -8.28 60.84
CA LEU F 103 -19.03 -9.69 60.69
C LEU F 103 -19.16 -10.35 62.06
N GLU F 104 -20.36 -10.86 62.37
CA GLU F 104 -20.72 -11.43 63.65
C GLU F 104 -21.31 -12.82 63.48
N LEU F 105 -21.22 -13.62 64.56
CA LEU F 105 -21.71 -14.99 64.57
C LEU F 105 -23.01 -15.13 65.36
N VAL G 2 8.41 -4.66 53.43
CA VAL G 2 8.37 -5.84 54.27
C VAL G 2 7.93 -5.45 55.68
N GLN G 3 8.36 -4.27 56.13
CA GLN G 3 7.97 -3.77 57.43
C GLN G 3 7.88 -2.25 57.40
N LEU G 4 6.85 -1.71 58.04
CA LEU G 4 6.67 -0.27 58.22
C LEU G 4 6.51 -0.07 59.72
N GLN G 5 7.40 0.73 60.31
CA GLN G 5 7.36 0.99 61.74
C GLN G 5 6.97 2.43 62.01
N GLN G 6 5.89 2.62 62.73
CA GLN G 6 5.40 3.95 63.08
C GLN G 6 5.81 4.31 64.49
N SER G 7 5.54 5.57 64.84
CA SER G 7 5.90 6.08 66.15
C SER G 7 4.87 5.62 67.19
N GLY G 8 4.97 6.16 68.39
CA GLY G 8 4.07 5.76 69.45
C GLY G 8 2.92 6.75 69.62
N ALA G 9 1.80 6.22 70.13
CA ALA G 9 0.62 7.02 70.38
C ALA G 9 0.92 8.08 71.44
N GLU G 10 0.19 9.20 71.35
CA GLU G 10 0.41 10.30 72.28
C GLU G 10 -0.81 11.22 72.28
N LEU G 11 -0.84 12.11 73.27
CA LEU G 11 -1.88 13.14 73.37
C LEU G 11 -1.23 14.44 72.90
N VAL G 12 -2.07 15.42 72.54
CA VAL G 12 -1.67 16.74 72.06
C VAL G 12 -2.80 17.72 72.34
N LYS G 13 -2.43 18.95 72.69
CA LYS G 13 -3.42 19.96 73.00
C LYS G 13 -4.03 20.53 71.72
N PRO G 14 -5.34 20.82 71.72
CA PRO G 14 -6.01 21.35 70.53
C PRO G 14 -5.44 22.70 70.09
N GLY G 15 -4.92 22.75 68.87
CA GLY G 15 -4.33 23.94 68.31
C GLY G 15 -2.83 23.86 68.11
N ALA G 16 -2.22 22.74 68.49
CA ALA G 16 -0.79 22.53 68.37
C ALA G 16 -0.51 21.85 67.03
N SER G 17 0.71 21.34 66.86
CA SER G 17 1.08 20.62 65.66
C SER G 17 1.77 19.33 66.06
N VAL G 18 1.60 18.31 65.23
CA VAL G 18 2.15 16.97 65.48
C VAL G 18 2.95 16.57 64.25
N LYS G 19 3.92 15.68 64.44
CA LYS G 19 4.72 15.12 63.36
C LYS G 19 4.74 13.62 63.61
N LEU G 20 4.00 12.87 62.79
CA LEU G 20 3.98 11.43 62.90
C LEU G 20 5.03 10.85 61.98
N SER G 21 5.62 9.73 62.40
CA SER G 21 6.71 9.15 61.65
C SER G 21 6.34 7.74 61.24
N CYS G 22 6.98 7.27 60.18
CA CYS G 22 6.76 5.93 59.65
C CYS G 22 8.11 5.49 59.08
N THR G 23 8.74 4.53 59.76
CA THR G 23 10.06 4.09 59.35
C THR G 23 9.92 2.78 58.59
N ALA G 24 10.48 2.75 57.40
CA ALA G 24 10.39 1.57 56.55
C ALA G 24 11.63 0.71 56.70
N SER G 25 11.41 -0.61 56.71
CA SER G 25 12.51 -1.55 56.81
C SER G 25 12.21 -2.74 55.93
N GLY G 26 13.14 -3.06 55.04
CA GLY G 26 12.98 -4.13 54.10
C GLY G 26 12.90 -3.67 52.66
N PHE G 27 12.83 -2.36 52.43
CA PHE G 27 12.76 -1.80 51.08
C PHE G 27 13.20 -0.35 51.14
N ASN G 28 13.30 0.26 49.97
CA ASN G 28 13.65 1.67 49.82
C ASN G 28 12.40 2.43 49.44
N ILE G 29 12.11 3.52 50.14
CA ILE G 29 10.89 4.26 49.87
C ILE G 29 10.93 4.98 48.52
N LYS G 30 12.10 5.17 47.91
CA LYS G 30 12.19 5.79 46.59
C LYS G 30 11.62 4.94 45.46
N ASP G 31 11.19 3.70 45.71
CA ASP G 31 10.65 2.85 44.65
C ASP G 31 9.14 2.93 44.57
N THR G 32 8.46 2.98 45.70
CA THR G 32 7.00 2.93 45.74
C THR G 32 6.46 4.26 46.21
N TYR G 33 5.14 4.38 46.21
CA TYR G 33 4.47 5.52 46.82
C TYR G 33 4.19 5.22 48.28
N MET G 34 3.99 6.28 49.05
CA MET G 34 3.70 6.16 50.47
C MET G 34 2.39 6.88 50.76
N TYR G 35 1.44 6.16 51.34
CA TYR G 35 0.12 6.67 51.65
C TYR G 35 -0.04 6.86 53.14
N TRP G 36 -0.81 7.87 53.52
CA TRP G 36 -1.21 8.07 54.90
C TRP G 36 -2.71 7.95 54.97
N VAL G 37 -3.20 7.06 55.83
CA VAL G 37 -4.63 6.79 55.96
C VAL G 37 -5.01 7.06 57.41
N LYS G 38 -6.23 7.56 57.61
CA LYS G 38 -6.76 7.90 58.91
C LYS G 38 -8.02 7.09 59.16
N GLN G 39 -8.18 6.54 60.36
CA GLN G 39 -9.38 5.79 60.67
C GLN G 39 -9.95 6.31 61.97
N ARG G 40 -11.23 6.70 61.93
CA ARG G 40 -11.99 7.10 63.08
C ARG G 40 -12.65 5.89 63.76
N PRO G 41 -13.02 6.00 65.03
CA PRO G 41 -13.69 4.88 65.73
C PRO G 41 -15.02 4.55 65.05
N GLU G 42 -15.12 3.30 64.58
CA GLU G 42 -16.33 2.76 63.92
C GLU G 42 -16.71 3.56 62.68
N GLN G 43 -15.71 3.92 61.88
CA GLN G 43 -15.94 4.60 60.63
C GLN G 43 -15.10 3.89 59.57
N GLY G 44 -15.20 4.35 58.33
CA GLY G 44 -14.42 3.81 57.24
C GLY G 44 -13.03 4.39 57.23
N LEU G 45 -12.13 3.73 56.48
CA LEU G 45 -10.79 4.30 56.41
C LEU G 45 -10.86 5.51 55.50
N GLU G 46 -10.02 6.50 55.79
CA GLU G 46 -10.03 7.70 54.98
C GLU G 46 -8.61 8.06 54.60
N TRP G 47 -8.41 8.31 53.31
CA TRP G 47 -7.11 8.63 52.74
C TRP G 47 -6.79 10.10 52.93
N ILE G 48 -5.64 10.36 53.53
CA ILE G 48 -5.19 11.72 53.81
C ILE G 48 -4.41 12.23 52.61
N GLY G 49 -3.30 11.57 52.29
CA GLY G 49 -2.45 12.08 51.25
C GLY G 49 -1.46 11.05 50.75
N ARG G 50 -0.69 11.47 49.76
CA ARG G 50 0.15 10.60 48.97
C ARG G 50 1.45 11.36 48.70
N ILE G 51 2.59 10.68 48.84
CA ILE G 51 3.86 11.29 48.50
C ILE G 51 4.64 10.30 47.63
N ASP G 52 5.36 10.83 46.64
CA ASP G 52 6.26 10.08 45.79
C ASP G 52 7.67 10.42 46.24
N PRO G 53 8.31 9.59 47.07
CA PRO G 53 9.59 9.97 47.68
C PRO G 53 10.74 10.15 46.69
N ALA G 54 10.67 9.52 45.51
CA ALA G 54 11.75 9.64 44.54
C ALA G 54 11.79 11.03 43.93
N ASN G 55 10.64 11.55 43.50
CA ASN G 55 10.53 12.88 42.93
C ASN G 55 10.31 13.94 43.99
N GLY G 56 9.30 13.76 44.84
CA GLY G 56 8.99 14.72 45.88
C GLY G 56 7.63 15.36 45.78
N ASP G 57 6.87 15.10 44.71
CA ASP G 57 5.57 15.72 44.60
C ASP G 57 4.53 14.97 45.43
N THR G 58 3.57 15.71 45.97
CA THR G 58 2.57 15.14 46.86
C THR G 58 1.18 15.53 46.39
N LYS G 59 0.20 14.72 46.80
CA LYS G 59 -1.21 15.00 46.62
C LYS G 59 -1.93 14.82 47.95
N TYR G 60 -3.02 15.55 48.14
CA TYR G 60 -3.80 15.47 49.36
C TYR G 60 -5.27 15.38 49.01
N ASP G 61 -6.03 14.74 49.90
CA ASP G 61 -7.48 14.71 49.79
C ASP G 61 -7.97 16.16 49.91
N PRO G 62 -8.92 16.59 49.07
CA PRO G 62 -9.47 17.96 49.19
C PRO G 62 -10.00 18.36 50.57
N LYS G 63 -10.53 17.43 51.37
CA LYS G 63 -10.94 17.77 52.72
C LYS G 63 -9.75 18.06 53.62
N PHE G 64 -8.61 17.40 53.37
CA PHE G 64 -7.41 17.58 54.18
C PHE G 64 -6.41 18.49 53.49
N GLN G 65 -6.79 19.12 52.37
CA GLN G 65 -5.90 20.02 51.66
C GLN G 65 -5.62 21.25 52.51
N GLY G 66 -4.35 21.53 52.75
CA GLY G 66 -3.96 22.67 53.55
C GLY G 66 -3.85 22.39 55.04
N LYS G 67 -4.41 21.28 55.50
CA LYS G 67 -4.34 20.89 56.91
C LYS G 67 -3.15 19.98 57.18
N ALA G 68 -2.85 19.07 56.27
CA ALA G 68 -1.78 18.11 56.45
C ALA G 68 -0.66 18.38 55.47
N THR G 69 0.56 18.04 55.87
CA THR G 69 1.73 18.16 55.02
C THR G 69 2.57 16.91 55.18
N ILE G 70 2.74 16.16 54.09
CA ILE G 70 3.48 14.91 54.10
C ILE G 70 4.86 15.14 53.51
N THR G 71 5.89 14.63 54.19
CA THR G 71 7.26 14.75 53.70
C THR G 71 7.98 13.44 53.99
N THR G 72 9.19 13.33 53.45
CA THR G 72 10.02 12.13 53.54
C THR G 72 11.48 12.52 53.78
N ASP G 73 12.26 11.53 54.17
CA ASP G 73 13.70 11.64 54.36
C ASP G 73 14.25 10.29 53.90
N THR G 74 14.94 10.30 52.76
CA THR G 74 15.39 9.06 52.15
C THR G 74 16.63 8.49 52.84
N PHE G 75 17.42 9.34 53.50
CA PHE G 75 18.60 8.89 54.23
C PHE G 75 18.22 7.93 55.35
N SER G 76 17.30 8.34 56.23
CA SER G 76 16.83 7.48 57.31
C SER G 76 15.68 6.57 56.90
N ASN G 77 15.23 6.66 55.63
CA ASN G 77 14.15 5.82 55.07
C ASN G 77 12.85 5.99 55.86
N THR G 78 12.43 7.23 56.04
CA THR G 78 11.27 7.54 56.85
C THR G 78 10.33 8.45 56.05
N ALA G 79 9.06 8.49 56.47
CA ALA G 79 8.05 9.35 55.89
C ALA G 79 7.34 10.03 57.03
N TYR G 80 7.12 11.34 56.90
CA TYR G 80 6.54 12.14 57.97
C TYR G 80 5.22 12.75 57.54
N LEU G 81 4.32 12.89 58.50
CA LEU G 81 3.02 13.56 58.32
C LEU G 81 2.88 14.64 59.37
N GLN G 82 2.73 15.88 58.93
CA GLN G 82 2.60 17.02 59.82
C GLN G 82 1.14 17.50 59.79
N LEU G 83 0.50 17.49 60.94
CA LEU G 83 -0.87 17.98 61.09
C LEU G 83 -0.83 19.30 61.86
N SER G 84 -1.58 20.28 61.38
CA SER G 84 -1.62 21.58 62.05
C SER G 84 -3.05 22.02 62.26
N SER G 85 -3.22 22.95 63.20
CA SER G 85 -4.50 23.55 63.60
C SER G 85 -5.54 22.48 63.95
N LEU G 86 -5.20 21.69 64.96
CA LEU G 86 -6.05 20.54 65.30
C LEU G 86 -7.32 20.98 65.98
N THR G 87 -8.33 20.11 65.90
CA THR G 87 -9.63 20.30 66.52
C THR G 87 -9.99 19.03 67.29
N SER G 88 -11.22 18.93 67.76
CA SER G 88 -11.66 17.78 68.54
C SER G 88 -12.06 16.59 67.67
N GLU G 89 -12.36 16.79 66.39
CA GLU G 89 -12.73 15.69 65.51
C GLU G 89 -11.53 15.03 64.85
N ASP G 90 -10.31 15.25 65.36
CA ASP G 90 -9.12 14.64 64.82
C ASP G 90 -8.64 13.44 65.63
N THR G 91 -9.35 13.10 66.71
CA THR G 91 -8.99 11.91 67.47
C THR G 91 -9.27 10.65 66.64
N ALA G 92 -8.21 10.02 66.16
CA ALA G 92 -8.33 8.91 65.22
C ALA G 92 -7.08 8.06 65.31
N VAL G 93 -6.97 7.12 64.38
CA VAL G 93 -5.80 6.26 64.23
C VAL G 93 -5.24 6.51 62.83
N TYR G 94 -3.95 6.82 62.76
CA TYR G 94 -3.33 7.19 61.49
C TYR G 94 -2.42 6.05 61.05
N TYR G 95 -2.61 5.60 59.80
CA TYR G 95 -1.85 4.51 59.24
C TYR G 95 -0.96 4.98 58.10
N CYS G 96 0.18 4.32 57.98
CA CYS G 96 1.18 4.58 56.95
C CYS G 96 1.27 3.34 56.08
N ALA G 97 0.90 3.47 54.81
CA ALA G 97 0.79 2.32 53.93
C ALA G 97 1.73 2.46 52.74
N ARG G 98 2.09 1.32 52.17
CA ARG G 98 3.02 1.25 51.04
C ARG G 98 2.27 0.71 49.84
N LYS G 99 2.46 1.34 48.69
CA LYS G 99 1.80 0.88 47.48
C LYS G 99 2.53 -0.32 46.92
N GLY G 100 1.79 -1.21 46.27
CA GLY G 100 2.40 -2.34 45.59
C GLY G 100 1.36 -3.32 45.11
N LEU G 101 1.70 -4.09 44.07
CA LEU G 101 0.87 -5.17 43.53
C LEU G 101 -0.50 -4.65 43.07
N ARG G 102 -0.45 -3.86 42.00
CA ARG G 102 -1.62 -3.36 41.26
C ARG G 102 -2.42 -2.35 42.08
N TRP G 103 -1.71 -1.44 42.75
CA TRP G 103 -2.28 -0.31 43.50
C TRP G 103 -3.22 -0.79 44.60
N ALA G 104 -2.63 -1.47 45.56
CA ALA G 104 -3.42 -2.16 46.55
C ALA G 104 -3.16 -1.75 47.99
N MET G 105 -2.05 -1.08 48.28
CA MET G 105 -1.62 -0.73 49.64
C MET G 105 -1.49 -2.01 50.49
N ASP G 106 -0.53 -2.83 50.06
CA ASP G 106 -0.38 -4.17 50.60
C ASP G 106 0.25 -4.18 51.99
N TYR G 107 1.19 -3.27 52.24
CA TYR G 107 1.89 -3.25 53.51
C TYR G 107 1.45 -2.02 54.28
N TRP G 108 1.03 -2.23 55.51
CA TRP G 108 0.57 -1.16 56.39
C TRP G 108 1.49 -1.05 57.60
N GLY G 109 1.37 0.05 58.32
CA GLY G 109 2.14 0.24 59.53
C GLY G 109 1.45 -0.40 60.71
N GLN G 110 1.82 0.08 61.90
CA GLN G 110 1.13 -0.38 63.11
C GLN G 110 0.09 0.62 63.57
N GLY G 111 0.17 1.86 63.09
CA GLY G 111 -0.80 2.88 63.39
C GLY G 111 -0.54 3.59 64.70
N THR G 112 -0.57 4.92 64.67
CA THR G 112 -0.43 5.72 65.87
C THR G 112 -1.77 6.36 66.21
N SER G 113 -2.11 6.33 67.50
CA SER G 113 -3.33 6.92 67.99
C SER G 113 -3.04 8.36 68.41
N VAL G 114 -3.71 9.30 67.77
CA VAL G 114 -3.57 10.71 68.11
C VAL G 114 -4.86 11.13 68.79
N THR G 115 -4.77 11.54 70.04
CA THR G 115 -5.95 11.97 70.80
C THR G 115 -5.77 13.41 71.26
N VAL G 116 -6.87 14.16 71.22
CA VAL G 116 -6.86 15.57 71.56
C VAL G 116 -7.70 15.79 72.82
N SER G 117 -7.04 16.27 73.87
CA SER G 117 -7.71 16.52 75.14
C SER G 117 -7.91 18.01 75.39
N ASN H 1 8.67 -31.95 -31.39
CA ASN H 1 9.93 -32.11 -32.10
C ASN H 1 10.11 -31.06 -33.19
N ILE H 2 10.95 -30.06 -32.92
CA ILE H 2 11.20 -28.96 -33.83
C ILE H 2 11.97 -29.50 -35.02
N VAL H 3 11.43 -29.30 -36.22
CA VAL H 3 12.07 -29.81 -37.43
C VAL H 3 12.80 -28.66 -38.10
N MET H 4 14.05 -28.92 -38.46
CA MET H 4 14.87 -27.93 -39.13
C MET H 4 14.99 -28.37 -40.57
N THR H 5 14.62 -27.49 -41.50
CA THR H 5 14.69 -27.79 -42.93
C THR H 5 15.83 -26.97 -43.52
N GLN H 6 16.78 -27.65 -44.13
CA GLN H 6 17.96 -26.98 -44.66
C GLN H 6 17.87 -27.02 -46.17
N SER H 7 18.29 -25.94 -46.81
CA SER H 7 18.18 -25.87 -48.25
C SER H 7 19.41 -25.17 -48.80
N PRO H 8 19.93 -25.61 -49.95
CA PRO H 8 19.52 -26.77 -50.76
C PRO H 8 20.15 -28.07 -50.27
N LYS H 9 19.68 -29.20 -50.78
CA LYS H 9 20.19 -30.50 -50.35
C LYS H 9 21.57 -30.77 -50.92
N SER H 10 21.91 -30.14 -52.04
CA SER H 10 23.22 -30.29 -52.67
C SER H 10 23.40 -29.11 -53.60
N MET H 11 24.58 -28.51 -53.61
CA MET H 11 24.86 -27.36 -54.45
C MET H 11 26.32 -27.37 -54.89
N SER H 12 26.57 -26.67 -55.99
CA SER H 12 27.92 -26.47 -56.50
C SER H 12 28.08 -24.98 -56.76
N MET H 13 29.32 -24.48 -56.64
CA MET H 13 29.69 -23.08 -56.75
C MET H 13 31.21 -23.05 -56.87
N SER H 14 31.74 -21.95 -57.42
CA SER H 14 33.18 -21.91 -57.63
C SER H 14 33.88 -21.27 -56.45
N VAL H 15 35.16 -20.95 -56.65
CA VAL H 15 36.01 -20.44 -55.59
C VAL H 15 35.98 -18.91 -55.60
N GLY H 16 36.02 -18.32 -54.42
CA GLY H 16 36.14 -16.89 -54.24
C GLY H 16 34.87 -16.10 -54.48
N GLU H 17 33.71 -16.67 -54.17
CA GLU H 17 32.42 -16.04 -54.35
C GLU H 17 31.59 -16.25 -53.10
N ARG H 18 30.68 -15.32 -52.82
CA ARG H 18 29.85 -15.42 -51.63
C ARG H 18 28.83 -16.53 -51.84
N VAL H 19 28.54 -17.26 -50.77
CA VAL H 19 27.58 -18.35 -50.79
C VAL H 19 26.75 -18.26 -49.51
N THR H 20 25.49 -18.64 -49.61
CA THR H 20 24.55 -18.53 -48.51
C THR H 20 23.74 -19.82 -48.41
N LEU H 21 23.71 -20.36 -47.19
CA LEU H 21 22.95 -21.55 -46.87
C LEU H 21 21.86 -21.13 -45.91
N SER H 22 20.71 -21.78 -45.99
CA SER H 22 19.57 -21.39 -45.19
C SER H 22 19.04 -22.54 -44.38
N CYS H 23 18.51 -22.21 -43.21
CA CYS H 23 17.91 -23.19 -42.30
C CYS H 23 16.62 -22.57 -41.78
N LYS H 24 15.54 -23.34 -41.85
CA LYS H 24 14.23 -22.86 -41.44
C LYS H 24 13.68 -23.78 -40.36
N ALA H 25 13.17 -23.18 -39.29
CA ALA H 25 12.63 -23.94 -38.18
C ALA H 25 11.11 -23.95 -38.18
N SER H 26 10.55 -25.06 -37.73
CA SER H 26 9.10 -25.20 -37.64
C SER H 26 8.57 -24.41 -36.45
N GLU H 27 9.25 -24.50 -35.32
CA GLU H 27 8.86 -23.84 -34.08
C GLU H 27 9.85 -22.70 -33.83
N TYR H 28 9.69 -22.00 -32.72
CA TYR H 28 10.54 -20.88 -32.36
C TYR H 28 11.84 -21.44 -31.80
N VAL H 29 12.96 -21.00 -32.34
CA VAL H 29 14.28 -21.27 -31.77
C VAL H 29 15.02 -19.93 -31.74
N GLY H 30 15.23 -19.39 -30.53
CA GLY H 30 15.59 -18.00 -30.35
C GLY H 30 16.85 -17.57 -31.06
N THR H 31 17.97 -18.01 -30.54
CA THR H 31 19.27 -17.81 -31.15
C THR H 31 20.10 -19.05 -30.93
N TYR H 32 19.44 -20.20 -30.75
CA TYR H 32 20.12 -21.42 -30.37
C TYR H 32 20.33 -22.34 -31.56
N VAL H 33 20.60 -21.75 -32.72
CA VAL H 33 20.88 -22.51 -33.93
C VAL H 33 22.39 -22.51 -34.10
N SER H 34 22.95 -23.69 -34.35
CA SER H 34 24.37 -23.83 -34.50
C SER H 34 24.67 -24.43 -35.86
N TRP H 35 25.84 -24.09 -36.39
CA TRP H 35 26.25 -24.56 -37.70
C TRP H 35 27.50 -25.40 -37.50
N TYR H 36 27.45 -26.65 -37.94
CA TYR H 36 28.58 -27.55 -37.85
C TYR H 36 29.09 -27.87 -39.25
N GLN H 37 30.38 -28.14 -39.33
CA GLN H 37 30.99 -28.54 -40.60
C GLN H 37 31.58 -29.93 -40.43
N GLN H 38 31.35 -30.78 -41.42
CA GLN H 38 31.81 -32.17 -41.36
C GLN H 38 32.48 -32.50 -42.69
N LYS H 39 33.79 -32.71 -42.65
CA LYS H 39 34.50 -33.21 -43.80
C LYS H 39 34.30 -34.72 -43.89
N PRO H 40 34.53 -35.35 -45.06
CA PRO H 40 34.31 -36.79 -45.17
C PRO H 40 35.21 -37.61 -44.26
N GLU H 41 34.58 -38.57 -43.57
CA GLU H 41 35.24 -39.52 -42.66
C GLU H 41 35.89 -38.79 -41.48
N GLN H 42 35.17 -37.80 -40.95
CA GLN H 42 35.61 -37.02 -39.80
C GLN H 42 34.37 -36.67 -38.98
N SER H 43 34.59 -36.26 -37.76
CA SER H 43 33.55 -35.82 -36.85
C SER H 43 33.21 -34.36 -37.12
N PRO H 44 31.95 -33.94 -36.88
CA PRO H 44 31.55 -32.56 -37.15
C PRO H 44 32.34 -31.57 -36.30
N LYS H 45 32.57 -30.40 -36.86
CA LYS H 45 33.30 -29.33 -36.17
C LYS H 45 32.36 -28.15 -36.00
N LEU H 46 32.28 -27.61 -34.79
CA LEU H 46 31.43 -26.46 -34.55
C LEU H 46 32.01 -25.22 -35.21
N LEU H 47 31.24 -24.63 -36.12
CA LEU H 47 31.62 -23.40 -36.81
C LEU H 47 31.03 -22.17 -36.13
N ILE H 48 29.71 -22.16 -35.97
CA ILE H 48 28.96 -21.01 -35.48
C ILE H 48 28.13 -21.49 -34.30
N TYR H 49 28.47 -21.03 -33.11
CA TYR H 49 27.69 -21.37 -31.93
C TYR H 49 26.72 -20.23 -31.65
N GLY H 50 25.47 -20.57 -31.37
CA GLY H 50 24.44 -19.53 -31.34
C GLY H 50 24.19 -18.90 -32.70
N ALA H 51 23.18 -18.06 -32.78
CA ALA H 51 22.95 -17.35 -34.02
C ALA H 51 23.92 -16.16 -34.02
N SER H 52 24.82 -16.13 -35.00
CA SER H 52 25.82 -15.08 -35.24
C SER H 52 26.82 -14.95 -34.09
N ASN H 53 27.56 -16.02 -33.83
CA ASN H 53 28.74 -15.99 -32.95
C ASN H 53 29.73 -17.03 -33.43
N ARG H 54 30.93 -16.61 -33.80
CA ARG H 54 31.94 -17.51 -34.31
C ARG H 54 32.70 -18.22 -33.19
N TYR H 55 32.99 -19.49 -33.40
CA TYR H 55 33.77 -20.29 -32.47
C TYR H 55 35.26 -19.97 -32.56
N THR H 56 35.98 -20.34 -31.50
CA THR H 56 37.42 -20.09 -31.43
C THR H 56 38.16 -20.95 -32.44
N GLY H 57 38.81 -20.31 -33.39
CA GLY H 57 39.58 -20.98 -34.41
C GLY H 57 38.91 -21.04 -35.76
N VAL H 58 37.83 -20.32 -35.96
CA VAL H 58 37.09 -20.28 -37.22
C VAL H 58 37.50 -19.02 -37.96
N PRO H 59 37.79 -19.10 -39.27
CA PRO H 59 38.14 -17.90 -40.04
C PRO H 59 37.02 -16.87 -40.06
N ASP H 60 37.39 -15.64 -40.46
CA ASP H 60 36.46 -14.53 -40.47
C ASP H 60 35.59 -14.49 -41.72
N ARG H 61 35.58 -15.57 -42.51
CA ARG H 61 34.75 -15.61 -43.70
C ARG H 61 33.39 -16.26 -43.46
N PHE H 62 33.25 -17.05 -42.40
CA PHE H 62 31.95 -17.59 -42.00
C PHE H 62 31.24 -16.56 -41.14
N THR H 63 29.96 -16.33 -41.41
CA THR H 63 29.16 -15.43 -40.58
C THR H 63 27.71 -15.91 -40.65
N GLY H 64 27.04 -15.89 -39.50
CA GLY H 64 25.67 -16.34 -39.39
C GLY H 64 24.72 -15.17 -39.16
N SER H 65 23.47 -15.38 -39.53
CA SER H 65 22.46 -14.35 -39.34
C SER H 65 21.21 -15.03 -38.81
N GLY H 66 20.69 -14.52 -37.69
CA GLY H 66 19.64 -15.20 -36.97
C GLY H 66 18.34 -14.41 -36.93
N SER H 67 17.30 -15.11 -36.53
CA SER H 67 15.95 -14.57 -36.37
C SER H 67 15.20 -15.51 -35.44
N ALA H 68 13.86 -15.39 -35.42
CA ALA H 68 13.07 -16.32 -34.63
C ALA H 68 12.94 -17.67 -35.32
N THR H 69 12.86 -17.69 -36.65
CA THR H 69 12.66 -18.92 -37.40
C THR H 69 13.60 -19.09 -38.58
N ASP H 70 14.11 -17.99 -39.15
CA ASP H 70 14.95 -18.06 -40.34
C ASP H 70 16.39 -17.79 -39.99
N PHE H 71 17.29 -18.65 -40.46
CA PHE H 71 18.70 -18.56 -40.14
C PHE H 71 19.50 -18.80 -41.40
N THR H 72 20.61 -18.09 -41.52
CA THR H 72 21.49 -18.18 -42.68
C THR H 72 22.93 -18.34 -42.23
N LEU H 73 23.71 -19.03 -43.05
CA LEU H 73 25.14 -19.16 -42.86
C LEU H 73 25.75 -18.69 -44.17
N THR H 74 26.58 -17.67 -44.08
CA THR H 74 27.19 -17.07 -45.26
C THR H 74 28.70 -17.20 -45.18
N ILE H 75 29.30 -17.63 -46.28
CA ILE H 75 30.75 -17.69 -46.42
C ILE H 75 31.13 -16.65 -47.46
N GLY H 76 32.24 -15.96 -47.23
CA GLY H 76 32.64 -14.92 -48.15
C GLY H 76 33.58 -15.54 -49.16
N SER H 77 34.87 -15.24 -49.09
CA SER H 77 35.82 -15.87 -49.99
C SER H 77 35.93 -17.35 -49.63
N VAL H 78 35.23 -18.21 -50.38
CA VAL H 78 35.20 -19.64 -50.10
C VAL H 78 36.43 -20.26 -50.74
N GLN H 79 37.20 -20.98 -49.94
CA GLN H 79 38.42 -21.59 -50.43
C GLN H 79 38.13 -22.99 -50.93
N ALA H 80 39.19 -23.76 -51.18
CA ALA H 80 39.09 -25.10 -51.73
C ALA H 80 39.06 -26.17 -50.66
N GLU H 81 39.12 -25.78 -49.39
CA GLU H 81 39.07 -26.71 -48.28
C GLU H 81 37.69 -26.76 -47.63
N ASP H 82 36.72 -26.03 -48.17
CA ASP H 82 35.35 -25.99 -47.68
C ASP H 82 34.47 -27.04 -48.37
N LEU H 83 35.10 -28.08 -48.91
CA LEU H 83 34.42 -29.20 -49.55
C LEU H 83 34.02 -30.16 -48.42
N ALA H 84 32.87 -29.88 -47.81
CA ALA H 84 32.42 -30.61 -46.64
C ALA H 84 30.90 -30.48 -46.53
N ASP H 85 30.36 -31.08 -45.47
CA ASP H 85 28.94 -31.00 -45.19
C ASP H 85 28.71 -29.89 -44.18
N TYR H 86 27.52 -29.29 -44.23
CA TYR H 86 27.19 -28.21 -43.31
C TYR H 86 25.81 -28.53 -42.75
N HIS H 87 25.72 -28.66 -41.44
CA HIS H 87 24.48 -28.99 -40.75
C HIS H 87 24.05 -27.82 -39.90
N CYS H 88 22.75 -27.59 -39.85
CA CYS H 88 22.19 -26.64 -38.91
C CYS H 88 21.45 -27.44 -37.85
N GLY H 89 21.61 -27.03 -36.61
CA GLY H 89 20.94 -27.72 -35.53
C GLY H 89 20.44 -26.75 -34.50
N GLN H 90 19.28 -27.03 -33.94
CA GLN H 90 18.69 -26.16 -32.93
C GLN H 90 18.95 -26.74 -31.55
N SER H 91 19.02 -25.85 -30.57
CA SER H 91 19.25 -26.27 -29.21
C SER H 91 18.27 -25.64 -28.23
N TYR H 92 17.20 -25.02 -28.74
CA TYR H 92 16.18 -24.45 -27.88
C TYR H 92 15.43 -25.51 -27.10
N SER H 93 15.18 -26.65 -27.72
CA SER H 93 14.60 -27.83 -27.11
C SER H 93 15.65 -28.91 -27.22
N TYR H 94 15.24 -30.15 -26.97
CA TYR H 94 16.10 -31.29 -27.24
C TYR H 94 16.61 -31.23 -28.67
N PRO H 95 17.92 -31.36 -28.90
CA PRO H 95 18.52 -30.95 -30.17
C PRO H 95 18.05 -31.78 -31.36
N THR H 96 17.73 -31.09 -32.45
CA THR H 96 17.45 -31.70 -33.73
C THR H 96 18.27 -30.99 -34.79
N PHE H 97 18.79 -31.77 -35.72
CA PHE H 97 19.66 -31.26 -36.77
C PHE H 97 18.89 -31.20 -38.07
N GLY H 98 19.49 -30.54 -39.06
CA GLY H 98 18.93 -30.47 -40.39
C GLY H 98 19.34 -31.67 -41.20
N ALA H 99 18.89 -31.68 -42.46
CA ALA H 99 19.16 -32.81 -43.34
C ALA H 99 20.59 -32.77 -43.85
N GLY H 100 21.18 -31.59 -43.97
CA GLY H 100 22.53 -31.45 -44.45
C GLY H 100 22.59 -30.82 -45.83
N THR H 101 23.72 -30.20 -46.11
CA THR H 101 23.97 -29.57 -47.40
C THR H 101 25.40 -29.89 -47.81
N LYS H 102 25.56 -30.49 -48.99
CA LYS H 102 26.87 -30.86 -49.49
C LYS H 102 27.35 -29.75 -50.40
N LEU H 103 28.35 -29.00 -49.95
CA LEU H 103 28.99 -28.01 -50.79
C LEU H 103 29.99 -28.69 -51.72
N GLU H 104 30.01 -28.22 -52.97
CA GLU H 104 30.83 -28.79 -54.03
C GLU H 104 31.52 -27.66 -54.76
N LEU H 105 32.48 -28.02 -55.62
CA LEU H 105 33.28 -27.05 -56.35
C LEU H 105 33.07 -27.21 -57.84
N LYS H 106 33.18 -26.09 -58.56
CA LYS H 106 32.98 -26.09 -60.00
C LYS H 106 33.71 -24.92 -60.63
N VAL I 2 38.02 -30.67 -23.99
CA VAL I 2 39.25 -30.42 -24.74
C VAL I 2 39.43 -31.47 -25.82
N GLN I 3 39.23 -32.73 -25.45
CA GLN I 3 39.34 -33.85 -26.37
C GLN I 3 38.42 -34.97 -25.88
N LEU I 4 37.77 -35.64 -26.82
CA LEU I 4 36.97 -36.83 -26.53
C LEU I 4 37.48 -37.97 -27.39
N GLN I 5 37.73 -39.11 -26.76
CA GLN I 5 38.27 -40.28 -27.44
C GLN I 5 37.26 -41.40 -27.28
N GLN I 6 36.85 -41.98 -28.40
CA GLN I 6 35.93 -43.10 -28.44
C GLN I 6 36.66 -44.39 -28.73
N SER I 7 35.94 -45.49 -28.64
CA SER I 7 36.50 -46.81 -28.85
C SER I 7 36.45 -47.13 -30.34
N GLY I 8 36.93 -48.31 -30.72
CA GLY I 8 36.96 -48.68 -32.12
C GLY I 8 35.60 -49.16 -32.60
N ALA I 9 35.55 -49.46 -33.89
CA ALA I 9 34.34 -49.92 -34.56
C ALA I 9 33.90 -51.27 -34.06
N GLU I 10 32.60 -51.54 -34.14
CA GLU I 10 32.03 -52.80 -33.69
C GLU I 10 31.37 -53.53 -34.86
N LEU I 11 31.49 -54.85 -34.85
CA LEU I 11 30.92 -55.75 -35.85
C LEU I 11 30.17 -56.77 -35.01
N VAL I 12 28.86 -56.56 -34.86
CA VAL I 12 28.04 -57.37 -33.98
C VAL I 12 26.96 -58.05 -34.82
N LYS I 13 26.25 -59.00 -34.23
CA LYS I 13 25.18 -59.73 -34.89
C LYS I 13 23.83 -59.15 -34.49
N PRO I 14 22.93 -58.98 -35.46
CA PRO I 14 21.60 -58.40 -35.16
C PRO I 14 20.82 -59.24 -34.16
N GLY I 15 20.47 -58.61 -33.06
CA GLY I 15 19.75 -59.26 -31.99
C GLY I 15 20.46 -59.25 -30.65
N ALA I 16 21.70 -58.76 -30.62
CA ALA I 16 22.53 -58.69 -29.43
C ALA I 16 22.51 -57.25 -28.92
N SER I 17 23.36 -56.98 -27.93
CA SER I 17 23.49 -55.65 -27.37
C SER I 17 24.92 -55.17 -27.53
N VAL I 18 25.08 -53.86 -27.71
CA VAL I 18 26.36 -53.21 -27.91
C VAL I 18 26.49 -52.15 -26.83
N LYS I 19 27.71 -51.86 -26.41
CA LYS I 19 27.99 -50.82 -25.42
C LYS I 19 29.15 -50.01 -25.97
N LEU I 20 28.89 -48.73 -26.26
CA LEU I 20 29.92 -47.84 -26.76
C LEU I 20 30.36 -46.93 -25.64
N SER I 21 31.63 -46.51 -25.69
CA SER I 21 32.22 -45.69 -24.65
C SER I 21 32.80 -44.42 -25.25
N CYS I 22 32.83 -43.39 -24.42
CA CYS I 22 33.37 -42.08 -24.77
C CYS I 22 34.12 -41.55 -23.56
N THR I 23 35.43 -41.46 -23.66
CA THR I 23 36.26 -41.04 -22.54
C THR I 23 36.68 -39.61 -22.75
N ALA I 24 36.50 -38.78 -21.72
CA ALA I 24 36.79 -37.36 -21.81
C ALA I 24 38.14 -37.08 -21.16
N SER I 25 38.95 -36.27 -21.83
CA SER I 25 40.26 -35.89 -21.32
C SER I 25 40.39 -34.37 -21.45
N GLY I 26 40.67 -33.71 -20.34
CA GLY I 26 40.83 -32.27 -20.34
C GLY I 26 39.76 -31.51 -19.58
N PHE I 27 38.74 -32.19 -19.07
CA PHE I 27 37.68 -31.52 -18.33
C PHE I 27 36.91 -32.54 -17.51
N ASN I 28 36.15 -32.03 -16.55
CA ASN I 28 35.26 -32.84 -15.72
C ASN I 28 33.88 -32.88 -16.35
N ILE I 29 33.36 -34.10 -16.55
CA ILE I 29 32.06 -34.24 -17.22
C ILE I 29 30.87 -33.82 -16.36
N LYS I 30 31.08 -33.54 -15.08
CA LYS I 30 30.01 -33.03 -14.22
C LYS I 30 29.67 -31.57 -14.47
N ASP I 31 30.35 -30.89 -15.39
CA ASP I 31 30.11 -29.48 -15.59
C ASP I 31 29.23 -29.22 -16.81
N THR I 32 29.14 -30.19 -17.71
CA THR I 32 28.39 -30.04 -18.96
C THR I 32 27.46 -31.24 -19.12
N TYR I 33 26.75 -31.25 -20.23
CA TYR I 33 25.98 -32.40 -20.65
C TYR I 33 26.78 -33.21 -21.65
N MET I 34 26.40 -34.47 -21.82
CA MET I 34 27.04 -35.33 -22.79
C MET I 34 25.98 -35.87 -23.74
N TYR I 35 26.19 -35.69 -25.03
CA TYR I 35 25.25 -36.05 -26.06
C TYR I 35 25.76 -37.19 -26.91
N TRP I 36 24.83 -38.03 -27.36
CA TRP I 36 25.14 -39.09 -28.29
C TRP I 36 24.35 -38.78 -29.56
N VAL I 37 25.03 -38.80 -30.70
CA VAL I 37 24.44 -38.47 -31.99
C VAL I 37 24.77 -39.63 -32.91
N LYS I 38 23.88 -39.94 -33.86
CA LYS I 38 24.15 -40.95 -34.87
C LYS I 38 24.08 -40.32 -36.26
N GLN I 39 24.86 -40.90 -37.18
CA GLN I 39 24.91 -40.40 -38.55
C GLN I 39 25.01 -41.58 -39.48
N ARG I 40 23.98 -41.79 -40.30
CA ARG I 40 23.99 -42.84 -41.30
C ARG I 40 24.86 -42.40 -42.48
N PRO I 41 25.34 -43.36 -43.30
CA PRO I 41 26.12 -42.99 -44.49
C PRO I 41 25.31 -42.12 -45.46
N GLU I 42 25.83 -40.91 -45.69
CA GLU I 42 25.25 -39.90 -46.60
C GLU I 42 23.82 -39.55 -46.18
N GLN I 43 23.72 -38.96 -44.99
CA GLN I 43 22.48 -38.45 -44.42
C GLN I 43 22.83 -37.44 -43.34
N GLY I 44 21.81 -36.98 -42.63
CA GLY I 44 22.03 -35.98 -41.61
C GLY I 44 22.14 -36.59 -40.23
N LEU I 45 22.61 -35.79 -39.30
CA LEU I 45 22.81 -36.24 -37.93
C LEU I 45 21.47 -36.50 -37.25
N GLU I 46 21.48 -37.37 -36.26
CA GLU I 46 20.28 -37.72 -35.51
C GLU I 46 20.66 -37.84 -34.05
N TRP I 47 19.97 -37.10 -33.20
CA TRP I 47 20.23 -37.06 -31.77
C TRP I 47 19.61 -38.25 -31.07
N ILE I 48 20.43 -39.01 -30.34
CA ILE I 48 19.96 -40.19 -29.63
C ILE I 48 19.43 -39.77 -28.28
N GLY I 49 20.29 -39.19 -27.46
CA GLY I 49 19.89 -38.74 -26.15
C GLY I 49 21.05 -38.07 -25.44
N ARG I 50 20.73 -37.53 -24.27
CA ARG I 50 21.73 -36.83 -23.46
C ARG I 50 21.57 -37.25 -22.01
N ILE I 51 22.63 -37.05 -21.24
CA ILE I 51 22.62 -37.39 -19.83
C ILE I 51 23.27 -36.22 -19.08
N ASP I 52 22.75 -35.91 -17.90
CA ASP I 52 23.34 -34.92 -17.02
C ASP I 52 24.18 -35.68 -16.00
N PRO I 53 25.50 -35.76 -16.18
CA PRO I 53 26.34 -36.64 -15.33
C PRO I 53 26.39 -36.23 -13.87
N ALA I 54 26.20 -34.94 -13.56
CA ALA I 54 26.22 -34.49 -12.17
C ALA I 54 24.98 -34.93 -11.41
N ASN I 55 23.92 -35.30 -12.14
CA ASN I 55 22.66 -35.70 -11.53
C ASN I 55 22.32 -37.13 -11.90
N GLY I 56 22.47 -37.51 -13.16
CA GLY I 56 22.03 -38.83 -13.58
C GLY I 56 20.78 -38.75 -14.44
N ASP I 57 20.21 -37.55 -14.56
CA ASP I 57 19.03 -37.34 -15.38
C ASP I 57 19.37 -37.61 -16.84
N THR I 58 18.53 -38.39 -17.50
CA THR I 58 18.74 -38.71 -18.90
C THR I 58 17.46 -38.37 -19.67
N LYS I 59 17.62 -37.94 -20.92
CA LYS I 59 16.52 -37.71 -21.85
C LYS I 59 16.84 -38.42 -23.15
N TYR I 60 15.80 -38.88 -23.84
CA TYR I 60 15.99 -39.64 -25.07
C TYR I 60 15.11 -39.09 -26.18
N ASP I 61 15.50 -39.42 -27.40
CA ASP I 61 14.72 -39.11 -28.58
C ASP I 61 13.50 -40.04 -28.61
N PRO I 62 12.31 -39.53 -28.99
CA PRO I 62 11.13 -40.41 -29.07
C PRO I 62 11.30 -41.65 -29.95
N LYS I 63 12.13 -41.61 -31.00
CA LYS I 63 12.39 -42.80 -31.79
C LYS I 63 13.49 -43.66 -31.17
N PHE I 64 13.96 -43.30 -29.97
CA PHE I 64 14.99 -44.11 -29.31
C PHE I 64 14.64 -44.46 -27.88
N GLN I 65 13.50 -44.03 -27.35
CA GLN I 65 13.11 -44.35 -25.99
C GLN I 65 12.87 -45.84 -25.87
N GLY I 66 13.54 -46.46 -24.90
CA GLY I 66 13.44 -47.89 -24.69
C GLY I 66 14.53 -48.69 -25.37
N LYS I 67 15.07 -48.20 -26.49
CA LYS I 67 16.14 -48.88 -27.22
C LYS I 67 17.50 -48.62 -26.61
N ALA I 68 17.90 -47.36 -26.52
CA ALA I 68 19.21 -46.98 -26.05
C ALA I 68 19.14 -46.55 -24.58
N THR I 69 20.26 -46.71 -23.89
CA THR I 69 20.38 -46.27 -22.51
C THR I 69 21.76 -45.70 -22.30
N ILE I 70 21.81 -44.50 -21.73
CA ILE I 70 23.05 -43.75 -21.55
C ILE I 70 23.40 -43.70 -20.08
N THR I 71 24.61 -44.15 -19.74
CA THR I 71 25.13 -44.10 -18.39
C THR I 71 26.46 -43.38 -18.38
N THR I 72 26.95 -43.07 -17.18
CA THR I 72 28.19 -42.34 -16.98
C THR I 72 29.00 -42.92 -15.82
N ASP I 73 30.32 -42.79 -15.95
CA ASP I 73 31.26 -43.18 -14.91
C ASP I 73 32.09 -41.94 -14.63
N THR I 74 31.91 -41.37 -13.44
CA THR I 74 32.50 -40.08 -13.10
C THR I 74 33.98 -40.21 -12.75
N PHE I 75 34.35 -41.29 -12.06
CA PHE I 75 35.71 -41.48 -11.54
C PHE I 75 36.76 -41.52 -12.65
N SER I 76 36.35 -41.89 -13.86
CA SER I 76 37.26 -41.96 -15.00
C SER I 76 36.84 -41.04 -16.15
N ASN I 77 35.80 -40.22 -15.94
CA ASN I 77 35.25 -39.28 -16.93
C ASN I 77 34.85 -40.01 -18.22
N THR I 78 33.87 -40.89 -18.09
CA THR I 78 33.45 -41.71 -19.21
C THR I 78 31.93 -41.69 -19.31
N ALA I 79 31.43 -41.68 -20.55
CA ALA I 79 30.01 -41.79 -20.85
C ALA I 79 29.79 -43.03 -21.71
N TYR I 80 28.79 -43.82 -21.32
CA TYR I 80 28.51 -45.10 -21.97
C TYR I 80 27.16 -45.04 -22.66
N LEU I 81 27.08 -45.63 -23.84
CA LEU I 81 25.83 -45.75 -24.58
C LEU I 81 25.61 -47.22 -24.89
N GLN I 82 24.50 -47.77 -24.41
CA GLN I 82 24.16 -49.17 -24.61
C GLN I 82 22.90 -49.25 -25.45
N LEU I 83 22.99 -49.97 -26.57
CA LEU I 83 21.83 -50.24 -27.42
C LEU I 83 21.37 -51.66 -27.14
N SER I 84 20.07 -51.83 -26.89
CA SER I 84 19.57 -53.09 -26.33
C SER I 84 19.40 -54.14 -27.40
N SER I 85 18.54 -53.88 -28.38
CA SER I 85 18.26 -54.85 -29.43
C SER I 85 18.26 -54.10 -30.75
N LEU I 86 19.39 -54.14 -31.44
CA LEU I 86 19.58 -53.36 -32.64
C LEU I 86 19.35 -54.25 -33.86
N THR I 87 18.55 -53.75 -34.79
CA THR I 87 18.16 -54.48 -35.98
C THR I 87 19.13 -54.19 -37.13
N SER I 88 18.71 -54.56 -38.34
CA SER I 88 19.55 -54.50 -39.52
C SER I 88 19.47 -53.18 -40.28
N GLU I 89 19.15 -52.08 -39.60
CA GLU I 89 19.09 -50.79 -40.26
C GLU I 89 19.96 -49.74 -39.58
N ASP I 90 20.30 -49.91 -38.31
CA ASP I 90 21.12 -48.96 -37.56
C ASP I 90 22.61 -49.24 -37.72
N THR I 91 23.07 -49.26 -38.98
CA THR I 91 24.48 -49.34 -39.28
C THR I 91 24.94 -47.92 -39.63
N ALA I 92 25.36 -47.21 -38.59
CA ALA I 92 25.71 -45.82 -38.74
C ALA I 92 27.01 -45.49 -38.00
N VAL I 93 27.34 -44.21 -37.91
CA VAL I 93 28.46 -43.72 -37.11
C VAL I 93 27.88 -43.02 -35.89
N TYR I 94 28.41 -43.35 -34.72
CA TYR I 94 27.90 -42.86 -33.45
C TYR I 94 28.90 -41.88 -32.86
N TYR I 95 28.48 -40.63 -32.73
CA TYR I 95 29.31 -39.56 -32.19
C TYR I 95 28.94 -39.25 -30.75
N CYS I 96 29.96 -38.88 -29.97
CA CYS I 96 29.81 -38.44 -28.60
C CYS I 96 30.19 -36.97 -28.53
N ALA I 97 29.28 -36.15 -28.01
CA ALA I 97 29.49 -34.72 -27.98
C ALA I 97 29.22 -34.20 -26.58
N ARG I 98 29.66 -32.97 -26.34
CA ARG I 98 29.44 -32.25 -25.10
C ARG I 98 28.90 -30.86 -25.40
N LYS I 99 28.13 -30.32 -24.47
CA LYS I 99 27.54 -29.02 -24.74
C LYS I 99 28.61 -27.92 -24.64
N GLY I 100 28.37 -26.85 -25.38
CA GLY I 100 29.37 -25.79 -25.48
C GLY I 100 28.90 -24.49 -24.91
N LEU I 101 29.10 -23.40 -25.64
CA LEU I 101 28.82 -22.09 -25.08
C LEU I 101 27.33 -21.77 -25.14
N ARG I 102 26.79 -21.63 -26.35
CA ARG I 102 25.37 -21.32 -26.51
C ARG I 102 24.59 -22.60 -26.81
N TRP I 103 24.73 -23.57 -25.90
CA TRP I 103 24.10 -24.90 -25.98
C TRP I 103 24.40 -25.64 -27.28
N ALA I 104 25.55 -25.35 -27.88
CA ALA I 104 26.02 -26.04 -29.07
C ALA I 104 26.95 -27.17 -28.67
N MET I 105 27.22 -28.08 -29.61
CA MET I 105 28.11 -29.20 -29.36
C MET I 105 29.50 -28.81 -29.89
N ASP I 106 30.32 -28.24 -29.02
CA ASP I 106 31.59 -27.67 -29.48
C ASP I 106 32.66 -28.72 -29.67
N TYR I 107 32.66 -29.77 -28.86
CA TYR I 107 33.66 -30.82 -28.98
C TYR I 107 32.93 -32.12 -29.27
N TRP I 108 33.38 -32.81 -30.30
CA TRP I 108 32.85 -34.09 -30.72
C TRP I 108 33.90 -35.16 -30.58
N GLY I 109 33.46 -36.41 -30.59
CA GLY I 109 34.37 -37.53 -30.49
C GLY I 109 35.04 -37.82 -31.81
N GLN I 110 35.22 -39.09 -32.12
CA GLN I 110 35.83 -39.51 -33.37
C GLN I 110 34.94 -40.45 -34.16
N GLY I 111 33.80 -40.86 -33.62
CA GLY I 111 32.89 -41.70 -34.35
C GLY I 111 33.17 -43.16 -34.08
N THR I 112 32.11 -43.92 -33.89
CA THR I 112 32.20 -45.37 -33.70
C THR I 112 31.19 -45.98 -34.65
N SER I 113 31.68 -46.70 -35.64
CA SER I 113 30.83 -47.26 -36.69
C SER I 113 30.49 -48.69 -36.31
N VAL I 114 29.27 -48.88 -35.82
CA VAL I 114 28.80 -50.23 -35.53
C VAL I 114 28.32 -50.83 -36.84
N THR I 115 28.40 -52.15 -36.96
CA THR I 115 28.02 -52.84 -38.18
C THR I 115 27.31 -54.12 -37.77
N VAL I 116 26.11 -54.31 -38.32
CA VAL I 116 25.31 -55.49 -38.07
C VAL I 116 25.22 -56.29 -39.38
N SER I 117 25.56 -57.58 -39.28
CA SER I 117 25.57 -58.50 -40.40
C SER I 117 25.63 -59.92 -39.84
N THR I 118 25.43 -60.90 -40.71
CA THR I 118 25.49 -62.29 -40.31
C THR I 118 26.66 -62.99 -40.98
C1 NAG J . 0.59 31.06 13.25
C2 NAG J . 0.86 32.57 13.38
C3 NAG J . 1.90 32.86 14.47
C4 NAG J . 1.52 32.17 15.78
C5 NAG J . 1.28 30.68 15.54
C6 NAG J . 0.79 29.96 16.77
C7 NAG J . 2.27 32.94 11.34
C8 NAG J . 2.38 33.76 10.10
N2 NAG J . 1.21 33.20 12.12
O3 NAG J . 1.98 34.26 14.68
O4 NAG J . 2.54 32.34 16.74
O5 NAG J . 0.27 30.50 14.54
O6 NAG J . -0.22 30.69 17.44
O7 NAG J . 3.11 32.09 11.63
C1 NAG J . 2.32 33.20 17.80
C2 NAG J . 2.92 32.82 19.17
C3 NAG J . 2.96 34.03 20.12
C4 NAG J . 3.60 35.24 19.44
C5 NAG J . 2.87 35.54 18.15
C6 NAG J . 3.46 36.70 17.39
C7 NAG J . 2.67 30.48 19.88
C8 NAG J . 1.78 29.48 20.53
N2 NAG J . 2.19 31.73 19.79
O3 NAG J . 3.70 33.70 21.30
O4 NAG J . 3.52 36.37 20.31
O5 NAG J . 2.95 34.40 17.28
O6 NAG J . 4.78 36.42 16.94
O7 NAG J . 3.78 30.19 19.45
C1 BMA J . 4.11 37.36 21.05
C2 BMA J . 3.95 38.88 21.23
C3 BMA J . 5.22 39.50 21.81
C4 BMA J . 5.66 38.76 23.08
C5 BMA J . 5.80 37.23 22.77
C6 BMA J . 6.20 36.44 23.99
O2 BMA J . 2.91 39.18 22.15
O3 BMA J . 5.04 40.87 22.13
O4 BMA J . 6.90 39.26 23.54
O5 BMA J . 4.56 36.72 22.25
O6 BMA J . 7.41 36.96 24.50
C1 NAG K . 16.04 4.37 10.81
C2 NAG K . 17.24 4.88 10.04
C3 NAG K . 17.27 4.21 8.67
C4 NAG K . 17.01 2.71 8.78
C5 NAG K . 15.80 2.38 9.65
C6 NAG K . 15.62 0.87 9.79
C7 NAG K . 17.78 7.17 10.66
C8 NAG K . 17.72 8.61 10.24
N2 NAG K . 17.12 6.32 9.87
O3 NAG K . 18.55 4.42 8.07
O4 NAG K . 16.81 2.15 7.48
O5 NAG K . 16.04 2.95 10.94
O6 NAG K . 16.54 0.36 10.75
O7 NAG K . 18.38 6.81 11.66
C1 NAG K . 17.97 1.36 7.23
C2 NAG K . 17.68 0.18 6.32
C3 NAG K . 18.91 -0.69 6.24
C4 NAG K . 20.15 0.15 5.91
C5 NAG K . 20.25 1.37 6.81
C6 NAG K . 21.43 2.26 6.42
C7 NAG K . 15.34 -0.51 6.34
C8 NAG K . 14.44 -1.67 6.63
N2 NAG K . 16.56 -0.59 6.84
O3 NAG K . 18.72 -1.68 5.22
O4 NAG K . 21.31 -0.66 6.12
O5 NAG K . 19.04 2.11 6.70
O6 NAG K . 21.06 3.11 5.32
O7 NAG K . 14.97 0.46 5.68
C1 BMA K . 22.03 -0.72 4.88
C2 BMA K . 23.24 -1.61 5.08
C3 BMA K . 23.98 -1.87 3.79
C4 BMA K . 23.01 -2.27 2.69
C5 BMA K . 21.89 -1.24 2.58
C6 BMA K . 20.91 -1.65 1.49
O2 BMA K . 22.80 -2.86 5.64
O3 BMA K . 24.91 -2.92 3.98
O4 BMA K . 23.71 -2.34 1.45
O5 BMA K . 21.21 -1.21 3.84
O6 BMA K . 19.69 -0.91 1.64
C1 MAN K . 26.24 -2.35 4.08
C2 MAN K . 27.28 -3.35 4.56
C3 MAN K . 27.40 -3.37 6.07
C4 MAN K . 27.57 -1.95 6.60
C5 MAN K . 26.45 -1.06 6.09
C6 MAN K . 26.60 0.36 6.60
O2 MAN K . 28.54 -3.02 3.97
O3 MAN K . 28.52 -4.16 6.45
O4 MAN K . 27.54 -1.97 8.03
O5 MAN K . 26.45 -1.06 4.65
O6 MAN K . 27.86 0.89 6.18
C1 MAN K . 29.13 -4.12 3.25
C2 MAN K . 30.62 -3.82 3.19
C3 MAN K . 30.84 -2.54 2.38
C4 MAN K . 30.10 -2.62 1.04
C5 MAN K . 28.65 -3.01 1.24
C6 MAN K . 27.91 -3.16 -0.07
O2 MAN K . 31.32 -4.88 2.55
O3 MAN K . 32.24 -2.39 2.14
O4 MAN K . 30.15 -1.34 0.41
O5 MAN K . 28.61 -4.26 1.95
O6 MAN K . 27.69 -1.86 -0.66
C1 MAN K . 31.54 -6.04 3.42
C2 MAN K . 32.63 -6.91 2.83
C3 MAN K . 32.04 -7.86 1.80
C4 MAN K . 30.86 -8.62 2.39
C5 MAN K . 29.87 -7.67 3.06
C6 MAN K . 28.74 -8.43 3.73
O2 MAN K . 33.24 -7.68 3.88
O3 MAN K . 33.04 -8.79 1.38
O4 MAN K . 30.18 -9.34 1.35
O5 MAN K . 30.57 -6.89 4.04
O6 MAN K . 27.87 -7.50 4.39
C1 MAN K . 18.75 -1.46 0.70
C2 MAN K . 17.49 -0.60 0.65
C3 MAN K . 16.65 -0.73 1.91
C4 MAN K . 16.47 -2.19 2.26
C5 MAN K . 17.85 -2.83 2.34
C6 MAN K . 17.84 -4.26 2.85
O2 MAN K . 16.68 -1.00 -0.46
O3 MAN K . 15.39 -0.10 1.67
O4 MAN K . 15.79 -2.32 3.52
O5 MAN K . 18.41 -2.80 1.04
O6 MAN K . 19.20 -4.65 3.04
C1 MAN K . 19.47 -6.02 2.76
C2 MAN K . 20.50 -6.49 3.78
C3 MAN K . 21.75 -5.65 3.60
C4 MAN K . 22.25 -5.85 2.18
C5 MAN K . 21.16 -5.47 1.18
C6 MAN K . 21.62 -5.72 -0.24
O2 MAN K . 20.89 -7.83 3.53
O3 MAN K . 22.76 -6.09 4.53
O4 MAN K . 23.42 -5.06 1.95
O5 MAN K . 19.97 -6.23 1.44
O6 MAN K . 21.41 -7.09 -0.60
C1 MAN K . 19.98 -8.82 4.10
C2 MAN K . 20.58 -10.22 4.00
C3 MAN K . 20.20 -10.87 2.67
C4 MAN K . 18.70 -10.76 2.42
C5 MAN K . 18.24 -9.32 2.58
C6 MAN K . 16.74 -9.19 2.34
O2 MAN K . 20.11 -11.02 5.08
O3 MAN K . 20.59 -12.25 2.68
O4 MAN K . 18.40 -11.21 1.10
O5 MAN K . 18.57 -8.88 3.90
O6 MAN K . 16.36 -7.81 2.43
C1 MAN K . 15.27 1.05 2.52
C2 MAN K . 13.97 1.80 2.21
C3 MAN K . 14.10 2.69 0.97
C4 MAN K . 15.36 3.54 1.06
C5 MAN K . 16.55 2.61 1.26
C6 MAN K . 17.86 3.39 1.24
O2 MAN K . 13.60 2.60 3.34
O3 MAN K . 12.96 3.55 0.88
O4 MAN K . 15.53 4.30 -0.13
O5 MAN K . 16.40 1.92 2.50
O6 MAN K . 18.11 3.82 -0.10
C1 NAG L . -9.60 -26.00 1.27
C2 NAG L . -10.31 -27.23 1.84
C3 NAG L . -9.31 -28.31 2.25
C4 NAG L . -8.34 -28.61 1.11
C5 NAG L . -7.70 -27.34 0.60
C6 NAG L . -6.82 -27.53 -0.62
C7 NAG L . -10.93 -26.32 4.10
C8 NAG L . -12.09 -26.10 5.02
N2 NAG L . -11.23 -26.90 2.92
O3 NAG L . -10.03 -29.50 2.57
O4 NAG L . -7.34 -29.49 1.57
O5 NAG L . -8.71 -26.40 0.21
O6 NAG L . -7.47 -27.10 -1.80
O7 NAG L . -9.79 -26.02 4.42
C1 NAG L . -7.32 -30.76 1.04
C2 NAG L . -6.02 -31.58 0.73
C3 NAG L . -6.34 -33.04 0.36
C4 NAG L . -7.27 -33.66 1.39
C5 NAG L . -8.52 -32.80 1.57
C6 NAG L . -9.46 -33.32 2.62
C7 NAG L . -5.04 -30.55 -1.45
C8 NAG L . -6.28 -30.78 -2.31
N2 NAG L . -5.03 -30.95 -0.15
O3 NAG L . -5.13 -33.78 0.28
O4 NAG L . -7.66 -34.96 0.97
O5 NAG L . -8.13 -31.48 1.98
O6 NAG L . -9.13 -32.83 3.91
O7 NAG L . -4.05 -30.02 -1.93
C1 BMA L . -7.14 -36.03 1.65
C2 BMA L . -8.04 -36.95 2.49
C3 BMA L . -7.19 -37.90 3.34
C4 BMA L . -6.16 -38.63 2.47
C5 BMA L . -5.31 -37.60 1.68
C6 BMA L . -4.29 -38.27 0.77
O2 BMA L . -8.85 -37.76 1.65
O3 BMA L . -7.99 -38.85 4.00
O4 BMA L . -5.31 -39.41 3.28
O5 BMA L . -6.19 -36.76 0.88
O6 BMA L . -3.48 -39.11 1.57
C1 NAG M . 26.91 18.45 -22.95
C2 NAG M . 26.50 19.26 -24.18
C3 NAG M . 27.61 19.19 -25.21
C4 NAG M . 28.91 19.69 -24.60
C5 NAG M . 29.22 18.86 -23.36
C6 NAG M . 30.47 19.36 -22.65
C7 NAG M . 24.10 19.29 -24.57
C8 NAG M . 24.10 20.78 -24.44
N2 NAG M . 25.28 18.71 -24.74
O3 NAG M . 27.21 19.98 -26.34
O4 NAG M . 29.99 19.52 -25.53
O5 NAG M . 28.14 18.93 -22.43
O6 NAG M . 30.16 20.56 -21.94
O7 NAG M . 23.07 18.64 -24.54
C1 NAG M . 30.33 20.76 -26.18
C2 NAG M . 31.83 20.84 -26.40
C3 NAG M . 32.17 22.14 -27.11
C4 NAG M . 31.40 22.21 -28.41
C5 NAG M . 29.90 22.07 -28.13
C6 NAG M . 29.10 22.10 -29.43
C7 NAG M . 33.12 19.63 -24.76
C8 NAG M . 34.36 19.79 -23.92
N2 NAG M . 32.54 20.76 -25.14
O3 NAG M . 33.57 22.22 -27.37
O4 NAG M . 31.66 23.45 -29.08
O5 NAG M . 29.65 20.85 -27.44
O6 NAG M . 27.71 22.25 -29.12
O7 NAG M . 32.68 18.54 -25.07
C1 NAG N . 35.40 27.82 7.28
C2 NAG N . 36.08 28.79 6.30
C3 NAG N . 35.93 30.23 6.78
C4 NAG N . 34.47 30.56 7.06
C5 NAG N . 33.87 29.54 8.02
C6 NAG N . 32.39 29.73 8.24
C7 NAG N . 38.03 28.18 4.94
C8 NAG N . 39.49 27.86 4.95
N2 NAG N . 37.48 28.45 6.13
O3 NAG N . 36.45 31.11 5.80
O4 NAG N . 34.37 31.85 7.64
O5 NAG N . 34.03 28.22 7.46
O6 NAG N . 31.65 29.56 7.03
O7 NAG N . 37.38 28.21 3.90
N ABU O . 9.96 15.89 23.31
CD ABU O . 10.67 15.17 24.37
CB ABU O . 9.61 14.65 25.33
CG ABU O . 10.20 13.55 26.20
C ABU O . 9.08 12.93 26.99
O ABU O . 7.97 13.40 26.97
OXT ABU O . 9.33 11.90 27.80
C01 UQA P . -32.09 1.52 -2.12
C02 UQA P . -33.35 1.24 -1.34
C03 UQA P . -33.18 0.59 0.03
C04 UQA P . -32.60 1.64 0.93
C07 UQA P . -30.50 0.37 1.32
C10 UQA P . -32.26 -0.57 -0.15
C12 UQA P . -34.54 0.13 0.62
C13 UQA P . -35.76 0.61 0.08
C14 UQA P . -36.99 0.21 0.57
C15 UQA P . -37.08 -0.67 1.65
C16 UQA P . -35.90 -1.16 2.20
C17 UQA P . -34.66 -0.76 1.69
N06 UQA P . -31.34 1.48 1.52
N09 UQA P . -31.01 -0.62 0.48
O05 UQA P . -33.21 2.66 1.19
O08 UQA P . -29.41 0.27 1.85
O11 UQA P . -32.55 -1.50 -0.86
C1 NAG Q . 9.52 -24.94 31.23
C2 NAG Q . 8.97 -25.13 32.65
C3 NAG Q . 8.26 -26.49 32.77
C4 NAG Q . 7.21 -26.63 31.68
C5 NAG Q . 7.84 -26.40 30.30
C6 NAG Q . 6.83 -26.43 29.18
C7 NAG Q . 9.89 -24.47 34.83
C8 NAG Q . 11.10 -24.47 35.72
N2 NAG Q . 10.04 -25.05 33.63
O3 NAG Q . 7.66 -26.60 34.05
O4 NAG Q . 6.66 -27.95 31.72
O5 NAG Q . 8.44 -25.10 30.28
O6 NAG Q . 6.19 -25.17 29.03
O7 NAG Q . 8.82 -23.98 35.18
N ABU R . 10.81 -23.73 -1.12
CD ABU R . 12.21 -23.96 -1.48
CB ABU R . 12.27 -24.08 -3.00
CG ABU R . 13.72 -24.15 -3.45
C ABU R . 13.75 -24.09 -4.95
O ABU R . 12.77 -24.33 -5.59
OXT ABU R . 14.89 -23.79 -5.58
C1 NAG S . 16.50 -9.53 6.57
C2 NAG S . 16.94 -8.17 7.10
C3 NAG S . 18.36 -8.25 7.64
C4 NAG S . 18.46 -9.35 8.69
C5 NAG S . 17.94 -10.68 8.13
C6 NAG S . 17.87 -11.77 9.15
C7 NAG S . 15.77 -6.35 5.94
C8 NAG S . 15.85 -5.35 4.83
N2 NAG S . 16.84 -7.14 6.07
O3 NAG S . 18.73 -7.00 8.22
O4 NAG S . 19.81 -9.51 9.11
O5 NAG S . 16.60 -10.50 7.62
O6 NAG S . 16.54 -11.94 9.63
O7 NAG S . 14.79 -6.45 6.66
C01 UQA T . -19.07 24.29 -16.11
C02 UQA T . -19.01 25.68 -16.73
C03 UQA T . -17.61 26.25 -17.01
C04 UQA T . -16.98 25.35 -18.04
C07 UQA T . -15.12 24.71 -16.54
C10 UQA T . -16.88 26.27 -15.73
C12 UQA T . -17.67 27.69 -17.55
C13 UQA T . -18.79 28.16 -18.24
C14 UQA T . -18.85 29.46 -18.74
C15 UQA T . -17.81 30.35 -18.55
C16 UQA T . -16.68 29.91 -17.88
C17 UQA T . -16.61 28.61 -17.38
N06 UQA T . -15.80 24.65 -17.76
N09 UQA T . -15.69 25.52 -15.55
O05 UQA T . -17.47 25.21 -19.14
O08 UQA T . -14.09 24.08 -16.35
O11 UQA T . -17.27 26.94 -14.79
#